data_8VT2
#
_entry.id   8VT2
#
_cell.length_a   1.00
_cell.length_b   1.00
_cell.length_c   1.00
_cell.angle_alpha   90.00
_cell.angle_beta   90.00
_cell.angle_gamma   90.00
#
_symmetry.space_group_name_H-M   'P 1'
#
loop_
_entity.id
_entity.type
_entity.pdbx_description
1 polymer 'Prefusion of HMPV (MPV-2c)'
2 branched beta-D-mannopyranose-(1-4)-2-acetamido-2-deoxy-beta-D-glucopyranose-(1-4)-2-acetamido-2-deoxy-beta-D-glucopyranose
3 branched 2-acetamido-2-deoxy-beta-D-glucopyranose-(1-4)-2-acetamido-2-deoxy-beta-D-glucopyranose
4 non-polymer 2-acetamido-2-deoxy-beta-D-glucopyranose
#
_entity_poly.entity_id   1
_entity_poly.type   'polypeptide(L)'
_entity_poly.pdbx_seq_one_letter_code
;MSWKVVIIFSLLITPQHGLKESYLEESCSTITEGYLSVLRTGWYTNVFTLEVGDVENLTCSDGPSLIKTELDLTKSALRE
LKTVSADQLRRRRELPRFMNYTLNNAKKTNVTLSKKRKRRFVLGAIALGRATAAAVTAGVAIAKTIRLESEVTAIKNALK
TTNEAVSTLGNGVRVLATAVRELKDFVSKNLTRAINKNKCDIDDLKMAVSFSQFNRRFLNVVRQFSENAGITPAISLDLM
TDAELARAISNMPTSAGQIKLMLENRAMVRRKGFGILIGVYGSSVIYMVQLPIFGVIDTPCWIVKAAPSCSEKKGNYACL
LREDQGWYCQNAGSTVYYPNEKDCETRGDHVFCDTAAGINVAEQSKECNINISTTNYPCKVSTGRNPISMVALSPLGALV
ACYKGVSCSIGSNRVGIIKQLNKGCSYITNQDADTVTIDNTVYQLSKVEGEQHVIKGRPVSSSFDPIKFPPDQFNVALDQ
VFENIENSQAWVRKFDEILSSIEKGNTGGSEPEA
;
_entity_poly.pdbx_strand_id   A,B,C
#
loop_
_chem_comp.id
_chem_comp.type
_chem_comp.name
_chem_comp.formula
BMA D-saccharide, beta linking beta-D-mannopyranose 'C6 H12 O6'
NAG D-saccharide, beta linking 2-acetamido-2-deoxy-beta-D-glucopyranose 'C8 H15 N O6'
#
# COMPACT_ATOMS: atom_id res chain seq x y z
N LEU A 19 -5.47 -30.72 -3.35
CA LEU A 19 -5.27 -29.93 -4.55
C LEU A 19 -4.68 -30.82 -5.60
N LYS A 20 -4.46 -30.28 -6.80
CA LYS A 20 -3.86 -31.06 -7.86
C LYS A 20 -3.21 -30.10 -8.83
N GLU A 21 -1.94 -30.30 -9.15
CA GLU A 21 -1.21 -29.33 -9.95
C GLU A 21 -0.60 -29.94 -11.19
N SER A 22 -0.87 -29.34 -12.34
CA SER A 22 -0.32 -29.78 -13.60
C SER A 22 0.78 -28.83 -14.04
N TYR A 23 1.88 -29.38 -14.54
CA TYR A 23 2.94 -28.63 -15.17
C TYR A 23 2.76 -28.75 -16.67
N LEU A 24 2.38 -27.66 -17.32
CA LEU A 24 2.12 -27.61 -18.74
C LEU A 24 3.43 -27.31 -19.44
N GLU A 25 3.93 -28.26 -20.19
CA GLU A 25 5.28 -28.17 -20.74
C GLU A 25 5.35 -27.31 -21.98
N GLU A 26 4.29 -27.29 -22.78
CA GLU A 26 4.31 -26.51 -24.01
C GLU A 26 4.30 -25.01 -23.71
N SER A 27 3.43 -24.55 -22.84
CA SER A 27 3.42 -23.14 -22.52
C SER A 27 4.34 -22.81 -21.37
N CYS A 28 4.92 -23.83 -20.75
CA CYS A 28 5.92 -23.67 -19.69
C CYS A 28 5.32 -22.98 -18.47
N SER A 29 4.18 -23.49 -18.03
CA SER A 29 3.47 -22.84 -16.93
C SER A 29 2.85 -23.92 -16.06
N THR A 30 2.06 -23.52 -15.08
CA THR A 30 1.50 -24.50 -14.17
C THR A 30 0.13 -24.05 -13.74
N ILE A 31 -0.78 -25.01 -13.60
CA ILE A 31 -2.16 -24.74 -13.25
C ILE A 31 -2.56 -25.62 -12.07
N THR A 32 -3.06 -25.00 -11.00
CA THR A 32 -3.39 -25.71 -9.78
C THR A 32 -4.87 -25.60 -9.49
N GLU A 33 -5.52 -26.74 -9.31
CA GLU A 33 -6.97 -26.85 -9.17
C GLU A 33 -7.29 -27.55 -7.87
N GLY A 34 -8.56 -27.49 -7.48
CA GLY A 34 -9.02 -28.10 -6.26
C GLY A 34 -9.37 -27.14 -5.15
N TYR A 35 -9.41 -25.85 -5.43
CA TYR A 35 -9.78 -24.86 -4.43
C TYR A 35 -11.29 -24.76 -4.34
N LEU A 36 -11.75 -23.99 -3.36
CA LEU A 36 -13.16 -23.71 -3.23
C LEU A 36 -13.28 -22.25 -2.85
N SER A 37 -14.21 -21.53 -3.46
CA SER A 37 -14.28 -20.09 -3.32
C SER A 37 -15.16 -19.68 -2.16
N VAL A 38 -14.92 -18.48 -1.66
CA VAL A 38 -15.80 -17.81 -0.70
C VAL A 38 -15.95 -16.38 -1.20
N LEU A 39 -16.96 -16.14 -2.03
CA LEU A 39 -17.06 -14.90 -2.79
C LEU A 39 -17.90 -13.88 -2.04
N ARG A 40 -17.45 -12.63 -2.03
CA ARG A 40 -18.22 -11.54 -1.44
C ARG A 40 -19.29 -11.10 -2.43
N THR A 41 -20.52 -10.89 -1.94
CA THR A 41 -21.59 -10.45 -2.83
C THR A 41 -22.46 -9.35 -2.24
N GLY A 42 -21.93 -8.46 -1.41
CA GLY A 42 -22.74 -7.38 -0.87
C GLY A 42 -22.21 -6.94 0.47
N TRP A 43 -22.84 -5.92 1.02
CA TRP A 43 -22.44 -5.30 2.28
C TRP A 43 -23.60 -5.27 3.25
N TYR A 44 -23.28 -5.38 4.53
CA TYR A 44 -24.24 -5.28 5.61
C TYR A 44 -23.81 -4.17 6.55
N THR A 45 -24.77 -3.36 7.01
CA THR A 45 -24.48 -2.13 7.72
C THR A 45 -24.98 -2.16 9.15
N ASN A 46 -24.08 -1.91 10.08
CA ASN A 46 -24.38 -1.80 11.50
C ASN A 46 -24.23 -0.34 11.88
N VAL A 47 -25.18 0.20 12.64
CA VAL A 47 -25.16 1.61 13.02
C VAL A 47 -25.00 1.69 14.53
N PHE A 48 -23.87 2.20 15.00
CA PHE A 48 -23.53 2.23 16.41
C PHE A 48 -23.79 3.60 16.99
N THR A 49 -24.42 3.63 18.15
CA THR A 49 -24.71 4.87 18.89
C THR A 49 -23.96 4.82 20.21
N LEU A 50 -22.83 5.50 20.33
CA LEU A 50 -22.03 5.46 21.54
C LEU A 50 -22.38 6.64 22.42
N GLU A 51 -22.82 6.38 23.64
CA GLU A 51 -23.35 7.44 24.50
C GLU A 51 -22.35 7.81 25.59
N VAL A 52 -22.21 9.12 25.82
CA VAL A 52 -21.20 9.65 26.70
C VAL A 52 -21.78 10.28 27.96
N GLY A 53 -22.95 10.89 27.85
CA GLY A 53 -23.60 11.46 29.02
C GLY A 53 -23.46 12.96 29.10
N ASP A 54 -23.64 13.47 30.31
CA ASP A 54 -23.56 14.91 30.53
C ASP A 54 -22.19 15.31 31.08
N VAL A 55 -21.13 14.98 30.35
CA VAL A 55 -19.81 15.45 30.77
C VAL A 55 -19.70 16.96 30.56
N GLU A 56 -20.23 17.47 29.45
CA GLU A 56 -20.12 18.91 29.21
C GLU A 56 -20.95 19.73 30.18
N ASN A 57 -21.46 19.12 31.23
CA ASN A 57 -22.27 19.79 32.25
C ASN A 57 -21.61 19.71 33.62
N LEU A 58 -20.47 19.02 33.74
CA LEU A 58 -19.75 18.81 34.99
C LEU A 58 -18.49 19.67 35.03
N THR A 59 -18.26 20.33 36.16
CA THR A 59 -17.10 21.19 36.34
C THR A 59 -16.32 20.71 37.57
N CYS A 60 -15.13 21.28 37.74
CA CYS A 60 -14.25 20.93 38.84
C CYS A 60 -13.52 22.19 39.29
N SER A 61 -13.28 22.30 40.59
CA SER A 61 -12.66 23.53 41.09
C SER A 61 -11.61 23.31 42.17
N ASP A 62 -11.08 22.09 42.34
CA ASP A 62 -10.08 21.86 43.36
C ASP A 62 -8.66 22.01 42.88
N GLY A 63 -8.43 22.08 41.58
CA GLY A 63 -7.10 22.01 41.05
C GLY A 63 -6.81 20.61 40.56
N PRO A 64 -5.54 20.22 40.58
CA PRO A 64 -5.16 18.95 39.94
C PRO A 64 -5.62 17.75 40.75
N SER A 65 -6.11 16.74 40.04
CA SER A 65 -6.53 15.47 40.61
C SER A 65 -6.65 14.48 39.46
N LEU A 66 -7.19 13.29 39.74
CA LEU A 66 -7.31 12.24 38.75
C LEU A 66 -8.62 12.34 37.98
N ILE A 67 -9.72 12.57 38.71
CA ILE A 67 -11.02 12.71 38.06
C ILE A 67 -11.03 13.90 37.13
N LYS A 68 -10.40 15.00 37.55
CA LYS A 68 -10.35 16.20 36.70
C LYS A 68 -9.60 15.95 35.40
N THR A 69 -8.48 15.23 35.48
CA THR A 69 -7.72 14.90 34.28
C THR A 69 -8.53 14.04 33.32
N GLU A 70 -9.17 12.98 33.85
CA GLU A 70 -9.95 12.11 32.99
C GLU A 70 -11.14 12.84 32.39
N LEU A 71 -11.79 13.69 33.17
CA LEU A 71 -12.99 14.38 32.71
C LEU A 71 -12.65 15.44 31.67
N ASP A 72 -11.51 16.10 31.83
CA ASP A 72 -11.05 17.04 30.81
C ASP A 72 -10.70 16.31 29.52
N LEU A 73 -10.12 15.11 29.63
CA LEU A 73 -9.89 14.31 28.43
C LEU A 73 -11.19 13.98 27.71
N THR A 74 -12.23 13.59 28.45
CA THR A 74 -13.50 13.25 27.81
C THR A 74 -14.14 14.47 27.14
N LYS A 75 -14.20 15.60 27.85
CA LYS A 75 -14.77 16.80 27.24
C LYS A 75 -14.00 17.23 26.00
N SER A 76 -12.66 17.17 26.05
CA SER A 76 -11.89 17.56 24.89
C SER A 76 -12.09 16.60 23.73
N ALA A 77 -12.32 15.32 24.02
CA ALA A 77 -12.60 14.38 22.95
C ALA A 77 -13.89 14.74 22.22
N LEU A 78 -14.95 15.07 22.97
CA LEU A 78 -16.17 15.52 22.28
C LEU A 78 -15.94 16.79 21.48
N ARG A 79 -15.23 17.77 22.04
CA ARG A 79 -15.03 19.01 21.29
C ARG A 79 -14.22 18.76 20.03
N GLU A 80 -13.25 17.85 20.09
CA GLU A 80 -12.38 17.57 18.96
C GLU A 80 -13.11 16.84 17.85
N LEU A 81 -14.04 15.95 18.19
CA LEU A 81 -14.66 15.12 17.16
C LEU A 81 -15.65 15.88 16.27
N LYS A 82 -15.98 17.12 16.57
CA LYS A 82 -16.98 17.84 15.81
C LYS A 82 -16.39 18.62 14.64
N THR A 83 -15.11 18.47 14.33
CA THR A 83 -14.53 19.06 13.13
C THR A 83 -14.12 18.01 12.11
N VAL A 84 -14.56 16.77 12.28
CA VAL A 84 -14.16 15.66 11.44
C VAL A 84 -15.35 15.27 10.58
N SER A 85 -15.16 15.27 9.26
CA SER A 85 -16.23 15.00 8.32
C SER A 85 -15.77 13.95 7.33
N ALA A 86 -16.65 13.00 7.03
CA ALA A 86 -16.33 11.94 6.08
C ALA A 86 -16.68 12.31 4.65
N ASP A 87 -17.77 13.03 4.42
CA ASP A 87 -18.03 13.60 3.12
C ASP A 87 -18.67 14.99 3.27
N GLN A 88 -17.84 16.00 3.47
CA GLN A 88 -18.22 17.41 3.42
C GLN A 88 -17.04 18.28 3.77
N LEU A 89 -17.02 19.52 3.31
CA LEU A 89 -15.99 20.47 3.71
C LEU A 89 -16.63 21.54 4.57
N ARG A 90 -16.13 21.68 5.80
CA ARG A 90 -16.77 22.57 6.75
C ARG A 90 -16.48 24.03 6.40
N ARG A 91 -17.52 24.84 6.34
CA ARG A 91 -17.38 26.29 6.25
C ARG A 91 -18.01 26.94 7.47
N ARG A 92 -17.91 26.27 8.61
CA ARG A 92 -18.58 26.70 9.83
C ARG A 92 -17.79 27.80 10.53
N PHE A 121 -5.49 -4.09 -24.87
CA PHE A 121 -6.21 -4.34 -23.63
C PHE A 121 -5.39 -5.18 -22.67
N VAL A 122 -4.77 -4.50 -21.71
CA VAL A 122 -4.00 -5.13 -20.67
C VAL A 122 -4.94 -5.28 -19.47
N LEU A 123 -5.50 -6.49 -19.29
CA LEU A 123 -6.55 -6.66 -18.30
C LEU A 123 -6.06 -6.45 -16.88
N GLY A 124 -4.77 -6.41 -16.64
CA GLY A 124 -4.33 -6.13 -15.31
C GLY A 124 -4.37 -4.68 -14.94
N ALA A 125 -4.55 -3.80 -15.91
CA ALA A 125 -4.65 -2.36 -15.70
C ALA A 125 -6.07 -1.85 -15.70
N ILE A 126 -6.97 -2.54 -16.40
CA ILE A 126 -8.38 -2.18 -16.38
C ILE A 126 -8.97 -2.39 -14.99
N ALA A 127 -8.54 -3.45 -14.30
CA ALA A 127 -8.80 -3.64 -12.88
C ALA A 127 -7.85 -2.74 -12.11
N LEU A 128 -7.53 -3.10 -10.87
CA LEU A 128 -6.58 -2.31 -10.07
C LEU A 128 -7.16 -0.97 -9.64
N GLY A 129 -8.16 -1.03 -8.76
CA GLY A 129 -8.70 0.17 -8.17
C GLY A 129 -10.21 0.10 -8.17
N ARG A 130 -10.75 -0.97 -8.73
CA ARG A 130 -12.19 -1.13 -8.75
C ARG A 130 -12.72 -1.52 -7.38
N ALA A 131 -12.04 -2.42 -6.68
CA ALA A 131 -12.59 -2.96 -5.46
C ALA A 131 -12.73 -1.90 -4.39
N THR A 132 -11.66 -1.15 -4.13
CA THR A 132 -11.69 -0.16 -3.05
C THR A 132 -12.55 1.04 -3.40
N ALA A 133 -12.50 1.48 -4.65
CA ALA A 133 -13.37 2.58 -5.06
C ALA A 133 -14.84 2.19 -4.91
N ALA A 134 -15.20 0.98 -5.32
CA ALA A 134 -16.59 0.55 -5.19
C ALA A 134 -16.99 0.43 -3.72
N ALA A 135 -16.09 -0.08 -2.87
CA ALA A 135 -16.41 -0.22 -1.46
C ALA A 135 -16.68 1.14 -0.81
N VAL A 136 -15.82 2.12 -1.09
CA VAL A 136 -16.00 3.44 -0.50
C VAL A 136 -17.23 4.14 -1.06
N THR A 137 -17.50 3.96 -2.36
CA THR A 137 -18.70 4.55 -2.94
C THR A 137 -19.95 4.03 -2.26
N ALA A 138 -20.03 2.72 -2.04
CA ALA A 138 -21.21 2.16 -1.37
C ALA A 138 -21.33 2.68 0.05
N GLY A 139 -20.23 2.73 0.79
CA GLY A 139 -20.30 3.21 2.16
C GLY A 139 -20.79 4.64 2.25
N VAL A 140 -20.24 5.52 1.44
CA VAL A 140 -20.64 6.93 1.49
C VAL A 140 -22.06 7.10 0.99
N ALA A 141 -22.50 6.27 0.03
CA ALA A 141 -23.88 6.35 -0.43
C ALA A 141 -24.87 6.04 0.67
N ILE A 142 -24.57 5.06 1.52
CA ILE A 142 -25.49 4.80 2.66
C ILE A 142 -25.37 5.88 3.71
N ALA A 143 -24.15 6.37 3.95
CA ALA A 143 -23.94 7.37 4.98
C ALA A 143 -24.71 8.66 4.67
N LYS A 144 -24.77 9.04 3.39
CA LYS A 144 -25.54 10.24 3.03
C LYS A 144 -26.99 10.10 3.45
N THR A 145 -27.52 8.88 3.44
CA THR A 145 -28.90 8.66 3.84
C THR A 145 -29.08 8.61 5.35
N ILE A 146 -28.09 8.14 6.10
CA ILE A 146 -28.27 8.11 7.55
C ILE A 146 -28.04 9.46 8.20
N ARG A 147 -27.38 10.42 7.55
CA ARG A 147 -27.09 11.69 8.20
C ARG A 147 -28.31 12.58 8.36
N LEU A 148 -29.41 12.27 7.69
CA LEU A 148 -30.59 13.11 7.78
C LEU A 148 -31.14 13.09 9.20
N GLU A 149 -31.83 14.16 9.59
CA GLU A 149 -32.35 14.24 10.94
C GLU A 149 -33.51 13.27 11.15
N SER A 150 -34.33 13.04 10.12
CA SER A 150 -35.41 12.08 10.26
C SER A 150 -34.86 10.67 10.47
N GLU A 151 -33.77 10.33 9.78
CA GLU A 151 -33.20 8.99 9.95
C GLU A 151 -32.63 8.81 11.34
N VAL A 152 -31.85 9.77 11.83
CA VAL A 152 -31.27 9.62 13.15
C VAL A 152 -32.35 9.63 14.21
N THR A 153 -33.41 10.42 14.02
CA THR A 153 -34.51 10.40 14.96
C THR A 153 -35.18 9.03 15.01
N ALA A 154 -35.44 8.43 13.85
CA ALA A 154 -36.06 7.11 13.84
C ALA A 154 -35.15 6.07 14.47
N ILE A 155 -33.86 6.13 14.15
CA ILE A 155 -32.91 5.16 14.69
C ILE A 155 -32.84 5.27 16.21
N LYS A 156 -32.76 6.49 16.73
CA LYS A 156 -32.72 6.65 18.18
C LYS A 156 -34.03 6.28 18.84
N ASN A 157 -35.15 6.39 18.12
CA ASN A 157 -36.41 5.95 18.70
C ASN A 157 -36.51 4.43 18.75
N ALA A 158 -35.83 3.73 17.84
CA ALA A 158 -35.82 2.27 17.92
C ALA A 158 -35.11 1.79 19.18
N LEU A 159 -34.00 2.43 19.53
CA LEU A 159 -33.12 2.00 20.62
C LEU A 159 -33.50 2.62 21.95
N LYS A 160 -34.72 3.14 22.07
CA LYS A 160 -35.10 3.85 23.28
C LYS A 160 -35.15 2.92 24.47
N THR A 161 -35.69 1.71 24.29
CA THR A 161 -35.90 0.77 25.37
C THR A 161 -35.11 -0.53 25.23
N THR A 162 -34.38 -0.71 24.13
CA THR A 162 -33.55 -1.89 23.97
C THR A 162 -32.12 -1.48 23.66
N ASN A 163 -31.27 -2.43 23.30
CA ASN A 163 -29.89 -2.13 22.93
C ASN A 163 -29.52 -2.73 21.60
N GLU A 164 -30.48 -3.21 20.84
CA GLU A 164 -30.27 -3.65 19.47
C GLU A 164 -31.60 -3.83 18.77
N ALA A 165 -31.72 -3.32 17.55
CA ALA A 165 -32.97 -3.43 16.83
C ALA A 165 -32.70 -3.31 15.35
N VAL A 166 -33.42 -4.08 14.56
CA VAL A 166 -33.25 -4.11 13.12
C VAL A 166 -34.20 -3.08 12.51
N SER A 167 -33.65 -2.06 11.87
CA SER A 167 -34.47 -0.97 11.38
C SER A 167 -34.29 -0.80 9.88
N THR A 168 -35.24 -0.13 9.25
CA THR A 168 -35.19 0.14 7.82
C THR A 168 -35.09 1.63 7.62
N LEU A 169 -34.18 2.05 6.76
CA LEU A 169 -33.97 3.46 6.51
C LEU A 169 -35.10 4.00 5.63
N GLY A 170 -34.93 5.21 5.12
CA GLY A 170 -35.92 5.80 4.23
C GLY A 170 -35.81 5.39 2.79
N ASN A 171 -34.70 4.77 2.38
CA ASN A 171 -34.53 4.31 1.01
C ASN A 171 -34.78 2.82 0.86
N GLY A 172 -35.30 2.16 1.89
CA GLY A 172 -35.64 0.76 1.81
C GLY A 172 -34.57 -0.21 2.26
N VAL A 173 -33.34 0.26 2.46
CA VAL A 173 -32.28 -0.60 2.96
C VAL A 173 -32.56 -0.94 4.41
N ARG A 174 -32.19 -2.15 4.83
CA ARG A 174 -32.39 -2.62 6.18
C ARG A 174 -31.04 -2.71 6.88
N VAL A 175 -30.88 -1.98 7.97
CA VAL A 175 -29.63 -1.95 8.72
C VAL A 175 -29.90 -2.45 10.12
N LEU A 176 -28.83 -2.63 10.89
CA LEU A 176 -28.95 -3.11 12.27
C LEU A 176 -28.43 -2.03 13.20
N ALA A 177 -29.29 -1.48 14.05
CA ALA A 177 -28.89 -0.40 14.93
C ALA A 177 -28.60 -0.95 16.32
N THR A 178 -27.47 -0.54 16.90
CA THR A 178 -27.06 -0.99 18.21
C THR A 178 -26.48 0.16 19.02
N ALA A 179 -26.64 0.08 20.34
CA ALA A 179 -26.34 1.19 21.24
C ALA A 179 -25.33 0.75 22.29
N VAL A 180 -24.39 1.64 22.60
CA VAL A 180 -23.33 1.38 23.56
C VAL A 180 -23.50 2.34 24.73
N ARG A 181 -23.85 1.81 25.90
CA ARG A 181 -24.40 2.61 26.98
C ARG A 181 -23.69 2.44 28.32
N GLU A 182 -22.39 2.15 28.34
CA GLU A 182 -21.75 1.90 29.62
C GLU A 182 -21.20 3.18 30.24
N LEU A 183 -20.54 4.00 29.43
CA LEU A 183 -20.00 5.25 29.95
C LEU A 183 -21.12 6.18 30.41
N LYS A 184 -22.22 6.22 29.66
CA LYS A 184 -23.33 7.10 30.01
C LYS A 184 -23.95 6.69 31.34
N ASP A 185 -24.16 5.40 31.53
CA ASP A 185 -24.75 4.93 32.79
C ASP A 185 -23.82 5.18 33.96
N PHE A 186 -22.51 4.99 33.77
CA PHE A 186 -21.57 5.30 34.83
C PHE A 186 -21.60 6.78 35.18
N VAL A 187 -21.68 7.65 34.17
CA VAL A 187 -21.68 9.09 34.43
C VAL A 187 -22.96 9.51 35.15
N SER A 188 -24.10 8.99 34.73
CA SER A 188 -25.35 9.40 35.36
C SER A 188 -25.50 8.82 36.76
N LYS A 189 -25.05 7.60 36.99
CA LYS A 189 -25.36 6.92 38.25
C LYS A 189 -24.28 7.08 39.31
N ASN A 190 -23.01 7.09 38.92
CA ASN A 190 -21.90 7.11 39.86
C ASN A 190 -21.12 8.41 39.85
N LEU A 191 -20.61 8.83 38.70
CA LEU A 191 -19.71 9.98 38.69
C LEU A 191 -20.42 11.24 39.15
N THR A 192 -21.63 11.48 38.65
CA THR A 192 -22.30 12.74 38.93
C THR A 192 -22.62 12.91 40.40
N ARG A 193 -23.00 11.83 41.07
CA ARG A 193 -23.36 11.94 42.48
C ARG A 193 -22.15 12.26 43.35
N ALA A 194 -21.00 11.65 43.06
CA ALA A 194 -19.81 11.88 43.87
C ALA A 194 -19.31 13.32 43.74
N ILE A 195 -19.24 13.84 42.52
CA ILE A 195 -18.85 15.22 42.27
C ILE A 195 -20.04 16.13 42.55
N ASN A 196 -20.17 16.59 43.79
CA ASN A 196 -21.40 17.29 44.19
C ASN A 196 -21.30 18.79 44.01
N LYS A 197 -20.29 19.43 44.62
CA LYS A 197 -20.17 20.87 44.58
C LYS A 197 -18.86 21.28 43.92
N ASN A 198 -18.56 20.69 42.77
CA ASN A 198 -17.32 20.93 42.04
C ASN A 198 -16.11 20.60 42.89
N LYS A 199 -16.17 19.47 43.58
CA LYS A 199 -15.04 18.92 44.30
C LYS A 199 -14.63 17.63 43.60
N CYS A 200 -13.37 17.52 43.22
CA CYS A 200 -12.89 16.30 42.62
C CYS A 200 -11.56 15.84 43.18
N ASP A 201 -11.04 16.50 44.20
CA ASP A 201 -9.86 16.02 44.90
C ASP A 201 -10.30 15.20 46.12
N ILE A 202 -11.22 14.28 45.85
CA ILE A 202 -11.83 13.45 46.88
C ILE A 202 -10.90 12.29 47.18
N ASP A 203 -11.15 11.58 48.27
CA ASP A 203 -10.30 10.47 48.70
C ASP A 203 -10.87 9.11 48.33
N ASP A 204 -11.56 9.02 47.18
CA ASP A 204 -12.10 7.73 46.76
C ASP A 204 -11.05 6.90 46.02
N LEU A 205 -10.62 7.38 44.86
CA LEU A 205 -9.55 6.79 44.06
C LEU A 205 -10.01 5.48 43.42
N LYS A 206 -11.17 4.98 43.82
CA LYS A 206 -11.80 3.88 43.09
C LYS A 206 -12.65 4.42 41.95
N MET A 207 -13.24 5.59 42.14
CA MET A 207 -13.95 6.25 41.05
C MET A 207 -12.98 6.70 39.97
N ALA A 208 -11.80 7.16 40.35
CA ALA A 208 -10.81 7.61 39.36
C ALA A 208 -10.35 6.46 38.47
N VAL A 209 -10.03 5.32 39.09
CA VAL A 209 -9.62 4.15 38.31
C VAL A 209 -10.78 3.60 37.49
N SER A 210 -12.00 3.60 38.07
CA SER A 210 -13.14 3.12 37.31
C SER A 210 -13.39 3.96 36.07
N PHE A 211 -13.30 5.28 36.20
CA PHE A 211 -13.54 6.15 35.07
C PHE A 211 -12.44 6.01 34.01
N SER A 212 -11.21 5.75 34.45
CA SER A 212 -10.15 5.40 33.51
C SER A 212 -10.49 4.12 32.75
N GLN A 213 -11.10 3.14 33.42
CA GLN A 213 -11.47 1.91 32.74
C GLN A 213 -12.62 2.13 31.78
N PHE A 214 -13.55 3.04 32.12
CA PHE A 214 -14.79 3.15 31.37
C PHE A 214 -14.70 4.03 30.14
N ASN A 215 -13.86 5.07 30.12
CA ASN A 215 -13.81 5.89 28.92
C ASN A 215 -12.75 5.48 27.92
N ARG A 216 -12.16 4.30 28.09
CA ARG A 216 -11.10 3.87 27.18
C ARG A 216 -11.63 3.63 25.78
N ARG A 217 -12.76 2.94 25.65
CA ARG A 217 -13.31 2.66 24.34
C ARG A 217 -13.70 3.95 23.63
N PHE A 218 -14.28 4.90 24.36
CA PHE A 218 -14.68 6.16 23.75
C PHE A 218 -13.48 6.94 23.24
N LEU A 219 -12.41 7.04 24.04
CA LEU A 219 -11.24 7.77 23.60
C LEU A 219 -10.57 7.09 22.42
N ASN A 220 -10.61 5.76 22.37
CA ASN A 220 -10.01 5.05 21.24
C ASN A 220 -10.81 5.25 19.97
N VAL A 221 -12.14 5.23 20.06
CA VAL A 221 -12.95 5.49 18.86
C VAL A 221 -12.67 6.88 18.32
N VAL A 222 -12.62 7.88 19.21
CA VAL A 222 -12.36 9.25 18.79
C VAL A 222 -10.99 9.35 18.12
N ARG A 223 -9.97 8.72 18.70
CA ARG A 223 -8.65 8.73 18.07
C ARG A 223 -8.67 8.09 16.69
N GLN A 224 -9.33 6.96 16.54
CA GLN A 224 -9.27 6.27 15.25
C GLN A 224 -9.98 7.07 14.17
N PHE A 225 -11.06 7.76 14.51
CA PHE A 225 -11.72 8.57 13.49
C PHE A 225 -10.99 9.87 13.22
N SER A 226 -10.33 10.43 14.21
CA SER A 226 -9.63 11.70 14.04
C SER A 226 -8.33 11.56 13.27
N GLU A 227 -7.64 10.42 13.42
CA GLU A 227 -6.40 10.23 12.70
C GLU A 227 -6.61 9.92 11.22
N ASN A 228 -7.76 9.35 10.86
CA ASN A 228 -8.02 8.84 9.52
C ASN A 228 -9.04 9.66 8.76
N ALA A 229 -9.20 10.93 9.08
CA ALA A 229 -10.05 11.87 8.37
C ALA A 229 -11.53 11.52 8.41
N GLY A 230 -11.93 10.55 9.23
CA GLY A 230 -13.32 10.20 9.34
C GLY A 230 -13.74 8.93 8.64
N ILE A 231 -12.82 8.21 8.00
CA ILE A 231 -13.10 6.96 7.31
C ILE A 231 -11.98 5.97 7.58
N THR A 232 -12.13 5.13 8.59
CA THR A 232 -11.03 4.22 8.88
C THR A 232 -10.98 3.12 7.84
N PRO A 233 -9.80 2.53 7.60
CA PRO A 233 -9.69 1.45 6.62
C PRO A 233 -9.85 0.03 7.14
N ALA A 234 -10.05 -0.15 8.45
CA ALA A 234 -10.29 -1.47 9.00
C ALA A 234 -11.03 -1.34 10.32
N ILE A 235 -11.78 -2.37 10.67
CA ILE A 235 -12.54 -2.37 11.92
C ILE A 235 -11.60 -2.81 13.03
N SER A 236 -11.43 -1.97 14.04
CA SER A 236 -10.63 -2.34 15.19
C SER A 236 -11.53 -3.02 16.20
N LEU A 237 -11.01 -3.32 17.38
CA LEU A 237 -11.84 -3.90 18.42
C LEU A 237 -12.53 -2.84 19.27
N ASP A 238 -12.34 -1.57 18.93
CA ASP A 238 -13.01 -0.46 19.58
C ASP A 238 -14.25 -0.01 18.82
N LEU A 239 -14.19 0.00 17.49
CA LEU A 239 -15.41 0.23 16.73
C LEU A 239 -16.42 -0.87 16.98
N MET A 240 -16.13 -2.09 16.56
CA MET A 240 -17.04 -3.20 16.75
C MET A 240 -16.30 -4.34 17.42
N THR A 241 -16.69 -4.66 18.64
CA THR A 241 -16.02 -5.69 19.42
C THR A 241 -16.39 -7.06 18.88
N ASP A 242 -16.09 -8.12 19.63
CA ASP A 242 -16.27 -9.47 19.08
C ASP A 242 -17.70 -9.97 19.21
N ALA A 243 -18.32 -9.76 20.37
CA ALA A 243 -19.70 -10.20 20.55
C ALA A 243 -20.62 -9.52 19.56
N GLU A 244 -20.37 -8.25 19.26
CA GLU A 244 -21.21 -7.54 18.31
C GLU A 244 -20.92 -7.96 16.89
N LEU A 245 -19.71 -8.42 16.59
CA LEU A 245 -19.47 -9.02 15.28
C LEU A 245 -20.25 -10.31 15.12
N ALA A 246 -20.31 -11.14 16.15
CA ALA A 246 -21.13 -12.35 16.07
C ALA A 246 -22.61 -12.02 15.93
N ARG A 247 -23.10 -11.04 16.67
CA ARG A 247 -24.51 -10.67 16.54
C ARG A 247 -24.84 -10.04 15.20
N ALA A 248 -23.88 -9.36 14.56
CA ALA A 248 -24.17 -8.85 13.24
C ALA A 248 -24.13 -9.93 12.19
N ILE A 249 -23.23 -10.91 12.34
CA ILE A 249 -23.20 -12.01 11.36
C ILE A 249 -24.46 -12.84 11.46
N SER A 250 -25.01 -13.03 12.65
CA SER A 250 -26.21 -13.84 12.77
C SER A 250 -27.42 -13.24 12.07
N ASN A 251 -27.36 -11.97 11.68
CA ASN A 251 -28.51 -11.27 11.11
C ASN A 251 -28.40 -11.02 9.61
N MET A 252 -27.38 -11.56 8.95
CA MET A 252 -27.16 -11.21 7.56
C MET A 252 -28.20 -11.85 6.67
N PRO A 253 -28.43 -11.31 5.47
CA PRO A 253 -29.45 -11.88 4.58
C PRO A 253 -28.90 -12.95 3.64
N THR A 254 -28.54 -14.11 4.20
CA THR A 254 -28.05 -15.24 3.42
C THR A 254 -28.60 -16.52 4.02
N SER A 255 -28.32 -17.64 3.36
CA SER A 255 -28.78 -18.93 3.83
C SER A 255 -28.06 -19.32 5.11
N ALA A 256 -28.33 -20.52 5.60
CA ALA A 256 -27.72 -20.96 6.85
C ALA A 256 -26.28 -21.39 6.67
N GLY A 257 -25.93 -21.95 5.51
CA GLY A 257 -24.57 -22.44 5.32
C GLY A 257 -23.54 -21.33 5.32
N GLN A 258 -23.82 -20.25 4.62
CA GLN A 258 -22.91 -19.11 4.62
C GLN A 258 -22.84 -18.47 5.98
N ILE A 259 -23.96 -18.40 6.70
CA ILE A 259 -23.96 -17.84 8.05
C ILE A 259 -23.07 -18.66 8.95
N LYS A 260 -23.13 -19.99 8.84
CA LYS A 260 -22.29 -20.85 9.66
C LYS A 260 -20.81 -20.66 9.32
N LEU A 261 -20.47 -20.60 8.04
CA LEU A 261 -19.07 -20.37 7.67
C LEU A 261 -18.55 -19.05 8.23
N MET A 262 -19.34 -17.99 8.14
CA MET A 262 -18.88 -16.70 8.62
C MET A 262 -18.81 -16.67 10.14
N LEU A 263 -19.78 -17.27 10.83
CA LEU A 263 -19.73 -17.27 12.29
C LEU A 263 -18.52 -18.02 12.80
N GLU A 264 -18.06 -19.02 12.05
CA GLU A 264 -16.89 -19.74 12.54
C GLU A 264 -15.58 -19.07 12.14
N ASN A 265 -15.56 -18.26 11.08
CA ASN A 265 -14.34 -17.60 10.65
C ASN A 265 -14.48 -16.09 10.65
N ARG A 266 -15.14 -15.52 11.66
CA ARG A 266 -15.27 -14.09 11.85
C ARG A 266 -14.06 -13.21 11.61
N ALA A 267 -12.84 -13.71 11.79
CA ALA A 267 -11.67 -12.85 11.61
C ALA A 267 -11.59 -12.37 10.17
N MET A 268 -11.93 -13.24 9.23
CA MET A 268 -11.86 -12.91 7.81
C MET A 268 -13.07 -12.11 7.33
N VAL A 269 -14.10 -11.98 8.14
CA VAL A 269 -15.21 -11.05 7.87
C VAL A 269 -14.90 -9.66 8.42
N ARG A 270 -14.26 -9.59 9.58
CA ARG A 270 -13.80 -8.30 10.08
C ARG A 270 -12.66 -7.74 9.26
N ARG A 271 -11.85 -8.60 8.66
CA ARG A 271 -10.69 -8.13 7.92
C ARG A 271 -11.06 -7.27 6.72
N LYS A 272 -12.27 -7.42 6.18
CA LYS A 272 -12.66 -6.75 4.95
C LYS A 272 -13.81 -5.77 5.15
N GLY A 273 -13.77 -4.97 6.21
CA GLY A 273 -14.77 -3.96 6.45
C GLY A 273 -14.10 -2.62 6.70
N PHE A 274 -14.93 -1.63 7.00
CA PHE A 274 -14.43 -0.31 7.37
C PHE A 274 -15.55 0.45 8.05
N GLY A 275 -15.19 1.51 8.76
CA GLY A 275 -16.15 2.32 9.49
C GLY A 275 -16.15 3.75 9.00
N ILE A 276 -17.32 4.38 9.07
CA ILE A 276 -17.49 5.76 8.62
C ILE A 276 -18.15 6.55 9.72
N LEU A 277 -17.71 7.78 9.93
CA LEU A 277 -18.28 8.61 10.98
C LEU A 277 -19.53 9.28 10.47
N ILE A 278 -20.63 9.16 11.21
CA ILE A 278 -21.85 9.87 10.86
C ILE A 278 -21.92 11.22 11.55
N GLY A 279 -21.61 11.30 12.83
CA GLY A 279 -21.48 12.61 13.43
C GLY A 279 -21.58 12.57 14.94
N VAL A 280 -21.69 13.77 15.52
CA VAL A 280 -21.93 13.95 16.94
C VAL A 280 -23.27 14.64 17.14
N TYR A 281 -24.24 13.94 17.72
CA TYR A 281 -25.57 14.47 17.93
C TYR A 281 -25.86 14.52 19.41
N GLY A 282 -25.97 15.71 19.96
CA GLY A 282 -26.10 15.85 21.40
C GLY A 282 -24.83 15.44 22.11
N SER A 283 -24.87 14.31 22.81
CA SER A 283 -23.68 13.69 23.37
C SER A 283 -23.42 12.32 22.79
N SER A 284 -24.15 11.92 21.75
CA SER A 284 -23.99 10.61 21.14
C SER A 284 -23.07 10.71 19.95
N VAL A 285 -22.07 9.84 19.90
CA VAL A 285 -21.23 9.70 18.72
C VAL A 285 -21.85 8.59 17.89
N ILE A 286 -22.30 8.91 16.67
CA ILE A 286 -22.97 7.95 15.81
C ILE A 286 -22.03 7.60 14.67
N TYR A 287 -21.80 6.30 14.46
CA TYR A 287 -20.97 5.86 13.34
C TYR A 287 -21.57 4.59 12.76
N MET A 288 -20.97 4.09 11.68
CA MET A 288 -21.48 2.91 11.01
C MET A 288 -20.31 1.99 10.67
N VAL A 289 -20.62 0.71 10.47
CA VAL A 289 -19.64 -0.31 10.13
C VAL A 289 -20.17 -1.11 8.96
N GLN A 290 -19.37 -1.25 7.91
CA GLN A 290 -19.73 -2.02 6.72
C GLN A 290 -19.02 -3.36 6.75
N LEU A 291 -19.79 -4.44 6.68
CA LEU A 291 -19.27 -5.79 6.75
C LEU A 291 -19.54 -6.51 5.44
N PRO A 292 -18.69 -7.43 5.02
CA PRO A 292 -18.97 -8.18 3.80
C PRO A 292 -20.02 -9.23 4.01
N ILE A 293 -20.63 -9.65 2.91
CA ILE A 293 -21.55 -10.77 2.91
C ILE A 293 -20.96 -11.80 1.95
N PHE A 294 -20.45 -12.91 2.48
CA PHE A 294 -19.87 -13.94 1.65
C PHE A 294 -20.99 -14.86 1.19
N GLY A 295 -21.72 -14.39 0.19
CA GLY A 295 -22.96 -15.04 -0.21
C GLY A 295 -22.75 -16.37 -0.92
N VAL A 296 -21.71 -16.48 -1.72
CA VAL A 296 -21.46 -17.66 -2.54
C VAL A 296 -20.21 -18.37 -2.02
N ILE A 297 -20.36 -19.63 -1.62
CA ILE A 297 -19.27 -20.40 -1.06
C ILE A 297 -19.20 -21.74 -1.77
N ASP A 298 -18.00 -22.33 -1.76
CA ASP A 298 -17.74 -23.68 -2.26
C ASP A 298 -18.08 -23.82 -3.75
N THR A 299 -17.30 -23.12 -4.57
CA THR A 299 -17.41 -23.11 -6.02
C THR A 299 -16.02 -23.20 -6.64
N PRO A 300 -15.83 -23.95 -7.72
CA PRO A 300 -14.47 -24.24 -8.20
C PRO A 300 -13.63 -23.01 -8.51
N CYS A 301 -12.34 -23.11 -8.22
CA CYS A 301 -11.35 -22.09 -8.55
C CYS A 301 -10.08 -22.77 -9.01
N TRP A 302 -9.20 -21.97 -9.62
CA TRP A 302 -7.86 -22.47 -9.93
C TRP A 302 -6.93 -21.29 -10.11
N ILE A 303 -5.62 -21.56 -10.04
CA ILE A 303 -4.61 -20.51 -10.18
C ILE A 303 -3.65 -20.90 -11.28
N VAL A 304 -3.22 -19.93 -12.07
CA VAL A 304 -2.30 -20.15 -13.18
C VAL A 304 -1.05 -19.31 -12.96
N LYS A 305 0.13 -19.96 -13.03
CA LYS A 305 1.44 -19.36 -12.86
C LYS A 305 2.30 -19.64 -14.07
N ALA A 306 3.29 -18.79 -14.32
CA ALA A 306 4.10 -18.94 -15.53
C ALA A 306 5.45 -18.29 -15.38
N ALA A 307 6.38 -18.69 -16.26
CA ALA A 307 7.75 -18.23 -16.28
C ALA A 307 8.24 -18.24 -17.71
N PRO A 308 9.30 -17.47 -18.03
CA PRO A 308 9.70 -17.31 -19.43
C PRO A 308 10.11 -18.63 -20.09
N SER A 309 9.83 -18.73 -21.38
CA SER A 309 10.12 -19.92 -22.17
C SER A 309 10.90 -19.50 -23.41
N CYS A 310 12.20 -19.80 -23.42
CA CYS A 310 13.12 -19.25 -24.40
C CYS A 310 13.86 -20.36 -25.11
N SER A 311 13.98 -20.25 -26.43
CA SER A 311 14.70 -21.24 -27.23
C SER A 311 15.87 -20.58 -27.93
N GLU A 312 16.99 -21.29 -27.97
CA GLU A 312 18.23 -20.78 -28.51
C GLU A 312 18.56 -21.48 -29.82
N LYS A 313 18.97 -20.70 -30.82
CA LYS A 313 19.52 -21.28 -32.03
C LYS A 313 20.66 -20.39 -32.49
N LYS A 314 21.85 -20.98 -32.65
CA LYS A 314 23.03 -20.24 -33.09
C LYS A 314 23.30 -19.03 -32.21
N GLY A 315 22.95 -19.13 -30.93
CA GLY A 315 23.20 -18.07 -29.99
C GLY A 315 22.14 -16.99 -29.93
N ASN A 316 21.12 -17.04 -30.77
CA ASN A 316 20.04 -16.07 -30.72
C ASN A 316 18.82 -16.71 -30.09
N TYR A 317 18.19 -15.97 -29.17
CA TYR A 317 17.09 -16.48 -28.36
C TYR A 317 15.76 -15.93 -28.85
N ALA A 318 14.72 -16.75 -28.73
CA ALA A 318 13.35 -16.32 -28.92
C ALA A 318 12.58 -16.67 -27.67
N CYS A 319 12.05 -15.67 -26.99
CA CYS A 319 11.48 -15.86 -25.67
C CYS A 319 10.02 -15.48 -25.67
N LEU A 320 9.22 -16.25 -24.95
CA LEU A 320 7.78 -16.07 -24.86
C LEU A 320 7.35 -16.29 -23.43
N LEU A 321 6.44 -15.45 -22.93
CA LEU A 321 5.97 -15.56 -21.56
C LEU A 321 4.45 -15.43 -21.58
N ARG A 322 3.78 -16.13 -20.68
CA ARG A 322 2.34 -16.25 -20.70
C ARG A 322 1.72 -15.26 -19.72
N GLU A 323 0.75 -14.49 -20.19
CA GLU A 323 0.31 -13.30 -19.48
C GLU A 323 -1.02 -13.40 -18.77
N ASP A 324 -1.74 -14.51 -18.88
CA ASP A 324 -3.01 -14.66 -18.17
C ASP A 324 -2.80 -15.47 -16.90
N GLN A 325 -2.14 -14.86 -15.93
CA GLN A 325 -1.86 -15.48 -14.64
C GLN A 325 -2.79 -14.93 -13.58
N GLY A 326 -2.87 -15.64 -12.46
CA GLY A 326 -3.75 -15.22 -11.39
C GLY A 326 -4.87 -16.21 -11.17
N TRP A 327 -6.01 -15.71 -10.67
CA TRP A 327 -7.05 -16.59 -10.16
C TRP A 327 -8.23 -16.65 -11.11
N TYR A 328 -8.92 -17.79 -11.12
CA TYR A 328 -10.15 -17.93 -11.89
C TYR A 328 -11.17 -18.64 -11.03
N CYS A 329 -12.43 -18.24 -11.13
CA CYS A 329 -13.49 -18.87 -10.36
C CYS A 329 -14.71 -19.12 -11.23
N GLN A 330 -15.30 -20.30 -11.10
CA GLN A 330 -16.65 -20.50 -11.60
C GLN A 330 -17.64 -19.76 -10.73
N ASN A 331 -18.80 -19.45 -11.32
CA ASN A 331 -19.98 -19.08 -10.56
C ASN A 331 -21.16 -19.15 -11.51
N ALA A 332 -22.10 -20.05 -11.22
CA ALA A 332 -23.34 -20.15 -11.98
C ALA A 332 -23.10 -20.29 -13.47
N GLY A 333 -22.08 -21.04 -13.84
CA GLY A 333 -21.78 -21.29 -15.23
C GLY A 333 -20.95 -20.23 -15.93
N SER A 334 -20.59 -19.15 -15.26
CA SER A 334 -19.73 -18.13 -15.81
C SER A 334 -18.35 -18.21 -15.17
N THR A 335 -17.34 -17.69 -15.85
CA THR A 335 -15.98 -17.71 -15.35
C THR A 335 -15.50 -16.29 -15.11
N VAL A 336 -14.90 -16.04 -13.95
CA VAL A 336 -14.42 -14.72 -13.61
C VAL A 336 -12.93 -14.79 -13.34
N TYR A 337 -12.17 -13.87 -13.92
CA TYR A 337 -10.73 -13.85 -13.89
C TYR A 337 -10.27 -12.68 -13.02
N TYR A 338 -9.55 -12.99 -11.95
CA TYR A 338 -9.03 -11.96 -11.04
C TYR A 338 -7.55 -11.82 -11.31
N PRO A 339 -7.13 -10.70 -11.91
CA PRO A 339 -5.76 -10.59 -12.44
C PRO A 339 -4.77 -9.98 -11.48
N ASN A 340 -5.23 -9.20 -10.52
CA ASN A 340 -4.38 -8.64 -9.49
C ASN A 340 -4.43 -9.57 -8.29
N GLU A 341 -3.35 -10.29 -8.03
CA GLU A 341 -3.38 -11.32 -7.00
C GLU A 341 -3.50 -10.74 -5.59
N LYS A 342 -3.49 -9.43 -5.44
CA LYS A 342 -3.60 -8.82 -4.12
C LYS A 342 -5.02 -8.79 -3.60
N ASP A 343 -6.03 -9.14 -4.40
CA ASP A 343 -7.41 -9.10 -3.94
C ASP A 343 -7.97 -10.48 -3.61
N CYS A 344 -7.22 -11.56 -3.85
CA CYS A 344 -7.64 -12.91 -3.49
C CYS A 344 -6.67 -13.47 -2.46
N GLU A 345 -7.20 -14.02 -1.37
CA GLU A 345 -6.42 -14.48 -0.25
C GLU A 345 -6.88 -15.86 0.17
N THR A 346 -5.96 -16.81 0.31
CA THR A 346 -6.33 -18.18 0.62
C THR A 346 -6.14 -18.47 2.10
N ARG A 347 -6.99 -19.34 2.63
CA ARG A 347 -6.84 -19.91 3.96
C ARG A 347 -7.20 -21.38 3.84
N GLY A 348 -6.20 -22.22 3.62
CA GLY A 348 -6.44 -23.62 3.38
C GLY A 348 -6.61 -23.90 1.92
N ASP A 349 -7.52 -24.78 1.53
CA ASP A 349 -7.97 -24.80 0.15
C ASP A 349 -9.27 -24.03 0.00
N HIS A 350 -9.28 -22.79 0.48
CA HIS A 350 -10.39 -21.88 0.33
C HIS A 350 -9.78 -20.56 -0.08
N VAL A 351 -10.48 -19.79 -0.91
CA VAL A 351 -9.96 -18.52 -1.36
C VAL A 351 -11.07 -17.47 -1.25
N PHE A 352 -10.74 -16.32 -0.66
CA PHE A 352 -11.71 -15.28 -0.34
C PHE A 352 -11.60 -14.18 -1.39
N CYS A 353 -12.36 -14.31 -2.47
CA CYS A 353 -12.28 -13.37 -3.57
C CYS A 353 -13.22 -12.20 -3.35
N ASP A 354 -13.30 -11.33 -4.36
CA ASP A 354 -14.02 -10.06 -4.27
C ASP A 354 -14.63 -9.78 -5.64
N THR A 355 -15.94 -9.94 -5.78
CA THR A 355 -16.54 -9.97 -7.11
C THR A 355 -16.42 -8.64 -7.84
N ALA A 356 -16.08 -7.55 -7.15
CA ALA A 356 -15.97 -6.26 -7.82
C ALA A 356 -14.62 -6.05 -8.51
N ALA A 357 -13.64 -6.91 -8.25
CA ALA A 357 -12.30 -6.78 -8.79
C ALA A 357 -12.00 -7.77 -9.89
N GLY A 358 -12.99 -8.53 -10.34
CA GLY A 358 -12.79 -9.53 -11.38
C GLY A 358 -13.32 -9.10 -12.71
N ILE A 359 -13.02 -9.88 -13.73
CA ILE A 359 -13.41 -9.59 -15.11
C ILE A 359 -14.02 -10.84 -15.72
N ASN A 360 -15.19 -10.71 -16.33
CA ASN A 360 -15.83 -11.89 -16.89
C ASN A 360 -15.09 -12.37 -18.12
N VAL A 361 -14.77 -13.67 -18.18
CA VAL A 361 -14.08 -14.21 -19.34
C VAL A 361 -14.88 -15.38 -19.89
N ALA A 362 -14.71 -15.64 -21.18
CA ALA A 362 -15.43 -16.72 -21.82
C ALA A 362 -14.93 -18.06 -21.32
N GLU A 363 -15.78 -19.08 -21.41
CA GLU A 363 -15.42 -20.38 -20.88
C GLU A 363 -14.43 -21.13 -21.76
N GLN A 364 -14.16 -20.64 -22.97
CA GLN A 364 -13.10 -21.24 -23.78
C GLN A 364 -11.73 -20.80 -23.35
N SER A 365 -11.62 -19.86 -22.39
CA SER A 365 -10.32 -19.39 -21.96
C SER A 365 -9.49 -20.52 -21.37
N LYS A 366 -10.15 -21.50 -20.73
CA LYS A 366 -9.40 -22.62 -20.17
C LYS A 366 -8.71 -23.43 -21.24
N GLU A 367 -9.09 -23.26 -22.50
CA GLU A 367 -8.40 -24.00 -23.54
C GLU A 367 -6.99 -23.49 -23.76
N CYS A 368 -6.60 -22.37 -23.18
CA CYS A 368 -5.19 -22.01 -23.21
C CYS A 368 -4.34 -22.96 -22.38
N ASN A 369 -4.93 -23.67 -21.43
CA ASN A 369 -4.22 -24.63 -20.58
C ASN A 369 -4.10 -26.00 -21.21
N ILE A 370 -4.69 -26.20 -22.39
CA ILE A 370 -4.68 -27.49 -23.05
C ILE A 370 -3.98 -27.42 -24.40
N ASN A 371 -4.15 -26.32 -25.12
CA ASN A 371 -3.70 -26.24 -26.51
C ASN A 371 -3.38 -24.77 -26.78
N ILE A 372 -2.20 -24.32 -26.40
CA ILE A 372 -1.99 -22.89 -26.46
C ILE A 372 -1.75 -22.42 -27.88
N SER A 373 -1.28 -23.30 -28.77
CA SER A 373 -0.93 -22.88 -30.12
C SER A 373 -2.16 -22.71 -31.01
N THR A 374 -3.02 -23.73 -31.05
CA THR A 374 -4.03 -23.83 -32.08
C THR A 374 -5.44 -23.58 -31.56
N THR A 375 -5.59 -23.00 -30.38
CA THR A 375 -6.94 -22.63 -29.97
C THR A 375 -7.51 -21.52 -30.82
N ASN A 376 -8.83 -21.53 -30.93
CA ASN A 376 -9.60 -20.36 -31.37
C ASN A 376 -9.94 -19.53 -30.13
N TYR A 377 -8.91 -18.87 -29.60
CA TYR A 377 -9.07 -17.97 -28.48
C TYR A 377 -7.84 -17.07 -28.41
N PRO A 378 -7.99 -15.79 -28.06
CA PRO A 378 -6.82 -14.93 -27.94
C PRO A 378 -5.99 -15.18 -26.69
N CYS A 379 -5.04 -16.11 -26.78
CA CYS A 379 -4.13 -16.39 -25.68
C CYS A 379 -3.13 -15.24 -25.57
N LYS A 380 -3.03 -14.61 -24.41
CA LYS A 380 -2.17 -13.43 -24.26
C LYS A 380 -0.76 -13.88 -23.95
N VAL A 381 0.23 -13.37 -24.70
CA VAL A 381 1.63 -13.63 -24.45
C VAL A 381 2.43 -12.35 -24.59
N SER A 382 3.62 -12.34 -23.98
CA SER A 382 4.64 -11.33 -24.19
C SER A 382 5.83 -11.99 -24.86
N THR A 383 6.57 -11.26 -25.67
CA THR A 383 7.71 -11.86 -26.31
C THR A 383 8.95 -11.05 -26.03
N GLY A 384 10.08 -11.56 -26.50
CA GLY A 384 11.34 -10.88 -26.34
C GLY A 384 12.44 -11.64 -27.03
N ARG A 385 13.61 -11.03 -27.09
CA ARG A 385 14.78 -11.67 -27.66
C ARG A 385 15.92 -11.80 -26.65
N ASN A 386 15.66 -11.56 -25.37
CA ASN A 386 16.69 -11.62 -24.35
C ASN A 386 16.19 -12.51 -23.22
N PRO A 387 16.91 -13.56 -22.85
CA PRO A 387 16.44 -14.45 -21.80
C PRO A 387 16.37 -13.78 -20.44
N ILE A 388 15.49 -14.29 -19.59
CA ILE A 388 15.49 -13.93 -18.18
C ILE A 388 15.57 -15.23 -17.38
N SER A 389 16.38 -15.24 -16.34
CA SER A 389 16.47 -16.37 -15.43
C SER A 389 15.76 -16.02 -14.13
N MET A 390 14.88 -16.91 -13.68
CA MET A 390 14.06 -16.56 -12.52
C MET A 390 13.39 -17.81 -11.98
N VAL A 391 12.68 -17.65 -10.86
CA VAL A 391 11.99 -18.74 -10.19
C VAL A 391 10.58 -18.28 -9.87
N ALA A 392 9.58 -18.98 -10.40
CA ALA A 392 8.18 -18.69 -10.15
C ALA A 392 7.63 -19.75 -9.22
N LEU A 393 7.32 -19.37 -7.98
CA LEU A 393 6.88 -20.32 -6.97
C LEU A 393 5.40 -20.61 -7.13
N SER A 394 5.07 -21.87 -7.35
CA SER A 394 3.69 -22.30 -7.46
C SER A 394 3.30 -23.08 -6.22
N PRO A 395 2.00 -23.23 -5.95
CA PRO A 395 1.58 -23.77 -4.64
C PRO A 395 2.18 -25.11 -4.27
N LEU A 396 2.51 -25.96 -5.22
CA LEU A 396 3.13 -27.24 -4.92
C LEU A 396 4.51 -27.36 -5.55
N GLY A 397 5.27 -26.28 -5.62
CA GLY A 397 6.60 -26.43 -6.20
C GLY A 397 7.13 -25.13 -6.74
N ALA A 398 8.03 -25.22 -7.71
CA ALA A 398 8.61 -24.04 -8.32
C ALA A 398 8.90 -24.33 -9.78
N LEU A 399 8.92 -23.27 -10.57
CA LEU A 399 9.31 -23.33 -11.98
C LEU A 399 10.57 -22.51 -12.13
N VAL A 400 11.67 -23.18 -12.47
CA VAL A 400 12.97 -22.53 -12.55
C VAL A 400 13.34 -22.36 -14.01
N ALA A 401 13.67 -21.14 -14.40
CA ALA A 401 14.18 -20.84 -15.73
C ALA A 401 15.63 -20.42 -15.60
N CYS A 402 16.52 -21.21 -16.19
CA CYS A 402 17.95 -21.01 -16.11
C CYS A 402 18.53 -20.91 -17.51
N TYR A 403 19.27 -19.84 -17.79
CA TYR A 403 19.67 -19.51 -19.15
C TYR A 403 21.13 -19.04 -19.10
N LYS A 404 21.52 -18.22 -20.06
CA LYS A 404 22.91 -17.97 -20.47
C LYS A 404 23.98 -18.12 -19.39
N GLY A 405 23.87 -17.36 -18.31
CA GLY A 405 25.00 -17.29 -17.40
C GLY A 405 24.65 -17.46 -15.94
N VAL A 406 23.67 -18.30 -15.66
CA VAL A 406 23.14 -18.48 -14.32
C VAL A 406 23.28 -19.93 -13.93
N SER A 407 23.65 -20.17 -12.68
CA SER A 407 23.81 -21.51 -12.12
C SER A 407 22.68 -21.78 -11.14
N CYS A 408 21.97 -22.88 -11.34
CA CYS A 408 20.85 -23.25 -10.50
C CYS A 408 21.13 -24.57 -9.79
N SER A 409 20.48 -24.77 -8.66
CA SER A 409 20.61 -26.03 -7.93
C SER A 409 19.39 -26.21 -7.04
N ILE A 410 19.17 -27.43 -6.60
CA ILE A 410 18.11 -27.74 -5.65
C ILE A 410 18.71 -28.51 -4.50
N GLY A 411 18.22 -28.22 -3.30
CA GLY A 411 18.71 -28.89 -2.11
C GLY A 411 17.66 -28.93 -1.04
N SER A 412 18.05 -29.46 0.11
CA SER A 412 17.16 -29.64 1.25
C SER A 412 17.78 -29.01 2.49
N ASN A 413 17.21 -29.33 3.65
CA ASN A 413 17.75 -28.79 4.89
C ASN A 413 18.81 -29.70 5.48
N ARG A 414 18.47 -30.97 5.67
CA ARG A 414 19.39 -31.90 6.33
C ARG A 414 20.56 -32.30 5.45
N VAL A 415 20.42 -32.25 4.13
CA VAL A 415 21.38 -32.85 3.22
C VAL A 415 22.23 -31.79 2.51
N GLY A 416 21.62 -30.67 2.11
CA GLY A 416 22.35 -29.65 1.41
C GLY A 416 22.13 -29.73 -0.09
N ILE A 417 23.11 -29.30 -0.88
CA ILE A 417 22.96 -29.30 -2.33
C ILE A 417 22.68 -30.71 -2.81
N ILE A 418 21.46 -30.94 -3.30
CA ILE A 418 21.09 -32.25 -3.84
C ILE A 418 21.55 -32.41 -5.27
N LYS A 419 21.23 -31.45 -6.15
CA LYS A 419 21.75 -31.56 -7.51
C LYS A 419 21.71 -30.21 -8.20
N GLN A 420 22.31 -30.16 -9.38
CA GLN A 420 22.27 -29.01 -10.26
C GLN A 420 21.15 -29.20 -11.29
N LEU A 421 20.89 -28.17 -12.08
CA LEU A 421 19.82 -28.22 -13.05
C LEU A 421 20.36 -27.88 -14.42
N ASN A 422 19.76 -28.47 -15.45
CA ASN A 422 20.15 -28.18 -16.80
C ASN A 422 19.54 -26.86 -17.26
N LYS A 423 20.08 -26.31 -18.34
CA LYS A 423 19.55 -25.08 -18.88
C LYS A 423 18.16 -25.32 -19.45
N GLY A 424 17.37 -24.27 -19.49
CA GLY A 424 15.98 -24.35 -19.85
C GLY A 424 15.08 -24.11 -18.66
N CYS A 425 13.85 -24.59 -18.78
CA CYS A 425 12.87 -24.46 -17.71
C CYS A 425 12.51 -25.85 -17.19
N SER A 426 12.41 -25.95 -15.87
CA SER A 426 12.09 -27.22 -15.25
C SER A 426 11.19 -27.00 -14.03
N TYR A 427 10.46 -28.05 -13.68
CA TYR A 427 9.46 -28.01 -12.63
C TYR A 427 9.95 -28.83 -11.46
N ILE A 428 10.13 -28.17 -10.32
CA ILE A 428 10.68 -28.79 -9.11
C ILE A 428 9.53 -28.94 -8.13
N THR A 429 9.08 -30.18 -7.93
CA THR A 429 8.03 -30.42 -6.96
C THR A 429 8.55 -30.15 -5.57
N ASN A 430 7.65 -29.92 -4.62
CA ASN A 430 8.12 -29.63 -3.27
C ASN A 430 8.24 -30.89 -2.43
N GLN A 431 8.43 -32.04 -3.07
CA GLN A 431 8.64 -33.29 -2.36
C GLN A 431 10.04 -33.84 -2.55
N ASP A 432 10.75 -33.42 -3.59
CA ASP A 432 12.14 -33.79 -3.79
C ASP A 432 13.10 -32.63 -3.55
N ALA A 433 12.62 -31.53 -2.98
CA ALA A 433 13.48 -30.40 -2.72
C ALA A 433 12.85 -29.57 -1.61
N ASP A 434 13.68 -28.77 -0.97
CA ASP A 434 13.20 -27.78 -0.01
C ASP A 434 13.60 -26.36 -0.37
N THR A 435 14.77 -26.17 -0.94
CA THR A 435 15.20 -24.87 -1.38
C THR A 435 15.72 -24.95 -2.80
N VAL A 436 15.45 -23.90 -3.57
CA VAL A 436 15.93 -23.77 -4.94
C VAL A 436 16.84 -22.55 -5.00
N THR A 437 17.99 -22.71 -5.63
CA THR A 437 19.02 -21.67 -5.64
C THR A 437 19.29 -21.23 -7.08
N ILE A 438 19.12 -19.94 -7.34
CA ILE A 438 19.63 -19.24 -8.52
C ILE A 438 20.93 -18.63 -8.05
N ASP A 439 21.74 -18.07 -8.95
CA ASP A 439 23.18 -17.93 -8.75
C ASP A 439 23.61 -17.72 -7.30
N ASN A 440 22.91 -16.86 -6.55
CA ASN A 440 23.18 -16.75 -5.12
C ASN A 440 21.92 -16.60 -4.28
N THR A 441 20.74 -16.61 -4.89
CA THR A 441 19.47 -16.42 -4.21
C THR A 441 18.87 -17.77 -3.87
N VAL A 442 18.36 -17.90 -2.65
CA VAL A 442 17.75 -19.14 -2.18
C VAL A 442 16.29 -18.91 -1.89
N TYR A 443 15.42 -19.76 -2.43
CA TYR A 443 13.99 -19.68 -2.24
C TYR A 443 13.52 -20.94 -1.54
N GLN A 444 12.63 -20.78 -0.57
CA GLN A 444 12.11 -21.88 0.21
C GLN A 444 10.73 -22.28 -0.31
N LEU A 445 10.62 -23.49 -0.84
CA LEU A 445 9.36 -23.97 -1.37
C LEU A 445 8.32 -24.10 -0.24
N SER A 446 7.06 -23.91 -0.61
CA SER A 446 5.96 -24.21 0.29
C SER A 446 5.74 -25.70 0.39
N LYS A 447 5.28 -26.16 1.56
CA LYS A 447 5.19 -27.58 1.83
C LYS A 447 3.76 -28.10 1.81
N VAL A 448 2.91 -27.58 0.93
CA VAL A 448 1.55 -28.09 0.80
C VAL A 448 1.58 -29.49 0.25
N GLU A 449 0.52 -30.26 0.51
CA GLU A 449 0.42 -31.64 0.06
C GLU A 449 -0.63 -31.75 -1.04
N GLY A 450 -0.27 -32.36 -2.15
CA GLY A 450 -1.19 -32.55 -3.23
C GLY A 450 -0.65 -33.59 -4.18
N GLU A 451 -1.14 -33.58 -5.40
CA GLU A 451 -0.67 -34.49 -6.43
C GLU A 451 -0.21 -33.70 -7.64
N GLN A 452 1.04 -33.90 -8.03
CA GLN A 452 1.64 -33.21 -9.15
C GLN A 452 1.54 -34.09 -10.39
N HIS A 453 1.47 -33.45 -11.55
CA HIS A 453 1.14 -34.16 -12.78
C HIS A 453 1.75 -33.37 -13.94
N VAL A 454 2.64 -33.99 -14.71
CA VAL A 454 3.32 -33.31 -15.79
C VAL A 454 2.62 -33.65 -17.10
N ILE A 455 2.47 -32.66 -17.97
CA ILE A 455 1.81 -32.83 -19.27
C ILE A 455 2.85 -32.64 -20.36
N LYS A 456 2.98 -33.63 -21.24
CA LYS A 456 4.05 -33.62 -22.22
C LYS A 456 3.77 -32.61 -23.33
N GLY A 457 4.77 -32.40 -24.17
CA GLY A 457 4.66 -31.49 -25.29
C GLY A 457 5.93 -30.69 -25.52
N ARG A 458 6.19 -30.35 -26.77
CA ARG A 458 7.33 -29.53 -27.16
C ARG A 458 6.99 -28.06 -27.00
N PRO A 459 7.91 -27.25 -26.48
CA PRO A 459 7.60 -25.85 -26.23
C PRO A 459 7.18 -25.12 -27.48
N VAL A 460 6.37 -24.08 -27.30
CA VAL A 460 6.00 -23.23 -28.43
C VAL A 460 7.21 -22.48 -28.95
N SER A 461 8.12 -22.09 -28.06
CA SER A 461 9.27 -21.29 -28.44
C SER A 461 10.24 -22.03 -29.36
N SER A 462 10.17 -23.36 -29.41
CA SER A 462 10.96 -24.10 -30.39
C SER A 462 10.35 -24.05 -31.77
N SER A 463 9.17 -23.45 -31.93
CA SER A 463 8.58 -23.32 -33.25
C SER A 463 9.12 -22.12 -34.01
N PHE A 464 9.58 -21.09 -33.31
CA PHE A 464 10.03 -19.86 -33.93
C PHE A 464 11.43 -20.02 -34.51
N ASP A 465 11.80 -19.08 -35.37
CA ASP A 465 13.17 -18.92 -35.81
C ASP A 465 13.74 -17.71 -35.10
N PRO A 466 14.79 -17.86 -34.29
CA PRO A 466 15.27 -16.71 -33.51
C PRO A 466 15.65 -15.52 -34.37
N ILE A 467 16.10 -15.75 -35.59
CA ILE A 467 16.15 -14.71 -36.61
C ILE A 467 14.79 -14.66 -37.29
N LYS A 468 14.35 -13.46 -37.66
CA LYS A 468 12.99 -13.22 -38.14
C LYS A 468 11.96 -13.30 -37.03
N PHE A 469 12.34 -13.03 -35.81
CA PHE A 469 11.39 -12.93 -34.72
C PHE A 469 10.93 -11.48 -34.57
N PRO A 470 9.64 -11.25 -34.35
CA PRO A 470 9.13 -9.89 -34.22
C PRO A 470 9.72 -9.20 -33.01
N PRO A 471 9.70 -7.87 -32.98
CA PRO A 471 10.24 -7.15 -31.84
C PRO A 471 9.50 -7.44 -30.54
N ASP A 472 9.88 -6.79 -29.45
CA ASP A 472 9.21 -7.01 -28.19
C ASP A 472 7.74 -6.61 -28.28
N GLN A 473 6.87 -7.46 -27.77
CA GLN A 473 5.45 -7.18 -27.65
C GLN A 473 5.06 -7.16 -26.18
N PHE A 474 3.85 -6.70 -25.90
CA PHE A 474 3.36 -6.62 -24.53
C PHE A 474 1.87 -6.88 -24.55
N ASN A 475 1.47 -8.05 -24.04
CA ASN A 475 0.07 -8.45 -23.96
C ASN A 475 -0.60 -8.42 -25.33
N VAL A 476 -0.09 -9.24 -26.23
CA VAL A 476 -0.74 -9.47 -27.50
C VAL A 476 -1.23 -10.90 -27.51
N ALA A 477 -2.13 -11.20 -28.44
CA ALA A 477 -2.53 -12.59 -28.62
C ALA A 477 -1.44 -13.32 -29.37
N LEU A 478 -1.33 -14.63 -29.12
CA LEU A 478 -0.28 -15.41 -29.76
C LEU A 478 -0.50 -15.48 -31.27
N ASP A 479 -1.74 -15.68 -31.69
CA ASP A 479 -2.03 -15.79 -33.10
C ASP A 479 -1.65 -14.52 -33.87
N GLN A 480 -1.55 -13.39 -33.18
CA GLN A 480 -1.05 -12.18 -33.84
C GLN A 480 0.45 -12.27 -34.11
N VAL A 481 1.20 -12.90 -33.20
CA VAL A 481 2.62 -13.13 -33.46
C VAL A 481 2.80 -13.98 -34.71
N PHE A 482 2.02 -15.06 -34.79
CA PHE A 482 2.13 -15.91 -35.98
C PHE A 482 1.74 -15.14 -37.24
N GLU A 483 0.69 -14.31 -37.15
CA GLU A 483 0.28 -13.52 -38.33
C GLU A 483 1.38 -12.57 -38.75
N ASN A 484 2.07 -11.96 -37.80
CA ASN A 484 3.16 -11.04 -38.13
C ASN A 484 4.24 -11.75 -38.94
N ILE A 485 4.70 -12.91 -38.45
CA ILE A 485 5.73 -13.63 -39.17
C ILE A 485 5.25 -14.01 -40.57
N GLU A 486 3.99 -14.46 -40.67
CA GLU A 486 3.46 -14.88 -41.97
C GLU A 486 3.38 -13.70 -42.95
N ASN A 487 2.98 -12.52 -42.48
CA ASN A 487 2.90 -11.36 -43.35
C ASN A 487 4.27 -10.98 -43.89
N SER A 488 5.30 -11.02 -43.03
CA SER A 488 6.64 -10.71 -43.54
C SER A 488 7.07 -11.71 -44.61
N GLN A 489 6.83 -13.01 -44.37
CA GLN A 489 7.14 -14.01 -45.40
C GLN A 489 6.42 -13.69 -46.70
N ALA A 490 5.15 -13.30 -46.61
CA ALA A 490 4.37 -13.07 -47.82
C ALA A 490 4.92 -11.90 -48.62
N TRP A 491 5.32 -10.81 -47.95
CA TRP A 491 5.86 -9.69 -48.70
C TRP A 491 7.18 -10.05 -49.38
N VAL A 492 8.04 -10.79 -48.68
CA VAL A 492 9.28 -11.21 -49.29
C VAL A 492 9.00 -12.06 -50.53
N ARG A 493 8.04 -12.97 -50.43
CA ARG A 493 7.67 -13.79 -51.59
C ARG A 493 7.12 -12.94 -52.71
N LYS A 494 6.39 -11.87 -52.38
CA LYS A 494 5.82 -11.02 -53.43
C LYS A 494 6.93 -10.33 -54.22
N PHE A 495 7.96 -9.82 -53.53
CA PHE A 495 9.12 -9.31 -54.23
C PHE A 495 9.85 -10.39 -55.03
N ASP A 496 9.96 -11.60 -54.47
CA ASP A 496 10.70 -12.65 -55.18
C ASP A 496 9.98 -13.10 -56.45
N GLU A 497 8.65 -13.13 -56.44
CA GLU A 497 7.91 -13.53 -57.63
C GLU A 497 8.16 -12.54 -58.77
N ILE A 498 8.16 -11.25 -58.47
CA ILE A 498 8.36 -10.22 -59.48
C ILE A 498 9.82 -10.20 -59.92
N LEU A 499 10.10 -10.74 -61.10
CA LEU A 499 11.43 -10.75 -61.67
C LEU A 499 11.57 -9.82 -62.86
N SER A 500 10.64 -9.91 -63.82
CA SER A 500 10.69 -9.14 -65.06
C SER A 500 12.01 -9.39 -65.80
N LEU B 19 29.74 9.79 -1.93
CA LEU B 19 29.11 9.26 -3.12
C LEU B 19 29.73 9.95 -4.31
N LYS B 20 29.26 9.65 -5.51
CA LYS B 20 29.79 10.28 -6.70
C LYS B 20 28.76 10.14 -7.82
N GLU B 21 28.33 11.24 -8.41
CA GLU B 21 27.24 11.21 -9.37
C GLU B 21 27.68 11.74 -10.71
N SER B 22 27.41 10.99 -11.77
CA SER B 22 27.71 11.41 -13.13
C SER B 22 26.43 11.74 -13.87
N TYR B 23 26.45 12.81 -14.63
CA TYR B 23 25.35 13.18 -15.52
C TYR B 23 25.76 12.82 -16.93
N LEU B 24 25.01 11.89 -17.55
CA LEU B 24 25.31 11.37 -18.86
C LEU B 24 24.48 12.14 -19.87
N GLU B 25 25.14 12.89 -20.75
CA GLU B 25 24.43 13.75 -21.68
C GLU B 25 23.75 12.95 -22.78
N GLU B 26 24.42 11.94 -23.32
CA GLU B 26 23.88 11.26 -24.48
C GLU B 26 22.58 10.55 -24.15
N SER B 27 22.52 9.81 -23.06
CA SER B 27 21.27 9.18 -22.69
C SER B 27 20.42 10.07 -21.83
N CYS B 28 20.96 11.21 -21.40
CA CYS B 28 20.23 12.21 -20.63
C CYS B 28 19.77 11.65 -19.29
N SER B 29 20.69 11.05 -18.56
CA SER B 29 20.32 10.41 -17.32
C SER B 29 21.44 10.60 -16.33
N THR B 30 21.34 9.95 -15.17
CA THR B 30 22.34 10.17 -14.15
C THR B 30 22.55 8.88 -13.38
N ILE B 31 23.79 8.62 -13.02
CA ILE B 31 24.18 7.40 -12.32
C ILE B 31 24.98 7.77 -11.08
N THR B 32 24.53 7.31 -9.92
CA THR B 32 25.17 7.65 -8.66
C THR B 32 25.74 6.40 -8.01
N GLU B 33 27.03 6.45 -7.68
CA GLU B 33 27.80 5.32 -7.19
C GLU B 33 28.41 5.66 -5.84
N GLY B 34 28.92 4.64 -5.17
CA GLY B 34 29.52 4.80 -3.88
C GLY B 34 28.71 4.31 -2.71
N TYR B 35 27.66 3.55 -2.95
CA TYR B 35 26.84 3.01 -1.88
C TYR B 35 27.43 1.70 -1.39
N LEU B 36 26.84 1.15 -0.35
CA LEU B 36 27.26 -0.13 0.17
C LEU B 36 26.01 -0.89 0.57
N SER B 37 25.95 -2.16 0.23
CA SER B 37 24.72 -2.93 0.35
C SER B 37 24.61 -3.61 1.71
N VAL B 38 23.37 -3.85 2.11
CA VAL B 38 23.02 -4.72 3.24
C VAL B 38 21.89 -5.60 2.74
N LEU B 39 22.21 -6.82 2.32
CA LEU B 39 21.28 -7.67 1.60
C LEU B 39 20.69 -8.72 2.52
N ARG B 40 19.37 -8.87 2.48
CA ARG B 40 18.75 -9.96 3.22
C ARG B 40 19.00 -11.28 2.51
N THR B 41 19.40 -12.31 3.27
CA THR B 41 19.67 -13.62 2.68
C THR B 41 19.09 -14.77 3.50
N GLY B 42 17.94 -14.60 4.12
CA GLY B 42 17.33 -15.69 4.86
C GLY B 42 16.55 -15.17 6.03
N TRP B 43 15.91 -16.10 6.74
CA TRP B 43 15.04 -15.78 7.86
C TRP B 43 15.45 -16.57 9.09
N TYR B 44 15.27 -15.96 10.26
CA TYR B 44 15.49 -16.59 11.55
C TYR B 44 14.21 -16.57 12.33
N THR B 45 13.88 -17.69 12.99
CA THR B 45 12.58 -17.87 13.61
C THR B 45 12.68 -17.98 15.12
N ASN B 46 11.93 -17.12 15.80
CA ASN B 46 11.80 -17.14 17.25
C ASN B 46 10.40 -17.62 17.58
N VAL B 47 10.27 -18.49 18.57
CA VAL B 47 8.99 -19.08 18.95
C VAL B 47 8.66 -18.66 20.36
N PHE B 48 7.62 -17.86 20.54
CA PHE B 48 7.27 -17.29 21.83
C PHE B 48 6.12 -18.06 22.45
N THR B 49 6.25 -18.37 23.73
CA THR B 49 5.23 -19.06 24.52
C THR B 49 4.76 -18.13 25.62
N LEU B 50 3.61 -17.46 25.44
CA LEU B 50 3.14 -16.50 26.42
C LEU B 50 2.15 -17.17 27.36
N GLU B 51 2.42 -17.14 28.65
CA GLU B 51 1.66 -17.93 29.60
C GLU B 51 0.71 -17.05 30.40
N VAL B 52 -0.53 -17.52 30.55
CA VAL B 52 -1.59 -16.74 31.17
C VAL B 52 -2.01 -17.31 32.53
N GLY B 53 -1.88 -18.60 32.75
CA GLY B 53 -2.20 -19.15 34.04
C GLY B 53 -3.60 -19.72 34.10
N ASP B 54 -4.07 -19.91 35.32
CA ASP B 54 -5.40 -20.45 35.54
C ASP B 54 -6.47 -19.38 35.73
N VAL B 55 -6.52 -18.38 34.85
CA VAL B 55 -7.61 -17.43 34.93
C VAL B 55 -8.93 -18.11 34.60
N GLU B 56 -8.87 -19.20 33.83
CA GLU B 56 -10.11 -19.82 33.37
C GLU B 56 -10.86 -20.51 34.49
N ASN B 57 -10.28 -20.64 35.69
CA ASN B 57 -11.02 -21.22 36.81
C ASN B 57 -10.93 -20.29 38.01
N LEU B 58 -11.15 -19.00 37.78
CA LEU B 58 -11.31 -17.99 38.81
C LEU B 58 -12.66 -17.30 38.60
N THR B 59 -13.48 -17.28 39.63
CA THR B 59 -14.82 -16.70 39.55
C THR B 59 -14.96 -15.58 40.55
N CYS B 60 -16.06 -14.84 40.42
CA CYS B 60 -16.35 -13.71 41.28
C CYS B 60 -17.85 -13.69 41.57
N SER B 61 -18.22 -13.25 42.77
CA SER B 61 -19.63 -13.19 43.12
C SER B 61 -20.05 -11.92 43.84
N ASP B 62 -19.15 -10.99 44.10
CA ASP B 62 -19.55 -9.78 44.83
C ASP B 62 -20.43 -8.89 43.96
N GLY B 63 -20.01 -8.64 42.73
CA GLY B 63 -20.64 -7.65 41.90
C GLY B 63 -19.59 -6.84 41.19
N PRO B 64 -19.96 -5.67 40.70
CA PRO B 64 -18.99 -4.85 39.95
C PRO B 64 -17.83 -4.41 40.83
N SER B 65 -16.62 -4.54 40.29
CA SER B 65 -15.39 -4.11 40.94
C SER B 65 -14.31 -3.98 39.87
N LEU B 66 -13.07 -3.83 40.30
CA LEU B 66 -11.95 -3.65 39.38
C LEU B 66 -11.33 -4.98 38.97
N ILE B 67 -11.08 -5.86 39.94
CA ILE B 67 -10.49 -7.15 39.63
C ILE B 67 -11.42 -7.96 38.74
N LYS B 68 -12.73 -7.86 38.98
CA LYS B 68 -13.69 -8.60 38.16
C LYS B 68 -13.68 -8.11 36.72
N THR B 69 -13.61 -6.80 36.51
CA THR B 69 -13.54 -6.28 35.15
C THR B 69 -12.28 -6.73 34.44
N GLU B 70 -11.13 -6.63 35.11
CA GLU B 70 -9.89 -7.05 34.48
C GLU B 70 -9.89 -8.54 34.18
N LEU B 71 -10.41 -9.35 35.11
CA LEU B 71 -10.37 -10.79 34.96
C LEU B 71 -11.33 -11.25 33.87
N ASP B 72 -12.47 -10.58 33.72
CA ASP B 72 -13.35 -10.87 32.61
C ASP B 72 -12.72 -10.50 31.29
N LEU B 73 -11.95 -9.42 31.25
CA LEU B 73 -11.20 -9.08 30.04
C LEU B 73 -10.20 -10.18 29.68
N THR B 74 -9.48 -10.70 30.66
CA THR B 74 -8.49 -11.74 30.36
C THR B 74 -9.16 -13.03 29.86
N LYS B 75 -10.21 -13.48 30.55
CA LYS B 75 -10.90 -14.68 30.10
C LYS B 75 -11.49 -14.50 28.72
N SER B 76 -12.08 -13.35 28.44
CA SER B 76 -12.65 -13.11 27.12
C SER B 76 -11.58 -13.09 26.05
N ALA B 77 -10.39 -12.57 26.38
CA ALA B 77 -9.32 -12.59 25.39
C ALA B 77 -8.94 -14.02 25.02
N LEU B 78 -8.79 -14.90 26.02
CA LEU B 78 -8.52 -16.29 25.68
C LEU B 78 -9.63 -16.91 24.84
N ARG B 79 -10.88 -16.69 25.21
CA ARG B 79 -11.95 -17.33 24.44
C ARG B 79 -12.06 -16.77 23.03
N GLU B 80 -11.69 -15.51 22.84
CA GLU B 80 -11.65 -14.88 21.53
C GLU B 80 -10.54 -15.40 20.64
N LEU B 81 -9.37 -15.69 21.19
CA LEU B 81 -8.24 -16.03 20.33
C LEU B 81 -8.32 -17.44 19.74
N LYS B 82 -9.29 -18.25 20.13
CA LYS B 82 -9.34 -19.62 19.66
C LYS B 82 -10.15 -19.78 18.38
N THR B 83 -10.62 -18.69 17.76
CA THR B 83 -11.26 -18.77 16.46
C THR B 83 -10.44 -18.10 15.37
N VAL B 84 -9.17 -17.76 15.65
CA VAL B 84 -8.31 -17.06 14.72
C VAL B 84 -7.31 -18.06 14.17
N SER B 85 -7.28 -18.19 12.85
CA SER B 85 -6.44 -19.17 12.20
C SER B 85 -5.62 -18.50 11.11
N ALA B 86 -4.38 -18.93 10.97
CA ALA B 86 -3.47 -18.35 10.00
C ALA B 86 -3.37 -19.12 8.70
N ASP B 87 -3.61 -20.43 8.72
CA ASP B 87 -3.61 -21.20 7.48
C ASP B 87 -4.58 -22.38 7.55
N GLN B 88 -5.79 -22.15 8.06
CA GLN B 88 -6.82 -23.17 8.00
C GLN B 88 -8.19 -22.51 8.12
N LEU B 89 -9.20 -23.16 7.57
CA LEU B 89 -10.57 -22.69 7.67
C LEU B 89 -11.33 -23.65 8.56
N ARG B 90 -11.90 -23.12 9.63
CA ARG B 90 -12.48 -23.95 10.69
C ARG B 90 -13.89 -24.36 10.32
N ARG B 91 -14.15 -25.67 10.42
CA ARG B 91 -15.45 -26.22 10.08
C ARG B 91 -15.98 -27.00 11.28
N ARG B 92 -15.93 -26.39 12.45
CA ARG B 92 -16.43 -27.00 13.68
C ARG B 92 -17.96 -27.09 13.66
N PHE B 121 9.26 -8.05 -22.73
CA PHE B 121 9.63 -8.29 -21.35
C PHE B 121 9.85 -7.00 -20.61
N VAL B 122 8.85 -6.62 -19.81
CA VAL B 122 8.89 -5.42 -19.00
C VAL B 122 9.32 -5.87 -17.61
N LEU B 123 10.60 -5.69 -17.29
CA LEU B 123 11.14 -6.25 -16.06
C LEU B 123 10.58 -5.60 -14.81
N GLY B 124 9.86 -4.50 -14.92
CA GLY B 124 9.23 -3.99 -13.74
C GLY B 124 7.95 -4.69 -13.36
N ALA B 125 7.38 -5.46 -14.27
CA ALA B 125 6.16 -6.22 -14.04
C ALA B 125 6.41 -7.67 -13.67
N ILE B 126 7.53 -8.24 -14.11
CA ILE B 126 7.89 -9.60 -13.72
C ILE B 126 8.16 -9.67 -12.23
N ALA B 127 8.79 -8.63 -11.68
CA ALA B 127 8.92 -8.43 -10.23
C ALA B 127 7.59 -7.91 -9.73
N LEU B 128 7.59 -7.19 -8.61
CA LEU B 128 6.36 -6.61 -8.07
C LEU B 128 5.41 -7.67 -7.51
N GLY B 129 5.83 -8.29 -6.42
CA GLY B 129 4.97 -9.23 -5.72
C GLY B 129 5.76 -10.44 -5.33
N ARG B 130 7.03 -10.48 -5.74
CA ARG B 130 7.86 -11.62 -5.40
C ARG B 130 8.28 -11.59 -3.94
N ALA B 131 8.65 -10.42 -3.43
CA ALA B 131 9.25 -10.35 -2.11
C ALA B 131 8.26 -10.76 -1.03
N THR B 132 7.06 -10.18 -1.06
CA THR B 132 6.09 -10.44 0.00
C THR B 132 5.49 -11.83 -0.12
N ALA B 133 5.24 -12.29 -1.34
CA ALA B 133 4.76 -13.65 -1.51
C ALA B 133 5.78 -14.65 -0.99
N ALA B 134 7.07 -14.44 -1.29
CA ALA B 134 8.08 -15.36 -0.80
C ALA B 134 8.19 -15.32 0.72
N ALA B 135 8.09 -14.12 1.30
CA ALA B 135 8.15 -14.01 2.76
C ALA B 135 7.03 -14.80 3.43
N VAL B 136 5.79 -14.63 2.94
CA VAL B 136 4.66 -15.32 3.56
C VAL B 136 4.75 -16.82 3.32
N THR B 137 5.20 -17.24 2.14
CA THR B 137 5.34 -18.66 1.86
C THR B 137 6.30 -19.32 2.84
N ALA B 138 7.46 -18.69 3.09
CA ALA B 138 8.41 -19.24 4.04
C ALA B 138 7.84 -19.29 5.44
N GLY B 139 7.16 -18.22 5.86
CA GLY B 139 6.61 -18.20 7.21
C GLY B 139 5.60 -19.31 7.44
N VAL B 140 4.65 -19.46 6.51
CA VAL B 140 3.64 -20.49 6.67
C VAL B 140 4.22 -21.89 6.52
N ALA B 141 5.28 -22.05 5.72
CA ALA B 141 5.93 -23.35 5.61
C ALA B 141 6.53 -23.79 6.93
N ILE B 142 7.12 -22.87 7.69
CA ILE B 142 7.64 -23.25 9.02
C ILE B 142 6.50 -23.44 10.01
N ALA B 143 5.46 -22.60 9.93
CA ALA B 143 4.37 -22.70 10.88
C ALA B 143 3.65 -24.04 10.77
N LYS B 144 3.48 -24.55 9.55
CA LYS B 144 2.88 -25.88 9.39
C LYS B 144 3.65 -26.94 10.16
N THR B 145 4.97 -26.76 10.30
CA THR B 145 5.80 -27.72 11.01
C THR B 145 5.74 -27.53 12.52
N ILE B 146 5.54 -26.31 13.00
CA ILE B 146 5.46 -26.15 14.46
C ILE B 146 4.08 -26.48 15.02
N ARG B 147 3.02 -26.48 14.22
CA ARG B 147 1.68 -26.70 14.77
C ARG B 147 1.46 -28.14 15.23
N LEU B 148 2.35 -29.06 14.88
CA LEU B 148 2.16 -30.45 15.27
C LEU B 148 2.24 -30.57 16.79
N GLU B 149 1.63 -31.62 17.32
CA GLU B 149 1.63 -31.80 18.76
C GLU B 149 2.99 -32.28 19.27
N SER B 150 3.69 -33.08 18.48
CA SER B 150 5.03 -33.50 18.88
C SER B 150 5.98 -32.31 18.95
N GLU B 151 5.88 -31.37 18.02
CA GLU B 151 6.75 -30.21 18.04
C GLU B 151 6.47 -29.34 19.25
N VAL B 152 5.21 -29.04 19.52
CA VAL B 152 4.90 -28.17 20.66
C VAL B 152 5.25 -28.87 21.96
N THR B 153 5.10 -30.19 22.02
CA THR B 153 5.52 -30.90 23.22
C THR B 153 7.02 -30.76 23.43
N ALA B 154 7.82 -30.95 22.38
CA ALA B 154 9.27 -30.81 22.53
C ALA B 154 9.65 -29.40 22.90
N ILE B 155 9.01 -28.40 22.28
CA ILE B 155 9.34 -27.01 22.55
C ILE B 155 9.01 -26.66 24.00
N LYS B 156 7.84 -27.08 24.48
CA LYS B 156 7.50 -26.80 25.87
C LYS B 156 8.38 -27.58 26.84
N ASN B 157 8.93 -28.72 26.42
CA ASN B 157 9.85 -29.43 27.30
C ASN B 157 11.21 -28.75 27.36
N ALA B 158 11.61 -28.04 26.30
CA ALA B 158 12.88 -27.32 26.37
C ALA B 158 12.85 -26.20 27.41
N LEU B 159 11.75 -25.44 27.46
CA LEU B 159 11.62 -24.29 28.34
C LEU B 159 11.05 -24.65 29.69
N LYS B 160 11.15 -25.91 30.09
CA LYS B 160 10.55 -26.35 31.34
C LYS B 160 11.21 -25.68 32.52
N THR B 161 12.54 -25.58 32.51
CA THR B 161 13.32 -25.05 33.62
C THR B 161 14.09 -23.79 33.28
N THR B 162 14.06 -23.33 32.03
CA THR B 162 14.73 -22.10 31.65
C THR B 162 13.74 -21.16 30.97
N ASN B 163 14.23 -20.06 30.39
CA ASN B 163 13.36 -19.13 29.69
C ASN B 163 13.85 -18.82 28.30
N GLU B 164 14.83 -19.56 27.79
CA GLU B 164 15.25 -19.44 26.41
C GLU B 164 16.11 -20.64 26.07
N ALA B 165 15.88 -21.22 24.91
CA ALA B 165 16.65 -22.39 24.52
C ALA B 165 16.58 -22.54 23.01
N VAL B 166 17.71 -22.88 22.40
CA VAL B 166 17.76 -23.12 20.95
C VAL B 166 17.33 -24.56 20.73
N SER B 167 16.30 -24.76 19.92
CA SER B 167 15.82 -26.10 19.67
C SER B 167 15.80 -26.37 18.18
N THR B 168 15.77 -27.64 17.82
CA THR B 168 15.69 -28.05 16.42
C THR B 168 14.35 -28.71 16.20
N LEU B 169 13.65 -28.30 15.15
CA LEU B 169 12.35 -28.86 14.85
C LEU B 169 12.52 -30.26 14.29
N GLY B 170 11.44 -30.82 13.74
CA GLY B 170 11.51 -32.12 13.13
C GLY B 170 12.07 -32.17 11.72
N ASN B 171 12.15 -31.03 11.04
CA ASN B 171 12.68 -30.98 9.69
C ASN B 171 14.11 -30.49 9.63
N GLY B 172 14.77 -30.36 10.78
CA GLY B 172 16.16 -29.98 10.83
C GLY B 172 16.43 -28.50 10.95
N VAL B 173 15.40 -27.67 10.92
CA VAL B 173 15.58 -26.23 11.09
C VAL B 173 15.81 -25.94 12.56
N ARG B 174 16.73 -25.02 12.84
CA ARG B 174 17.04 -24.60 14.20
C ARG B 174 16.34 -23.29 14.49
N VAL B 175 15.48 -23.27 15.51
CA VAL B 175 14.75 -22.07 15.91
C VAL B 175 15.14 -21.74 17.34
N LEU B 176 14.72 -20.57 17.79
CA LEU B 176 15.01 -20.14 19.16
C LEU B 176 13.71 -20.03 19.93
N ALA B 177 13.56 -20.78 21.00
CA ALA B 177 12.31 -20.80 21.74
C ALA B 177 12.46 -20.01 23.02
N THR B 178 11.49 -19.14 23.30
CA THR B 178 11.51 -18.29 24.48
C THR B 178 10.12 -18.22 25.11
N ALA B 179 10.08 -18.02 26.42
CA ALA B 179 8.86 -18.08 27.21
C ALA B 179 8.65 -16.79 27.97
N VAL B 180 7.40 -16.37 28.07
CA VAL B 180 7.02 -15.13 28.73
C VAL B 180 6.11 -15.50 29.91
N ARG B 181 6.57 -15.26 31.13
CA ARG B 181 5.99 -15.86 32.32
C ARG B 181 5.70 -14.86 33.43
N GLU B 182 5.27 -13.65 33.10
CA GLU B 182 5.04 -12.68 34.18
C GLU B 182 3.59 -12.68 34.63
N LEU B 183 2.66 -12.68 33.67
CA LEU B 183 1.24 -12.74 34.03
C LEU B 183 0.93 -14.03 34.76
N LYS B 184 1.52 -15.14 34.32
CA LYS B 184 1.25 -16.42 34.95
C LYS B 184 1.72 -16.46 36.39
N ASP B 185 2.92 -15.95 36.64
CA ASP B 185 3.44 -15.93 38.00
C ASP B 185 2.62 -15.01 38.90
N PHE B 186 2.18 -13.86 38.37
CA PHE B 186 1.29 -13.01 39.15
C PHE B 186 -0.02 -13.72 39.48
N VAL B 187 -0.60 -14.43 38.52
CA VAL B 187 -1.88 -15.09 38.77
C VAL B 187 -1.71 -16.21 39.79
N SER B 188 -0.63 -16.98 39.69
CA SER B 188 -0.46 -18.10 40.63
C SER B 188 -0.10 -17.62 42.02
N LYS B 189 0.81 -16.64 42.14
CA LYS B 189 1.38 -16.32 43.43
C LYS B 189 0.58 -15.26 44.19
N ASN B 190 0.20 -14.17 43.51
CA ASN B 190 -0.49 -13.06 44.14
C ASN B 190 -2.01 -13.13 43.99
N LEU B 191 -2.49 -13.19 42.75
CA LEU B 191 -3.92 -12.99 42.52
C LEU B 191 -4.75 -14.08 43.15
N THR B 192 -4.36 -15.34 42.98
CA THR B 192 -5.20 -16.44 43.42
C THR B 192 -5.37 -16.46 44.92
N ARG B 193 -4.32 -16.10 45.66
CA ARG B 193 -4.42 -16.13 47.11
C ARG B 193 -5.45 -15.14 47.62
N ALA B 194 -5.50 -13.95 47.03
CA ALA B 194 -6.43 -12.91 47.50
C ALA B 194 -7.87 -13.28 47.18
N ILE B 195 -8.14 -13.77 45.97
CA ILE B 195 -9.48 -14.17 45.56
C ILE B 195 -9.69 -15.58 46.10
N ASN B 196 -10.13 -15.69 47.35
CA ASN B 196 -10.18 -16.99 48.00
C ASN B 196 -11.58 -17.57 48.13
N LYS B 197 -12.58 -16.74 48.36
CA LYS B 197 -13.95 -17.20 48.54
C LYS B 197 -14.89 -16.58 47.53
N ASN B 198 -14.42 -16.47 46.28
CA ASN B 198 -15.19 -15.86 45.21
C ASN B 198 -15.58 -14.43 45.55
N LYS B 199 -14.66 -13.69 46.15
CA LYS B 199 -14.85 -12.29 46.47
C LYS B 199 -13.81 -11.47 45.74
N CYS B 200 -14.23 -10.35 45.17
CA CYS B 200 -13.30 -9.46 44.51
C CYS B 200 -13.59 -8.00 44.76
N ASP B 201 -14.52 -7.67 45.62
CA ASP B 201 -14.76 -6.27 45.98
C ASP B 201 -13.98 -5.96 47.26
N ILE B 202 -12.70 -6.33 47.24
CA ILE B 202 -11.82 -6.17 48.38
C ILE B 202 -11.33 -4.74 48.42
N ASP B 203 -10.74 -4.36 49.55
CA ASP B 203 -10.26 -2.99 49.76
C ASP B 203 -8.76 -2.86 49.53
N ASP B 204 -8.18 -3.67 48.65
CA ASP B 204 -6.75 -3.63 48.43
C ASP B 204 -6.36 -2.55 47.42
N LEU B 205 -6.81 -2.71 46.17
CA LEU B 205 -6.70 -1.71 45.11
C LEU B 205 -5.26 -1.56 44.62
N LYS B 206 -4.30 -2.15 45.33
CA LYS B 206 -2.97 -2.32 44.77
C LYS B 206 -2.92 -3.52 43.84
N MET B 207 -3.69 -4.55 44.16
CA MET B 207 -3.80 -5.72 43.30
C MET B 207 -4.54 -5.38 42.00
N ALA B 208 -5.56 -4.53 42.07
CA ALA B 208 -6.30 -4.17 40.87
C ALA B 208 -5.41 -3.41 39.88
N VAL B 209 -4.64 -2.45 40.37
CA VAL B 209 -3.75 -1.68 39.51
C VAL B 209 -2.59 -2.56 39.02
N SER B 210 -2.06 -3.42 39.89
CA SER B 210 -1.00 -4.33 39.45
C SER B 210 -1.49 -5.25 38.35
N PHE B 211 -2.70 -5.76 38.48
CA PHE B 211 -3.21 -6.71 37.49
C PHE B 211 -3.40 -5.98 36.17
N SER B 212 -3.87 -4.73 36.23
CA SER B 212 -3.98 -3.93 35.01
C SER B 212 -2.63 -3.71 34.36
N GLN B 213 -1.58 -3.57 35.16
CA GLN B 213 -0.23 -3.43 34.58
C GLN B 213 0.24 -4.73 33.95
N PHE B 214 -0.12 -5.87 34.54
CA PHE B 214 0.46 -7.14 34.13
C PHE B 214 -0.22 -7.76 32.91
N ASN B 215 -1.51 -7.53 32.69
CA ASN B 215 -2.14 -8.18 31.54
C ASN B 215 -2.15 -7.33 30.29
N ARG B 216 -1.46 -6.18 30.30
CA ARG B 216 -1.49 -5.28 29.14
C ARG B 216 -0.85 -5.91 27.92
N ARG B 217 0.31 -6.56 28.09
CA ARG B 217 0.98 -7.16 26.95
C ARG B 217 0.16 -8.29 26.37
N PHE B 218 -0.47 -9.09 27.22
CA PHE B 218 -1.31 -10.18 26.73
C PHE B 218 -2.48 -9.65 25.91
N LEU B 219 -3.16 -8.61 26.40
CA LEU B 219 -4.30 -8.09 25.67
C LEU B 219 -3.87 -7.46 24.35
N ASN B 220 -2.71 -6.79 24.33
CA ASN B 220 -2.23 -6.20 23.09
C ASN B 220 -1.87 -7.25 22.07
N VAL B 221 -1.19 -8.32 22.49
CA VAL B 221 -0.86 -9.39 21.55
C VAL B 221 -2.13 -9.98 20.96
N VAL B 222 -3.13 -10.23 21.80
CA VAL B 222 -4.38 -10.81 21.33
C VAL B 222 -5.06 -9.91 20.31
N ARG B 223 -5.12 -8.59 20.56
CA ARG B 223 -5.85 -7.79 19.59
C ARG B 223 -5.04 -7.56 18.32
N GLN B 224 -3.71 -7.61 18.40
CA GLN B 224 -2.93 -7.51 17.17
C GLN B 224 -3.15 -8.72 16.28
N PHE B 225 -3.25 -9.91 16.86
CA PHE B 225 -3.51 -11.09 16.04
C PHE B 225 -4.95 -11.20 15.60
N SER B 226 -5.89 -10.74 16.43
CA SER B 226 -7.31 -10.86 16.10
C SER B 226 -7.72 -9.86 15.05
N GLU B 227 -7.09 -8.70 15.02
CA GLU B 227 -7.45 -7.67 14.06
C GLU B 227 -6.83 -7.90 12.68
N ASN B 228 -5.83 -8.78 12.57
CA ASN B 228 -5.09 -8.98 11.33
C ASN B 228 -5.22 -10.39 10.79
N ALA B 229 -6.26 -11.12 11.17
CA ALA B 229 -6.58 -12.45 10.65
C ALA B 229 -5.56 -13.50 11.02
N GLY B 230 -4.64 -13.20 11.92
CA GLY B 230 -3.69 -14.19 12.38
C GLY B 230 -2.28 -14.05 11.85
N ILE B 231 -2.03 -13.11 10.95
CA ILE B 231 -0.71 -12.90 10.35
C ILE B 231 -0.45 -11.41 10.34
N THR B 232 0.24 -10.90 11.36
CA THR B 232 0.48 -9.46 11.36
C THR B 232 1.57 -9.10 10.36
N PRO B 233 1.54 -7.89 9.82
CA PRO B 233 2.55 -7.49 8.84
C PRO B 233 3.78 -6.80 9.41
N ALA B 234 3.87 -6.59 10.72
CA ALA B 234 5.03 -5.97 11.32
C ALA B 234 5.15 -6.42 12.77
N ILE B 235 6.36 -6.35 13.31
CA ILE B 235 6.59 -6.71 14.70
C ILE B 235 6.42 -5.47 15.55
N SER B 236 5.55 -5.54 16.53
CA SER B 236 5.38 -4.43 17.45
C SER B 236 6.24 -4.67 18.68
N LEU B 237 6.11 -3.84 19.70
CA LEU B 237 6.84 -4.06 20.93
C LEU B 237 6.08 -4.96 21.89
N ASP B 238 4.93 -5.46 21.46
CA ASP B 238 4.14 -6.43 22.21
C ASP B 238 4.44 -7.85 21.78
N LEU B 239 4.54 -8.12 20.48
CA LEU B 239 4.99 -9.42 20.04
C LEU B 239 6.41 -9.69 20.52
N MET B 240 7.35 -8.79 20.21
CA MET B 240 8.73 -9.00 20.59
C MET B 240 9.35 -7.69 21.03
N THR B 241 9.70 -7.61 22.31
CA THR B 241 10.19 -6.36 22.87
C THR B 241 11.62 -6.12 22.41
N ASP B 242 12.31 -5.16 23.01
CA ASP B 242 13.63 -4.79 22.50
C ASP B 242 14.74 -5.70 23.00
N ALA B 243 14.69 -6.08 24.27
CA ALA B 243 15.70 -6.97 24.81
C ALA B 243 15.68 -8.32 24.09
N GLU B 244 14.49 -8.80 23.76
CA GLU B 244 14.39 -10.06 23.03
C GLU B 244 14.86 -9.92 21.59
N LEU B 245 14.71 -8.74 21.00
CA LEU B 245 15.27 -8.52 19.67
C LEU B 245 16.78 -8.59 19.70
N ALA B 246 17.42 -7.99 20.70
CA ALA B 246 18.86 -8.09 20.81
C ALA B 246 19.30 -9.53 21.08
N ARG B 247 18.59 -10.23 21.96
CA ARG B 247 18.95 -11.61 22.30
C ARG B 247 18.71 -12.57 21.15
N ALA B 248 17.83 -12.24 20.22
CA ALA B 248 17.68 -13.09 19.05
C ALA B 248 18.67 -12.76 17.96
N ILE B 249 19.06 -11.49 17.83
CA ILE B 249 20.10 -11.13 16.85
C ILE B 249 21.43 -11.74 17.24
N SER B 250 21.71 -11.85 18.54
CA SER B 250 22.98 -12.45 18.94
C SER B 250 23.10 -13.91 18.56
N ASN B 251 22.02 -14.56 18.15
CA ASN B 251 22.00 -15.99 17.90
C ASN B 251 21.89 -16.37 16.43
N MET B 252 21.96 -15.42 15.51
CA MET B 252 21.74 -15.75 14.12
C MET B 252 22.96 -16.48 13.54
N PRO B 253 22.77 -17.23 12.44
CA PRO B 253 23.89 -17.97 11.84
C PRO B 253 24.66 -17.19 10.79
N THR B 254 25.41 -16.18 11.23
CA THR B 254 26.24 -15.37 10.36
C THR B 254 27.54 -15.04 11.08
N SER B 255 28.47 -14.42 10.35
CA SER B 255 29.76 -14.06 10.92
C SER B 255 29.57 -12.97 11.97
N ALA B 256 30.68 -12.50 12.52
CA ALA B 256 30.60 -11.49 13.57
C ALA B 256 30.34 -10.10 13.03
N GLY B 257 30.79 -9.81 11.80
CA GLY B 257 30.60 -8.47 11.26
C GLY B 257 29.14 -8.12 11.04
N GLN B 258 28.38 -9.05 10.44
CA GLN B 258 26.97 -8.81 10.23
C GLN B 258 26.22 -8.78 11.54
N ILE B 259 26.63 -9.60 12.50
CA ILE B 259 26.00 -9.59 13.82
C ILE B 259 26.19 -8.23 14.48
N LYS B 260 27.38 -7.65 14.36
CA LYS B 260 27.63 -6.33 14.92
C LYS B 260 26.78 -5.27 14.24
N LEU B 261 26.71 -5.31 12.91
CA LEU B 261 25.87 -4.33 12.21
C LEU B 261 24.42 -4.43 12.65
N MET B 262 23.92 -5.65 12.81
CA MET B 262 22.52 -5.82 13.16
C MET B 262 22.26 -5.44 14.62
N LEU B 263 23.16 -5.78 15.54
CA LEU B 263 22.97 -5.37 16.92
C LEU B 263 22.97 -3.86 17.05
N GLU B 264 23.73 -3.16 16.23
CA GLU B 264 23.72 -1.72 16.37
C GLU B 264 22.57 -1.05 15.65
N ASN B 265 21.98 -1.69 14.65
CA ASN B 265 20.87 -1.10 13.91
C ASN B 265 19.62 -1.98 13.95
N ARG B 266 19.32 -2.57 15.10
CA ARG B 266 18.11 -3.34 15.33
C ARG B 266 16.79 -2.78 14.79
N ALA B 267 16.66 -1.47 14.64
CA ALA B 267 15.40 -0.93 14.19
C ALA B 267 15.08 -1.40 12.78
N MET B 268 16.08 -1.47 11.91
CA MET B 268 15.88 -1.90 10.54
C MET B 268 15.89 -3.41 10.37
N VAL B 269 16.14 -4.16 11.43
CA VAL B 269 15.92 -5.60 11.45
C VAL B 269 14.51 -5.93 11.93
N ARG B 270 13.99 -5.17 12.90
CA ARG B 270 12.59 -5.30 13.27
C ARG B 270 11.68 -4.83 12.16
N ARG B 271 12.11 -3.84 11.39
CA ARG B 271 11.24 -3.25 10.37
C ARG B 271 10.81 -4.26 9.31
N LYS B 272 11.58 -5.31 9.09
CA LYS B 272 11.33 -6.23 7.97
C LYS B 272 10.99 -7.64 8.43
N GLY B 273 10.17 -7.77 9.48
CA GLY B 273 9.73 -9.06 9.96
C GLY B 273 8.21 -9.09 10.03
N PHE B 274 7.70 -10.21 10.54
CA PHE B 274 6.28 -10.35 10.77
C PHE B 274 6.04 -11.53 11.70
N GLY B 275 4.86 -11.58 12.29
CA GLY B 275 4.53 -12.62 13.25
C GLY B 275 3.34 -13.44 12.80
N ILE B 276 3.33 -14.71 13.17
CA ILE B 276 2.28 -15.64 12.77
C ILE B 276 1.77 -16.35 14.01
N LEU B 277 0.46 -16.51 14.13
CA LEU B 277 -0.11 -17.20 15.26
C LEU B 277 0.02 -18.69 15.06
N ILE B 278 0.49 -19.41 16.07
CA ILE B 278 0.51 -20.86 16.01
C ILE B 278 -0.70 -21.45 16.69
N GLY B 279 -1.08 -20.98 17.87
CA GLY B 279 -2.34 -21.44 18.44
C GLY B 279 -2.46 -21.08 19.90
N VAL B 280 -3.51 -21.62 20.51
CA VAL B 280 -3.73 -21.55 21.95
C VAL B 280 -3.74 -22.96 22.49
N TYR B 281 -2.71 -23.33 23.25
CA TYR B 281 -2.57 -24.67 23.78
C TYR B 281 -2.68 -24.62 25.29
N GLY B 282 -3.76 -25.18 25.83
CA GLY B 282 -4.02 -25.05 27.25
C GLY B 282 -4.35 -23.62 27.64
N SER B 283 -3.42 -22.97 28.34
CA SER B 283 -3.52 -21.56 28.63
C SER B 283 -2.38 -20.76 28.00
N SER B 284 -1.57 -21.39 27.16
CA SER B 284 -0.42 -20.74 26.55
C SER B 284 -0.77 -20.28 25.16
N VAL B 285 -0.50 -19.02 24.85
CA VAL B 285 -0.62 -18.50 23.50
C VAL B 285 0.73 -18.68 22.85
N ILE B 286 0.81 -19.47 21.79
CA ILE B 286 2.06 -19.77 21.12
C ILE B 286 2.07 -19.07 19.78
N TYR B 287 3.09 -18.26 19.52
CA TYR B 287 3.21 -17.57 18.25
C TYR B 287 4.68 -17.58 17.83
N MET B 288 4.97 -17.06 16.64
CA MET B 288 6.34 -17.05 16.14
C MET B 288 6.61 -15.74 15.44
N VAL B 289 7.89 -15.39 15.36
CA VAL B 289 8.35 -14.14 14.77
C VAL B 289 9.46 -14.45 13.79
N GLN B 290 9.35 -13.92 12.57
CA GLN B 290 10.34 -14.11 11.52
C GLN B 290 11.18 -12.86 11.37
N LEU B 291 12.50 -13.01 11.46
CA LEU B 291 13.42 -11.91 11.39
C LEU B 291 14.33 -12.06 10.18
N PRO B 292 14.78 -10.98 9.56
CA PRO B 292 15.69 -11.13 8.44
C PRO B 292 17.09 -11.45 8.91
N ILE B 293 17.88 -12.00 8.00
CA ILE B 293 19.29 -12.24 8.22
C ILE B 293 20.03 -11.46 7.16
N PHE B 294 20.64 -10.34 7.52
CA PHE B 294 21.37 -9.52 6.57
C PHE B 294 22.76 -10.13 6.41
N GLY B 295 22.81 -11.20 5.62
CA GLY B 295 24.02 -11.99 5.52
C GLY B 295 25.17 -11.30 4.83
N VAL B 296 24.88 -10.55 3.76
CA VAL B 296 25.91 -9.93 2.93
C VAL B 296 25.89 -8.43 3.13
N ILE B 297 27.02 -7.87 3.55
CA ILE B 297 27.13 -6.44 3.83
C ILE B 297 28.33 -5.87 3.09
N ASP B 298 28.25 -4.56 2.81
CA ASP B 298 29.35 -3.78 2.23
C ASP B 298 29.81 -4.33 0.88
N THR B 299 28.90 -4.21 -0.11
CA THR B 299 29.14 -4.64 -1.47
C THR B 299 28.62 -3.57 -2.42
N PRO B 300 29.30 -3.30 -3.53
CA PRO B 300 28.97 -2.11 -4.34
C PRO B 300 27.54 -2.07 -4.84
N CYS B 301 26.99 -0.85 -4.89
CA CYS B 301 25.66 -0.60 -5.45
C CYS B 301 25.71 0.70 -6.23
N TRP B 302 24.67 0.93 -7.03
CA TRP B 302 24.51 2.23 -7.68
C TRP B 302 23.06 2.40 -8.09
N ILE B 303 22.68 3.64 -8.35
CA ILE B 303 21.30 3.94 -8.72
C ILE B 303 21.30 4.71 -10.03
N VAL B 304 20.32 4.44 -10.89
CA VAL B 304 20.20 5.08 -12.19
C VAL B 304 18.85 5.77 -12.30
N LYS B 305 18.87 7.05 -12.70
CA LYS B 305 17.66 7.87 -12.87
C LYS B 305 17.68 8.50 -14.25
N ALA B 306 16.49 8.87 -14.75
CA ALA B 306 16.41 9.38 -16.12
C ALA B 306 15.18 10.25 -16.30
N ALA B 307 15.21 11.03 -17.37
CA ALA B 307 14.15 11.97 -17.75
C ALA B 307 14.09 12.03 -19.26
N PRO B 308 12.96 12.45 -19.83
CA PRO B 308 12.81 12.39 -21.29
C PRO B 308 13.84 13.24 -22.03
N SER B 309 14.24 12.75 -23.19
CA SER B 309 15.24 13.41 -24.03
C SER B 309 14.67 13.59 -25.42
N CYS B 310 14.33 14.83 -25.78
CA CYS B 310 13.52 15.13 -26.94
C CYS B 310 14.22 16.15 -27.83
N SER B 311 14.20 15.91 -29.14
CA SER B 311 14.82 16.82 -30.09
C SER B 311 13.79 17.32 -31.08
N GLU B 312 13.88 18.60 -31.42
CA GLU B 312 12.90 19.26 -32.26
C GLU B 312 13.52 19.64 -33.59
N LYS B 313 12.80 19.38 -34.68
CA LYS B 313 13.15 19.88 -35.99
C LYS B 313 11.88 20.29 -36.71
N LYS B 314 11.83 21.53 -37.17
CA LYS B 314 10.65 22.06 -37.87
C LYS B 314 9.37 21.86 -37.07
N GLY B 315 9.50 21.92 -35.75
CA GLY B 315 8.36 21.81 -34.87
C GLY B 315 7.93 20.40 -34.56
N ASN B 316 8.55 19.39 -35.14
CA ASN B 316 8.23 18.00 -34.83
C ASN B 316 9.29 17.43 -33.91
N TYR B 317 8.83 16.72 -32.88
CA TYR B 317 9.68 16.23 -31.80
C TYR B 317 9.90 14.73 -31.93
N ALA B 318 11.08 14.29 -31.53
CA ALA B 318 11.38 12.88 -31.38
C ALA B 318 11.91 12.68 -29.97
N CYS B 319 11.22 11.87 -29.17
CA CYS B 319 11.49 11.80 -27.75
C CYS B 319 11.86 10.38 -27.37
N LEU B 320 12.82 10.24 -26.47
CA LEU B 320 13.33 8.95 -26.03
C LEU B 320 13.56 9.01 -24.53
N LEU B 321 13.19 7.96 -23.82
CA LEU B 321 13.35 7.91 -22.37
C LEU B 321 13.95 6.58 -21.97
N ARG B 322 14.88 6.61 -21.02
CA ARG B 322 15.59 5.40 -20.61
C ARG B 322 14.77 4.64 -19.58
N GLU B 323 14.72 3.31 -19.73
CA GLU B 323 13.80 2.51 -18.93
C GLU B 323 14.44 1.59 -17.91
N ASP B 324 15.76 1.50 -17.86
CA ASP B 324 16.41 0.65 -16.86
C ASP B 324 16.85 1.48 -15.65
N GLN B 325 15.88 2.03 -14.94
CA GLN B 325 16.11 2.83 -13.76
C GLN B 325 15.96 1.99 -12.50
N GLY B 326 16.49 2.50 -11.39
CA GLY B 326 16.40 1.78 -10.13
C GLY B 326 17.78 1.39 -9.63
N TRP B 327 17.83 0.32 -8.85
CA TRP B 327 19.03 -0.01 -8.11
C TRP B 327 19.76 -1.18 -8.73
N TYR B 328 21.08 -1.20 -8.58
CA TYR B 328 21.86 -2.33 -9.01
C TYR B 328 22.87 -2.67 -7.93
N CYS B 329 23.08 -3.95 -7.65
CA CYS B 329 24.00 -4.37 -6.61
C CYS B 329 24.90 -5.47 -7.13
N GLN B 330 26.20 -5.32 -6.94
CA GLN B 330 27.11 -6.43 -7.15
C GLN B 330 26.96 -7.43 -6.04
N ASN B 331 27.31 -8.68 -6.32
CA ASN B 331 27.46 -9.69 -5.28
C ASN B 331 28.19 -10.87 -5.89
N ALA B 332 29.38 -11.16 -5.38
CA ALA B 332 30.16 -12.34 -5.80
C ALA B 332 30.33 -12.40 -7.31
N GLY B 333 30.57 -11.25 -7.92
CA GLY B 333 30.80 -11.21 -9.35
C GLY B 333 29.57 -11.24 -10.22
N SER B 334 28.37 -11.27 -9.64
CA SER B 334 27.12 -11.19 -10.38
C SER B 334 26.49 -9.84 -10.11
N THR B 335 25.56 -9.44 -10.97
CA THR B 335 24.87 -8.16 -10.83
C THR B 335 23.38 -8.41 -10.71
N VAL B 336 22.73 -7.76 -9.74
CA VAL B 336 21.31 -7.94 -9.53
C VAL B 336 20.63 -6.59 -9.65
N TYR B 337 19.58 -6.53 -10.44
CA TYR B 337 18.87 -5.29 -10.76
C TYR B 337 17.54 -5.29 -10.03
N TYR B 338 17.32 -4.29 -9.18
CA TYR B 338 16.08 -4.15 -8.43
C TYR B 338 15.27 -3.06 -9.07
N PRO B 339 14.17 -3.40 -9.74
CA PRO B 339 13.49 -2.44 -10.62
C PRO B 339 12.36 -1.67 -9.95
N ASN B 340 11.82 -2.20 -8.87
CA ASN B 340 10.77 -1.53 -8.10
C ASN B 340 11.46 -0.84 -6.94
N GLU B 341 11.54 0.49 -6.98
CA GLU B 341 12.29 1.21 -5.96
C GLU B 341 11.63 1.17 -4.59
N LYS B 342 10.54 0.43 -4.43
CA LYS B 342 9.87 0.31 -3.14
C LYS B 342 10.43 -0.79 -2.27
N ASP B 343 11.43 -1.53 -2.72
CA ASP B 343 11.99 -2.61 -1.92
C ASP B 343 13.42 -2.37 -1.46
N CYS B 344 14.08 -1.31 -1.94
CA CYS B 344 15.41 -0.94 -1.48
C CYS B 344 15.31 0.37 -0.72
N GLU B 345 15.91 0.43 0.46
CA GLU B 345 15.75 1.57 1.36
C GLU B 345 17.10 2.03 1.88
N THR B 346 17.45 3.28 1.63
CA THR B 346 18.77 3.77 2.04
C THR B 346 18.73 4.33 3.45
N ARG B 347 19.87 4.25 4.12
CA ARG B 347 20.06 4.88 5.42
C ARG B 347 21.45 5.51 5.45
N GLY B 348 21.71 6.40 4.53
CA GLY B 348 22.99 7.10 4.50
C GLY B 348 23.83 6.65 3.33
N ASP B 349 25.00 6.10 3.63
CA ASP B 349 25.80 5.44 2.62
C ASP B 349 25.28 4.06 2.25
N HIS B 350 24.56 3.39 3.15
CA HIS B 350 24.16 2.00 2.99
C HIS B 350 22.76 1.91 2.43
N VAL B 351 22.49 0.82 1.72
CA VAL B 351 21.17 0.56 1.18
C VAL B 351 20.75 -0.86 1.57
N PHE B 352 19.57 -0.98 2.17
CA PHE B 352 19.03 -2.26 2.62
C PHE B 352 18.14 -2.85 1.54
N CYS B 353 18.47 -4.06 1.11
CA CYS B 353 17.84 -4.67 -0.06
C CYS B 353 17.36 -6.08 0.25
N ASP B 354 16.45 -6.55 -0.59
CA ASP B 354 15.81 -7.85 -0.44
C ASP B 354 16.13 -8.69 -1.66
N THR B 355 16.89 -9.77 -1.48
CA THR B 355 17.37 -10.50 -2.65
C THR B 355 16.29 -11.22 -3.42
N ALA B 356 15.10 -11.39 -2.85
CA ALA B 356 14.03 -12.10 -3.55
C ALA B 356 13.31 -11.23 -4.55
N ALA B 357 13.52 -9.92 -4.54
CA ALA B 357 12.84 -8.97 -5.41
C ALA B 357 13.71 -8.49 -6.56
N GLY B 358 14.86 -9.12 -6.80
CA GLY B 358 15.79 -8.68 -7.81
C GLY B 358 15.88 -9.64 -8.97
N ILE B 359 16.47 -9.16 -10.06
CA ILE B 359 16.58 -9.92 -11.30
C ILE B 359 18.04 -9.95 -11.72
N ASN B 360 18.55 -11.13 -12.03
CA ASN B 360 19.96 -11.25 -12.38
C ASN B 360 20.20 -10.67 -13.76
N VAL B 361 21.09 -9.67 -13.87
CA VAL B 361 21.38 -9.09 -15.17
C VAL B 361 22.82 -9.36 -15.55
N ALA B 362 23.10 -9.26 -16.83
CA ALA B 362 24.43 -9.59 -17.32
C ALA B 362 25.43 -8.53 -16.89
N GLU B 363 26.70 -8.89 -16.96
CA GLU B 363 27.74 -7.97 -16.52
C GLU B 363 27.91 -6.79 -17.48
N GLN B 364 27.52 -6.93 -18.73
CA GLN B 364 27.63 -5.85 -19.71
C GLN B 364 26.48 -4.88 -19.62
N SER B 365 25.57 -5.04 -18.67
CA SER B 365 24.46 -4.11 -18.50
C SER B 365 24.92 -2.75 -18.01
N LYS B 366 26.17 -2.61 -17.62
CA LYS B 366 26.72 -1.32 -17.24
C LYS B 366 27.38 -0.61 -18.40
N GLU B 367 27.22 -1.11 -19.61
CA GLU B 367 27.70 -0.36 -20.76
C GLU B 367 26.64 0.52 -21.38
N CYS B 368 25.40 0.45 -20.90
CA CYS B 368 24.43 1.44 -21.32
C CYS B 368 24.67 2.79 -20.66
N ASN B 369 25.51 2.84 -19.63
CA ASN B 369 25.92 4.07 -18.96
C ASN B 369 27.17 4.67 -19.55
N ILE B 370 27.69 4.09 -20.61
CA ILE B 370 28.91 4.56 -21.26
C ILE B 370 28.67 4.82 -22.75
N ASN B 371 28.03 3.87 -23.42
CA ASN B 371 27.89 3.87 -24.87
C ASN B 371 26.49 3.38 -25.21
N ILE B 372 25.49 4.23 -25.07
CA ILE B 372 24.15 3.66 -25.14
C ILE B 372 23.78 3.30 -26.55
N SER B 373 24.38 3.95 -27.55
CA SER B 373 23.94 3.73 -28.92
C SER B 373 24.63 2.53 -29.57
N THR B 374 25.92 2.35 -29.35
CA THR B 374 26.69 1.35 -30.09
C THR B 374 27.06 0.13 -29.25
N THR B 375 26.45 -0.06 -28.09
CA THR B 375 26.67 -1.31 -27.39
C THR B 375 25.95 -2.46 -28.08
N ASN B 376 26.44 -3.67 -27.81
CA ASN B 376 25.71 -4.87 -28.18
C ASN B 376 24.57 -5.18 -27.20
N TYR B 377 24.72 -4.79 -25.94
CA TYR B 377 23.68 -5.06 -24.96
C TYR B 377 22.39 -4.35 -25.34
N PRO B 378 21.24 -4.99 -25.20
CA PRO B 378 19.94 -4.36 -25.48
C PRO B 378 19.45 -3.39 -24.41
N CYS B 379 19.89 -2.14 -24.49
CA CYS B 379 19.44 -1.13 -23.56
C CYS B 379 18.00 -0.77 -23.85
N LYS B 380 17.15 -0.77 -22.82
CA LYS B 380 15.71 -0.58 -22.98
C LYS B 380 15.37 0.90 -23.04
N VAL B 381 14.54 1.30 -23.99
CA VAL B 381 14.07 2.68 -24.10
C VAL B 381 12.58 2.69 -24.42
N SER B 382 11.94 3.81 -24.12
CA SER B 382 10.60 4.12 -24.57
C SER B 382 10.68 5.32 -25.50
N THR B 383 9.78 5.42 -26.45
CA THR B 383 9.85 6.52 -27.39
C THR B 383 8.50 7.24 -27.45
N GLY B 384 8.49 8.34 -28.17
CA GLY B 384 7.27 9.09 -28.36
C GLY B 384 7.52 10.24 -29.31
N ARG B 385 6.43 10.92 -29.68
CA ARG B 385 6.54 12.10 -30.52
C ARG B 385 6.01 13.34 -29.81
N ASN B 386 5.69 13.25 -28.53
CA ASN B 386 5.12 14.37 -27.79
C ASN B 386 6.00 14.63 -26.57
N PRO B 387 6.52 15.85 -26.39
CA PRO B 387 7.41 16.10 -25.26
C PRO B 387 6.68 16.05 -23.93
N ILE B 388 7.42 15.73 -22.88
CA ILE B 388 6.95 15.90 -21.52
C ILE B 388 7.94 16.78 -20.79
N SER B 389 7.46 17.66 -19.93
CA SER B 389 8.28 18.51 -19.09
C SER B 389 8.18 18.02 -17.66
N MET B 390 9.31 17.82 -17.01
CA MET B 390 9.26 17.22 -15.67
C MET B 390 10.61 17.42 -14.99
N VAL B 391 10.68 17.00 -13.73
CA VAL B 391 11.88 17.08 -12.91
C VAL B 391 12.12 15.74 -12.26
N ALA B 392 13.27 15.13 -12.52
CA ALA B 392 13.63 13.85 -11.92
C ALA B 392 14.71 14.10 -10.88
N LEU B 393 14.37 13.95 -9.61
CA LEU B 393 15.30 14.24 -8.53
C LEU B 393 16.24 13.08 -8.31
N SER B 394 17.54 13.34 -8.36
CA SER B 394 18.55 12.32 -8.14
C SER B 394 19.32 12.67 -6.87
N PRO B 395 20.02 11.72 -6.26
CA PRO B 395 20.53 11.93 -4.90
C PRO B 395 21.36 13.18 -4.70
N LEU B 396 22.04 13.68 -5.73
CA LEU B 396 22.81 14.91 -5.59
C LEU B 396 22.34 16.00 -6.56
N GLY B 397 21.06 16.11 -6.81
CA GLY B 397 20.63 17.18 -7.71
C GLY B 397 19.31 16.85 -8.37
N ALA B 398 19.09 17.46 -9.53
CA ALA B 398 17.87 17.21 -10.27
C ALA B 398 18.15 17.28 -11.75
N LEU B 399 17.32 16.60 -12.53
CA LEU B 399 17.36 16.64 -13.98
C LEU B 399 16.07 17.30 -14.45
N VAL B 400 16.18 18.47 -15.07
CA VAL B 400 15.01 19.24 -15.48
C VAL B 400 14.86 19.11 -16.97
N ALA B 401 13.67 18.72 -17.42
CA ALA B 401 13.33 18.67 -18.82
C ALA B 401 12.26 19.72 -19.07
N CYS B 402 12.61 20.75 -19.84
CA CYS B 402 11.76 21.91 -20.09
C CYS B 402 11.60 22.09 -21.59
N TYR B 403 10.38 21.93 -22.08
CA TYR B 403 10.13 21.89 -23.52
C TYR B 403 9.08 22.94 -23.86
N LYS B 404 8.46 22.79 -25.02
CA LYS B 404 7.71 23.82 -25.74
C LYS B 404 7.00 24.89 -24.91
N GLY B 405 6.19 24.51 -23.93
CA GLY B 405 5.36 25.52 -23.30
C GLY B 405 5.46 25.66 -21.79
N VAL B 406 6.64 25.45 -21.24
CA VAL B 406 6.84 25.43 -19.80
C VAL B 406 7.99 26.37 -19.45
N SER B 407 7.86 27.07 -18.34
CA SER B 407 8.88 27.97 -17.83
C SER B 407 9.51 27.37 -16.59
N CYS B 408 10.84 27.35 -16.55
CA CYS B 408 11.59 26.75 -15.45
C CYS B 408 12.52 27.77 -14.83
N SER B 409 12.84 27.56 -13.56
CA SER B 409 13.79 28.44 -12.89
C SER B 409 14.43 27.69 -11.74
N ILE B 410 15.55 28.22 -11.25
CA ILE B 410 16.22 27.68 -10.09
C ILE B 410 16.46 28.81 -9.10
N GLY B 411 16.29 28.50 -7.82
CA GLY B 411 16.45 29.51 -6.79
C GLY B 411 16.87 28.86 -5.49
N SER B 412 16.97 29.69 -4.46
CA SER B 412 17.41 29.24 -3.14
C SER B 412 16.46 29.71 -2.05
N ASN B 413 16.88 29.57 -0.79
CA ASN B 413 16.02 29.93 0.33
C ASN B 413 16.20 31.38 0.76
N ARG B 414 17.40 31.92 0.64
CA ARG B 414 17.66 33.27 1.12
C ARG B 414 17.44 34.34 0.05
N VAL B 415 18.03 34.18 -1.13
CA VAL B 415 18.03 35.22 -2.15
C VAL B 415 16.97 35.01 -3.21
N GLY B 416 16.10 34.02 -3.06
CA GLY B 416 15.01 33.86 -3.99
C GLY B 416 15.48 33.32 -5.33
N ILE B 417 14.72 33.64 -6.37
CA ILE B 417 14.96 33.11 -7.71
C ILE B 417 16.36 33.50 -8.17
N ILE B 418 17.13 32.50 -8.63
CA ILE B 418 18.50 32.75 -9.04
C ILE B 418 18.58 32.95 -10.54
N LYS B 419 18.02 32.02 -11.32
CA LYS B 419 18.05 32.21 -12.77
C LYS B 419 16.98 31.35 -13.44
N GLN B 420 16.83 31.55 -14.74
CA GLN B 420 15.95 30.76 -15.59
C GLN B 420 16.76 29.65 -16.25
N LEU B 421 16.09 28.83 -17.03
CA LEU B 421 16.74 27.70 -17.68
C LEU B 421 16.38 27.70 -19.15
N ASN B 422 17.31 27.24 -19.98
CA ASN B 422 17.05 27.12 -21.40
C ASN B 422 16.22 25.87 -21.67
N LYS B 423 15.64 25.81 -22.86
CA LYS B 423 14.88 24.63 -23.24
C LYS B 423 15.82 23.46 -23.42
N GLY B 424 15.28 22.27 -23.26
CA GLY B 424 16.06 21.06 -23.26
C GLY B 424 16.12 20.43 -21.89
N CYS B 425 17.13 19.58 -21.69
CA CYS B 425 17.35 18.92 -20.42
C CYS B 425 18.66 19.38 -19.83
N SER B 426 18.65 19.62 -18.52
CA SER B 426 19.85 20.10 -17.85
C SER B 426 19.94 19.52 -16.45
N TYR B 427 21.18 19.44 -15.95
CA TYR B 427 21.49 18.84 -14.67
C TYR B 427 21.87 19.93 -13.68
N ILE B 428 21.19 19.95 -12.55
CA ILE B 428 21.31 21.02 -11.56
C ILE B 428 21.76 20.41 -10.26
N THR B 429 22.99 20.69 -9.86
CA THR B 429 23.55 20.13 -8.64
C THR B 429 22.91 20.80 -7.44
N ASN B 430 23.03 20.17 -6.28
CA ASN B 430 22.41 20.76 -5.10
C ASN B 430 23.34 21.69 -4.35
N GLN B 431 24.56 21.89 -4.84
CA GLN B 431 25.42 22.95 -4.35
C GLN B 431 25.21 24.22 -5.12
N ASP B 432 24.39 24.18 -6.15
CA ASP B 432 24.12 25.30 -7.05
C ASP B 432 22.79 25.97 -6.77
N ALA B 433 21.81 25.23 -6.26
CA ALA B 433 20.49 25.75 -6.01
C ALA B 433 19.87 24.99 -4.85
N ASP B 434 18.69 25.44 -4.44
CA ASP B 434 17.93 24.77 -3.40
C ASP B 434 16.55 24.32 -3.87
N THR B 435 15.88 25.10 -4.70
CA THR B 435 14.59 24.72 -5.22
C THR B 435 14.59 24.87 -6.74
N VAL B 436 13.93 23.94 -7.40
CA VAL B 436 13.74 23.96 -8.84
C VAL B 436 12.26 24.13 -9.12
N THR B 437 11.92 25.04 -10.03
CA THR B 437 10.53 25.39 -10.30
C THR B 437 10.19 25.08 -11.75
N ILE B 438 9.19 24.21 -11.92
CA ILE B 438 8.47 24.05 -13.18
C ILE B 438 7.25 24.95 -13.08
N ASP B 439 6.51 25.11 -14.18
CA ASP B 439 5.65 26.27 -14.40
C ASP B 439 5.05 26.86 -13.12
N ASN B 440 4.54 26.04 -12.20
CA ASN B 440 4.16 26.56 -10.90
C ASN B 440 4.53 25.63 -9.75
N THR B 441 5.17 24.50 -10.02
CA THR B 441 5.52 23.51 -9.01
C THR B 441 6.94 23.78 -8.53
N VAL B 442 7.16 23.66 -7.22
CA VAL B 442 8.47 23.87 -6.64
C VAL B 442 8.94 22.58 -5.97
N TYR B 443 10.15 22.16 -6.28
CA TYR B 443 10.75 20.95 -5.73
C TYR B 443 11.99 21.34 -4.94
N GLN B 444 12.16 20.73 -3.78
CA GLN B 444 13.30 21.02 -2.92
C GLN B 444 14.34 19.92 -3.07
N LEU B 445 15.52 20.28 -3.55
CA LEU B 445 16.60 19.32 -3.75
C LEU B 445 17.04 18.73 -2.42
N SER B 446 17.57 17.52 -2.48
CA SER B 446 18.21 16.91 -1.33
C SER B 446 19.61 17.48 -1.13
N LYS B 447 20.04 17.56 0.12
CA LYS B 447 21.26 18.27 0.48
C LYS B 447 22.43 17.35 0.78
N VAL B 448 22.51 16.20 0.10
CA VAL B 448 23.60 15.27 0.33
C VAL B 448 24.90 15.87 -0.22
N GLU B 449 26.03 15.41 0.31
CA GLU B 449 27.34 15.89 -0.08
C GLU B 449 28.07 14.83 -0.89
N GLY B 450 28.59 15.22 -2.04
CA GLY B 450 29.31 14.29 -2.88
C GLY B 450 30.07 15.03 -3.96
N GLU B 451 30.48 14.31 -4.99
CA GLU B 451 31.18 14.90 -6.11
C GLU B 451 30.39 14.65 -7.39
N GLN B 452 30.14 15.72 -8.14
CA GLN B 452 29.32 15.66 -9.35
C GLN B 452 30.21 15.81 -10.57
N HIS B 453 29.99 14.97 -11.56
CA HIS B 453 30.72 15.04 -12.82
C HIS B 453 29.72 15.07 -13.97
N VAL B 454 30.17 15.59 -15.10
CA VAL B 454 29.37 15.62 -16.32
C VAL B 454 30.16 14.92 -17.42
N ILE B 455 29.49 14.03 -18.16
CA ILE B 455 30.11 13.29 -19.24
C ILE B 455 29.56 13.80 -20.56
N LYS B 456 30.43 14.35 -21.39
CA LYS B 456 29.98 15.05 -22.58
C LYS B 456 29.50 14.10 -23.65
N GLY B 457 28.73 14.63 -24.59
CA GLY B 457 28.21 13.82 -25.67
C GLY B 457 26.98 14.42 -26.30
N ARG B 458 26.86 14.31 -27.61
CA ARG B 458 25.66 14.76 -28.31
C ARG B 458 24.53 13.77 -28.05
N PRO B 459 23.31 14.24 -27.78
CA PRO B 459 22.23 13.33 -27.38
C PRO B 459 21.91 12.32 -28.46
N VAL B 460 21.33 11.19 -28.04
CA VAL B 460 20.89 10.20 -29.00
C VAL B 460 19.70 10.71 -29.79
N SER B 461 18.77 11.39 -29.11
CA SER B 461 17.55 11.87 -29.74
C SER B 461 17.79 12.86 -30.85
N SER B 462 18.99 13.42 -30.93
CA SER B 462 19.34 14.37 -31.96
C SER B 462 19.83 13.69 -33.23
N SER B 463 19.86 12.36 -33.26
CA SER B 463 20.22 11.64 -34.48
C SER B 463 19.03 11.25 -35.32
N PHE B 464 17.85 11.14 -34.71
CA PHE B 464 16.66 10.75 -35.44
C PHE B 464 16.19 11.89 -36.32
N ASP B 465 15.35 11.54 -37.29
CA ASP B 465 14.59 12.52 -38.05
C ASP B 465 13.19 12.54 -37.48
N PRO B 466 12.69 13.66 -36.98
CA PRO B 466 11.36 13.65 -36.34
C PRO B 466 10.26 13.18 -37.25
N ILE B 467 10.38 13.41 -38.55
CA ILE B 467 9.57 12.71 -39.55
C ILE B 467 10.29 11.41 -39.86
N LYS B 468 9.53 10.35 -40.12
CA LYS B 468 10.06 8.99 -40.24
C LYS B 468 10.47 8.41 -38.90
N PHE B 469 9.91 8.88 -37.83
CA PHE B 469 10.13 8.30 -36.52
C PHE B 469 9.06 7.23 -36.24
N PRO B 470 9.44 6.09 -35.68
CA PRO B 470 8.48 5.02 -35.43
C PRO B 470 7.44 5.44 -34.41
N PRO B 471 6.28 4.76 -34.39
CA PRO B 471 5.25 5.11 -33.41
C PRO B 471 5.70 4.91 -31.97
N ASP B 472 4.82 5.14 -31.01
CA ASP B 472 5.19 4.97 -29.61
C ASP B 472 5.54 3.51 -29.32
N GLN B 473 6.61 3.30 -28.58
CA GLN B 473 7.03 1.99 -28.13
C GLN B 473 7.06 1.98 -26.61
N PHE B 474 7.21 0.80 -26.02
CA PHE B 474 7.19 0.64 -24.57
C PHE B 474 8.15 -0.48 -24.20
N ASN B 475 9.28 -0.14 -23.59
CA ASN B 475 10.32 -1.10 -23.21
C ASN B 475 10.74 -1.96 -24.39
N VAL B 476 11.24 -1.30 -25.43
CA VAL B 476 11.92 -2.00 -26.49
C VAL B 476 13.41 -1.70 -26.36
N ALA B 477 14.22 -2.53 -26.98
CA ALA B 477 15.64 -2.21 -27.04
C ALA B 477 15.86 -1.12 -28.07
N LEU B 478 16.92 -0.35 -27.88
CA LEU B 478 17.17 0.77 -28.79
C LEU B 478 17.50 0.28 -30.20
N ASP B 479 18.29 -0.78 -30.30
CA ASP B 479 18.67 -1.27 -31.61
C ASP B 479 17.47 -1.75 -32.42
N GLN B 480 16.35 -2.06 -31.78
CA GLN B 480 15.15 -2.37 -32.53
C GLN B 480 14.54 -1.11 -33.15
N VAL B 481 14.66 0.02 -32.47
CA VAL B 481 14.24 1.29 -33.07
C VAL B 481 15.04 1.57 -34.32
N PHE B 482 16.35 1.39 -34.23
CA PHE B 482 17.18 1.59 -35.43
C PHE B 482 16.81 0.59 -36.52
N GLU B 483 16.44 -0.63 -36.13
CA GLU B 483 16.00 -1.60 -37.13
C GLU B 483 14.75 -1.15 -37.85
N ASN B 484 13.76 -0.62 -37.13
CA ASN B 484 12.55 -0.13 -37.78
C ASN B 484 12.88 0.91 -38.83
N ILE B 485 13.71 1.89 -38.46
CA ILE B 485 14.03 2.95 -39.41
C ILE B 485 14.75 2.39 -40.63
N GLU B 486 15.73 1.50 -40.42
CA GLU B 486 16.47 0.95 -41.55
C GLU B 486 15.59 0.10 -42.46
N ASN B 487 14.67 -0.68 -41.88
CA ASN B 487 13.80 -1.51 -42.71
C ASN B 487 12.88 -0.66 -43.58
N SER B 488 12.33 0.42 -43.02
CA SER B 488 11.51 1.31 -43.85
C SER B 488 12.32 1.91 -44.99
N GLN B 489 13.54 2.40 -44.69
CA GLN B 489 14.38 2.93 -45.75
C GLN B 489 14.61 1.90 -46.85
N ALA B 490 14.93 0.67 -46.45
CA ALA B 490 15.24 -0.36 -47.44
C ALA B 490 14.03 -0.67 -48.29
N TRP B 491 12.84 -0.71 -47.72
CA TRP B 491 11.67 -1.05 -48.52
C TRP B 491 11.38 0.04 -49.54
N VAL B 492 11.51 1.31 -49.12
CA VAL B 492 11.34 2.41 -50.06
C VAL B 492 12.36 2.31 -51.18
N ARG B 493 13.62 1.98 -50.85
CA ARG B 493 14.63 1.82 -51.88
C ARG B 493 14.27 0.69 -52.83
N LYS B 494 13.71 -0.40 -52.32
CA LYS B 494 13.31 -1.51 -53.18
C LYS B 494 12.24 -1.07 -54.17
N PHE B 495 11.26 -0.30 -53.70
CA PHE B 495 10.26 0.25 -54.62
C PHE B 495 10.91 1.18 -55.65
N ASP B 496 11.88 2.00 -55.23
CA ASP B 496 12.49 2.97 -56.14
C ASP B 496 13.36 2.30 -57.20
N GLU B 497 14.07 1.23 -56.83
CA GLU B 497 14.92 0.57 -57.81
C GLU B 497 14.11 0.01 -58.97
N ILE B 498 12.95 -0.58 -58.68
CA ILE B 498 12.10 -1.16 -59.71
C ILE B 498 11.44 -0.05 -60.49
N LEU B 499 11.99 0.27 -61.67
CA LEU B 499 11.44 1.27 -62.56
C LEU B 499 10.71 0.68 -63.74
N SER B 500 11.33 -0.25 -64.46
CA SER B 500 10.78 -0.84 -65.68
C SER B 500 10.47 0.26 -66.70
N LEU C 19 -22.48 19.79 -9.37
CA LEU C 19 -21.56 19.29 -10.37
C LEU C 19 -22.29 19.23 -11.67
N LYS C 20 -21.67 18.69 -12.71
CA LYS C 20 -22.33 18.56 -14.00
C LYS C 20 -21.59 17.52 -14.80
N GLU C 21 -22.28 16.50 -15.29
CA GLU C 21 -21.62 15.38 -15.94
C GLU C 21 -22.13 15.15 -17.34
N SER C 22 -21.22 15.07 -18.30
CA SER C 22 -21.56 14.82 -19.69
C SER C 22 -21.15 13.41 -20.07
N TYR C 23 -22.03 12.72 -20.80
CA TYR C 23 -21.72 11.42 -21.38
C TYR C 23 -21.39 11.63 -22.83
N LEU C 24 -20.18 11.28 -23.22
CA LEU C 24 -19.61 11.54 -24.53
C LEU C 24 -19.82 10.28 -25.35
N GLU C 25 -20.76 10.31 -26.28
CA GLU C 25 -21.07 9.11 -27.04
C GLU C 25 -19.94 8.71 -27.96
N GLU C 26 -19.27 9.69 -28.54
CA GLU C 26 -18.24 9.41 -29.53
C GLU C 26 -17.10 8.61 -28.91
N SER C 27 -16.37 9.22 -28.00
CA SER C 27 -15.29 8.50 -27.34
C SER C 27 -15.79 7.49 -26.34
N CYS C 28 -17.08 7.51 -26.03
CA CYS C 28 -17.72 6.55 -25.12
C CYS C 28 -17.19 6.69 -23.70
N SER C 29 -17.24 7.91 -23.19
CA SER C 29 -16.66 8.16 -21.88
C SER C 29 -17.49 9.21 -21.17
N THR C 30 -16.99 9.72 -20.06
CA THR C 30 -17.77 10.67 -19.30
C THR C 30 -16.84 11.67 -18.65
N ILE C 31 -17.28 12.92 -18.61
CA ILE C 31 -16.50 14.01 -18.04
C ILE C 31 -17.34 14.77 -17.03
N THR C 32 -16.83 14.90 -15.81
CA THR C 32 -17.59 15.54 -14.73
C THR C 32 -16.87 16.77 -14.24
N GLU C 33 -17.56 17.90 -14.23
CA GLU C 33 -17.01 19.21 -13.95
C GLU C 33 -17.74 19.86 -12.80
N GLY C 34 -17.16 20.91 -12.25
CA GLY C 34 -17.74 21.63 -11.16
C GLY C 34 -17.06 21.45 -9.82
N TYR C 35 -15.86 20.89 -9.80
CA TYR C 35 -15.13 20.71 -8.56
C TYR C 35 -14.32 21.95 -8.25
N LEU C 36 -13.71 21.97 -7.09
CA LEU C 36 -12.85 23.06 -6.70
C LEU C 36 -11.64 22.46 -6.02
N SER C 37 -10.45 22.93 -6.36
CA SER C 37 -9.22 22.31 -5.93
C SER C 37 -8.75 22.86 -4.59
N VAL C 38 -8.00 22.04 -3.87
CA VAL C 38 -7.24 22.44 -2.70
C VAL C 38 -5.88 21.80 -2.87
N LEU C 39 -4.91 22.56 -3.36
CA LEU C 39 -3.63 22.02 -3.82
C LEU C 39 -2.56 22.25 -2.77
N ARG C 40 -1.79 21.21 -2.47
CA ARG C 40 -0.63 21.39 -1.62
C ARG C 40 0.46 22.11 -2.39
N THR C 41 1.09 23.12 -1.76
CA THR C 41 2.17 23.86 -2.41
C THR C 41 3.36 24.10 -1.50
N GLY C 42 3.66 23.21 -0.58
CA GLY C 42 4.82 23.40 0.28
C GLY C 42 4.60 22.74 1.62
N TRP C 43 5.63 22.82 2.45
CA TRP C 43 5.65 22.16 3.75
C TRP C 43 5.99 23.15 4.85
N TYR C 44 5.42 22.93 6.03
CA TYR C 44 5.69 23.72 7.21
C TYR C 44 6.19 22.81 8.32
N THR C 45 7.20 23.25 9.05
CA THR C 45 7.91 22.39 9.98
C THR C 45 7.74 22.87 11.41
N ASN C 46 7.27 21.98 12.27
CA ASN C 46 7.15 22.21 13.69
C ASN C 46 8.17 21.32 14.39
N VAL C 47 8.93 21.87 15.32
CA VAL C 47 10.00 21.12 16.01
C VAL C 47 9.61 20.98 17.47
N PHE C 48 9.40 19.74 17.92
CA PHE C 48 8.93 19.46 19.25
C PHE C 48 10.08 19.01 20.13
N THR C 49 10.12 19.54 21.35
CA THR C 49 11.11 19.18 22.36
C THR C 49 10.38 18.57 23.55
N LEU C 50 10.34 17.24 23.66
CA LEU C 50 9.63 16.57 24.74
C LEU C 50 10.59 16.29 25.88
N GLU C 51 10.25 16.76 27.08
CA GLU C 51 11.18 16.71 28.19
C GLU C 51 10.76 15.65 29.21
N VAL C 52 11.74 14.89 29.70
CA VAL C 52 11.51 13.73 30.55
C VAL C 52 12.02 13.96 31.97
N GLY C 53 13.10 14.69 32.13
CA GLY C 53 13.59 14.99 33.45
C GLY C 53 14.77 14.13 33.85
N ASP C 54 14.99 14.05 35.16
CA ASP C 54 16.10 13.25 35.68
C ASP C 54 15.66 11.87 36.14
N VAL C 55 15.06 11.08 35.26
CA VAL C 55 14.76 9.70 35.64
C VAL C 55 16.03 8.88 35.75
N GLU C 56 16.98 9.06 34.83
CA GLU C 56 18.21 8.27 34.90
C GLU C 56 19.05 8.59 36.12
N ASN C 57 18.53 9.38 37.05
CA ASN C 57 19.21 9.76 38.27
C ASN C 57 18.48 9.23 39.50
N LEU C 58 17.30 8.64 39.33
CA LEU C 58 16.47 8.09 40.40
C LEU C 58 16.62 6.57 40.46
N THR C 59 16.68 6.04 41.67
CA THR C 59 16.81 4.61 41.91
C THR C 59 15.74 4.15 42.87
N CYS C 60 15.57 2.84 42.96
CA CYS C 60 14.58 2.22 43.83
C CYS C 60 15.20 0.99 44.46
N SER C 61 14.89 0.73 45.72
CA SER C 61 15.49 -0.41 46.40
C SER C 61 14.53 -1.20 47.28
N ASP C 62 13.23 -0.92 47.25
CA ASP C 62 12.29 -1.65 48.11
C ASP C 62 12.01 -3.04 47.59
N GLY C 63 11.91 -3.20 46.28
CA GLY C 63 11.46 -4.44 45.69
C GLY C 63 10.42 -4.15 44.65
N PRO C 64 9.42 -5.02 44.52
CA PRO C 64 8.39 -4.79 43.51
C PRO C 64 7.35 -3.79 44.00
N SER C 65 6.98 -2.86 43.13
CA SER C 65 6.05 -1.79 43.46
C SER C 65 5.41 -1.30 42.17
N LEU C 66 4.66 -0.21 42.26
CA LEU C 66 4.06 0.41 41.08
C LEU C 66 4.96 1.52 40.52
N ILE C 67 5.49 2.36 41.40
CA ILE C 67 6.37 3.43 40.96
C ILE C 67 7.62 2.85 40.33
N LYS C 68 8.14 1.76 40.90
CA LYS C 68 9.34 1.13 40.34
C LYS C 68 9.09 0.58 38.96
N THR C 69 7.94 -0.05 38.73
CA THR C 69 7.61 -0.57 37.41
C THR C 69 7.50 0.55 36.39
N GLU C 70 6.77 1.62 36.73
CA GLU C 70 6.62 2.72 35.79
C GLU C 70 7.96 3.42 35.53
N LEU C 71 8.79 3.55 36.56
CA LEU C 71 10.05 4.25 36.41
C LEU C 71 11.03 3.44 35.59
N ASP C 72 11.02 2.12 35.74
CA ASP C 72 11.85 1.28 34.90
C ASP C 72 11.39 1.33 33.45
N LEU C 73 10.07 1.44 33.23
CA LEU C 73 9.58 1.64 31.87
C LEU C 73 10.10 2.94 31.26
N THR C 74 10.08 4.03 32.02
CA THR C 74 10.57 5.31 31.49
C THR C 74 12.07 5.27 31.18
N LYS C 75 12.87 4.76 32.12
CA LYS C 75 14.30 4.68 31.86
C LYS C 75 14.61 3.79 30.66
N SER C 76 13.93 2.65 30.54
CA SER C 76 14.16 1.79 29.40
C SER C 76 13.74 2.44 28.11
N ALA C 77 12.70 3.26 28.12
CA ALA C 77 12.33 3.96 26.90
C ALA C 77 13.43 4.91 26.45
N LEU C 78 14.01 5.67 27.38
CA LEU C 78 15.13 6.52 26.97
C LEU C 78 16.30 5.70 26.45
N ARG C 79 16.66 4.60 27.11
CA ARG C 79 17.80 3.84 26.64
C ARG C 79 17.53 3.24 25.26
N GLU C 80 16.29 2.82 25.01
CA GLU C 80 15.93 2.21 23.73
C GLU C 80 15.92 3.20 22.59
N LEU C 81 15.53 4.46 22.84
CA LEU C 81 15.40 5.41 21.73
C LEU C 81 16.72 5.88 21.16
N LYS C 82 17.85 5.52 21.75
CA LYS C 82 19.14 6.01 21.29
C LYS C 82 19.79 5.11 20.25
N THR C 83 19.09 4.11 19.72
CA THR C 83 19.60 3.33 18.61
C THR C 83 18.74 3.48 17.35
N VAL C 84 17.86 4.48 17.32
CA VAL C 84 16.96 4.70 16.19
C VAL C 84 17.43 5.94 15.46
N SER C 85 17.63 5.82 14.15
CA SER C 85 18.14 6.91 13.35
C SER C 85 17.33 7.04 12.07
N ALA C 86 16.98 8.27 11.73
CA ALA C 86 16.16 8.50 10.54
C ALA C 86 16.96 8.41 9.26
N ASP C 87 18.18 8.94 9.24
CA ASP C 87 19.06 8.70 8.10
C ASP C 87 20.51 8.74 8.61
N GLN C 88 21.00 7.58 9.01
CA GLN C 88 22.39 7.32 9.39
C GLN C 88 22.47 5.86 9.80
N LEU C 89 23.65 5.27 9.69
CA LEU C 89 23.89 3.91 10.13
C LEU C 89 24.86 3.95 11.29
N ARG C 90 24.38 3.63 12.49
CA ARG C 90 25.23 3.62 13.66
C ARG C 90 26.30 2.54 13.51
N ARG C 91 27.55 2.93 13.58
CA ARG C 91 28.68 2.03 13.38
C ARG C 91 29.72 2.26 14.47
N ARG C 92 29.28 2.20 15.71
CA ARG C 92 30.15 2.33 16.88
C ARG C 92 31.30 1.32 16.82
N PHE C 121 5.56 6.74 -24.27
CA PHE C 121 5.33 7.47 -23.03
C PHE C 121 3.99 7.15 -22.42
N VAL C 122 4.01 6.29 -21.41
CA VAL C 122 2.85 5.94 -20.62
C VAL C 122 2.86 6.84 -19.41
N LEU C 123 2.05 7.91 -19.42
CA LEU C 123 2.11 8.92 -18.38
C LEU C 123 1.65 8.41 -17.02
N GLY C 124 1.04 7.24 -16.94
CA GLY C 124 0.74 6.72 -15.63
C GLY C 124 1.89 6.04 -14.95
N ALA C 125 2.99 5.81 -15.67
CA ALA C 125 4.18 5.18 -15.15
C ALA C 125 5.30 6.17 -14.85
N ILE C 126 5.34 7.29 -15.54
CA ILE C 126 6.33 8.32 -15.27
C ILE C 126 6.09 8.94 -13.90
N ALA C 127 4.81 9.09 -13.52
CA ALA C 127 4.41 9.42 -12.16
C ALA C 127 4.52 8.17 -11.32
N LEU C 128 3.75 8.07 -10.24
CA LEU C 128 3.74 6.86 -9.42
C LEU C 128 5.04 6.67 -8.65
N GLY C 129 5.27 7.53 -7.67
CA GLY C 129 6.42 7.41 -6.82
C GLY C 129 7.09 8.75 -6.67
N ARG C 130 6.47 9.77 -7.23
CA ARG C 130 7.02 11.11 -7.15
C ARG C 130 6.60 11.81 -5.87
N ALA C 131 5.33 11.69 -5.50
CA ALA C 131 4.84 12.44 -4.35
C ALA C 131 5.56 12.03 -3.08
N THR C 132 5.63 10.73 -2.81
CA THR C 132 6.22 10.27 -1.55
C THR C 132 7.73 10.45 -1.54
N ALA C 133 8.40 10.20 -2.66
CA ALA C 133 9.83 10.44 -2.71
C ALA C 133 10.16 11.90 -2.46
N ALA C 134 9.41 12.82 -3.07
CA ALA C 134 9.65 14.23 -2.83
C ALA C 134 9.37 14.62 -1.39
N ALA C 135 8.30 14.08 -0.80
CA ALA C 135 8.00 14.39 0.58
C ALA C 135 9.12 13.97 1.52
N VAL C 136 9.62 12.74 1.35
CA VAL C 136 10.66 12.25 2.24
C VAL C 136 11.98 12.99 2.00
N THR C 137 12.29 13.31 0.75
CA THR C 137 13.50 14.06 0.45
C THR C 137 13.50 15.41 1.16
N ALA C 138 12.38 16.13 1.09
CA ALA C 138 12.29 17.43 1.76
C ALA C 138 12.41 17.28 3.27
N GLY C 139 11.75 16.28 3.84
CA GLY C 139 11.84 16.10 5.28
C GLY C 139 13.25 15.84 5.76
N VAL C 140 13.96 14.93 5.10
CA VAL C 140 15.31 14.59 5.51
C VAL C 140 16.27 15.76 5.24
N ALA C 141 16.01 16.54 4.18
CA ALA C 141 16.84 17.71 3.92
C ALA C 141 16.78 18.72 5.05
N ILE C 142 15.59 18.95 5.62
CA ILE C 142 15.51 19.86 6.76
C ILE C 142 16.11 19.23 8.01
N ALA C 143 15.88 17.92 8.20
CA ALA C 143 16.38 17.26 9.38
C ALA C 143 17.90 17.32 9.46
N LYS C 144 18.59 17.17 8.32
CA LYS C 144 20.04 17.28 8.31
C LYS C 144 20.50 18.62 8.87
N THR C 145 19.72 19.68 8.66
CA THR C 145 20.08 20.99 9.15
C THR C 145 19.77 21.16 10.63
N ILE C 146 18.72 20.50 11.12
CA ILE C 146 18.41 20.66 12.55
C ILE C 146 19.30 19.79 13.46
N ARG C 147 19.91 18.72 12.95
CA ARG C 147 20.68 17.82 13.81
C ARG C 147 21.96 18.45 14.32
N LEU C 148 22.40 19.56 13.77
CA LEU C 148 23.67 20.16 14.20
C LEU C 148 23.55 20.64 15.62
N GLU C 149 24.69 20.75 16.30
CA GLU C 149 24.67 21.18 17.69
C GLU C 149 24.34 22.67 17.81
N SER C 150 24.80 23.48 16.87
CA SER C 150 24.47 24.90 16.92
C SER C 150 22.98 25.12 16.76
N GLU C 151 22.33 24.36 15.88
CA GLU C 151 20.90 24.51 15.69
C GLU C 151 20.11 24.11 16.92
N VAL C 152 20.42 22.95 17.50
CA VAL C 152 19.68 22.51 18.67
C VAL C 152 19.94 23.45 19.84
N THR C 153 21.15 23.98 19.95
CA THR C 153 21.42 24.95 21.00
C THR C 153 20.58 26.20 20.83
N ALA C 154 20.49 26.72 19.60
CA ALA C 154 19.67 27.91 19.38
C ALA C 154 18.19 27.62 19.65
N ILE C 155 17.71 26.47 19.20
CA ILE C 155 16.31 26.12 19.39
C ILE C 155 15.98 25.98 20.86
N LYS C 156 16.85 25.34 21.64
CA LYS C 156 16.60 25.23 23.06
C LYS C 156 16.74 26.57 23.78
N ASN C 157 17.56 27.48 23.26
CA ASN C 157 17.64 28.80 23.87
C ASN C 157 16.41 29.64 23.58
N ALA C 158 15.73 29.39 22.46
CA ALA C 158 14.48 30.11 22.20
C ALA C 158 13.41 29.74 23.23
N LEU C 159 13.31 28.47 23.57
CA LEU C 159 12.25 27.93 24.41
C LEU C 159 12.61 27.96 25.88
N LYS C 160 13.61 28.75 26.26
CA LYS C 160 14.09 28.71 27.64
C LYS C 160 13.03 29.23 28.60
N THR C 161 12.32 30.29 28.23
CA THR C 161 11.36 30.95 29.10
C THR C 161 9.93 30.89 28.58
N THR C 162 9.71 30.33 27.40
CA THR C 162 8.36 30.17 26.87
C THR C 162 8.11 28.73 26.46
N ASN C 163 7.00 28.47 25.77
CA ASN C 163 6.69 27.13 25.30
C ASN C 163 6.34 27.11 23.83
N GLU C 164 6.58 28.20 23.11
CA GLU C 164 6.43 28.23 21.67
C GLU C 164 7.10 29.48 21.14
N ALA C 165 7.93 29.32 20.12
CA ALA C 165 8.63 30.46 19.55
C ALA C 165 8.96 30.15 18.11
N VAL C 166 8.87 31.16 17.27
CA VAL C 166 9.13 31.01 15.84
C VAL C 166 10.61 31.31 15.60
N SER C 167 11.36 30.31 15.12
CA SER C 167 12.79 30.47 15.01
C SER C 167 13.22 30.26 13.56
N THR C 168 14.40 30.78 13.23
CA THR C 168 14.98 30.62 11.90
C THR C 168 16.21 29.75 12.01
N LEU C 169 16.29 28.73 11.18
CA LEU C 169 17.44 27.83 11.21
C LEU C 169 18.65 28.53 10.61
N GLY C 170 19.70 27.76 10.31
CA GLY C 170 20.88 28.33 9.70
C GLY C 170 20.82 28.51 8.21
N ASN C 171 19.87 27.86 7.54
CA ASN C 171 19.72 27.98 6.09
C ASN C 171 18.64 28.96 5.70
N GLY C 172 18.10 29.72 6.65
CA GLY C 172 17.10 30.73 6.34
C GLY C 172 15.66 30.26 6.40
N VAL C 173 15.43 28.98 6.64
CA VAL C 173 14.07 28.46 6.75
C VAL C 173 13.52 28.84 8.12
N ARG C 174 12.26 29.22 8.16
CA ARG C 174 11.58 29.58 9.40
C ARG C 174 10.73 28.39 9.87
N VAL C 175 11.02 27.89 11.07
CA VAL C 175 10.28 26.78 11.65
C VAL C 175 9.61 27.28 12.92
N LEU C 176 8.72 26.46 13.48
CA LEU C 176 8.06 26.80 14.72
C LEU C 176 8.48 25.81 15.79
N ALA C 177 9.15 26.29 16.84
CA ALA C 177 9.64 25.41 17.88
C ALA C 177 8.70 25.43 19.08
N THR C 178 8.37 24.25 19.59
CA THR C 178 7.46 24.10 20.72
C THR C 178 7.97 23.03 21.67
N ALA C 179 7.63 23.19 22.95
CA ALA C 179 8.19 22.39 24.03
C ALA C 179 7.08 21.72 24.83
N VAL C 180 7.32 20.48 25.25
CA VAL C 180 6.35 19.70 26.00
C VAL C 180 6.96 19.37 27.36
N ARG C 181 6.36 19.87 28.44
CA ARG C 181 7.03 19.94 29.73
C ARG C 181 6.17 19.43 30.87
N GLU C 182 5.27 18.49 30.63
CA GLU C 182 4.42 18.02 31.72
C GLU C 182 5.11 16.95 32.54
N LEU C 183 5.70 15.96 31.88
CA LEU C 183 6.38 14.89 32.59
C LEU C 183 7.56 15.43 33.37
N LYS C 184 8.31 16.37 32.79
CA LYS C 184 9.47 16.91 33.48
C LYS C 184 9.08 17.65 34.75
N ASP C 185 8.04 18.46 34.68
CA ASP C 185 7.61 19.19 35.86
C ASP C 185 7.07 18.26 36.93
N PHE C 186 6.36 17.21 36.54
CA PHE C 186 5.91 16.23 37.52
C PHE C 186 7.08 15.53 38.18
N VAL C 187 8.10 15.16 37.41
CA VAL C 187 9.24 14.45 37.98
C VAL C 187 10.02 15.35 38.92
N SER C 188 10.23 16.61 38.55
CA SER C 188 11.01 17.50 39.40
C SER C 188 10.24 17.91 40.66
N LYS C 189 8.94 18.18 40.53
CA LYS C 189 8.22 18.81 41.63
C LYS C 189 7.58 17.80 42.57
N ASN C 190 7.02 16.71 42.05
CA ASN C 190 6.29 15.74 42.86
C ASN C 190 7.06 14.44 43.04
N LEU C 191 7.45 13.77 41.97
CA LEU C 191 7.98 12.43 42.10
C LEU C 191 9.25 12.39 42.92
N THR C 192 10.17 13.32 42.66
CA THR C 192 11.47 13.26 43.30
C THR C 192 11.37 13.47 44.80
N ARG C 193 10.46 14.34 45.23
CA ARG C 193 10.33 14.60 46.66
C ARG C 193 9.86 13.36 47.41
N ALA C 194 8.92 12.60 46.83
CA ALA C 194 8.38 11.44 47.51
C ALA C 194 9.42 10.33 47.66
N ILE C 195 10.14 10.02 46.58
CA ILE C 195 11.20 9.02 46.61
C ILE C 195 12.43 9.63 47.26
N ASN C 196 12.57 9.50 48.57
CA ASN C 196 13.63 10.21 49.28
C ASN C 196 14.88 9.36 49.49
N LYS C 197 14.73 8.17 50.06
CA LYS C 197 15.85 7.30 50.39
C LYS C 197 15.79 6.01 49.59
N ASN C 198 15.49 6.13 48.30
CA ASN C 198 15.28 4.98 47.43
C ASN C 198 14.20 4.06 47.97
N LYS C 199 13.11 4.65 48.43
CA LYS C 199 11.92 3.91 48.83
C LYS C 199 10.83 4.17 47.81
N CYS C 200 10.21 3.11 47.31
CA CYS C 200 9.12 3.26 46.38
C CYS C 200 7.96 2.33 46.67
N ASP C 201 8.02 1.58 47.75
CA ASP C 201 6.85 0.80 48.19
C ASP C 201 6.08 1.60 49.23
N ILE C 202 5.77 2.85 48.88
CA ILE C 202 5.08 3.76 49.77
C ILE C 202 3.58 3.49 49.68
N ASP C 203 2.83 4.07 50.62
CA ASP C 203 1.39 3.85 50.69
C ASP C 203 0.59 5.00 50.12
N ASP C 204 1.12 5.69 49.11
CA ASP C 204 0.38 6.79 48.49
C ASP C 204 -0.59 6.28 47.44
N LEU C 205 -0.06 5.70 46.37
CA LEU C 205 -0.82 5.06 45.30
C LEU C 205 -1.57 6.09 44.45
N LYS C 206 -1.59 7.35 44.89
CA LYS C 206 -2.03 8.42 44.02
C LYS C 206 -0.88 8.91 43.14
N MET C 207 0.34 8.86 43.66
CA MET C 207 1.51 9.15 42.84
C MET C 207 1.72 8.07 41.78
N ALA C 208 1.44 6.81 42.10
CA ALA C 208 1.60 5.74 41.14
C ALA C 208 0.65 5.90 39.96
N VAL C 209 -0.62 6.17 40.23
CA VAL C 209 -1.60 6.37 39.16
C VAL C 209 -1.31 7.66 38.40
N SER C 210 -0.89 8.72 39.12
CA SER C 210 -0.55 9.96 38.43
C SER C 210 0.62 9.77 37.47
N PHE C 211 1.65 9.06 37.90
CA PHE C 211 2.81 8.85 37.03
C PHE C 211 2.43 7.99 35.83
N SER C 212 1.53 7.04 36.03
CA SER C 212 1.00 6.28 34.90
C SER C 212 0.27 7.19 33.91
N GLN C 213 -0.47 8.17 34.42
CA GLN C 213 -1.16 9.11 33.53
C GLN C 213 -0.17 10.00 32.78
N PHE C 214 0.93 10.37 33.43
CA PHE C 214 1.82 11.39 32.88
C PHE C 214 2.84 10.85 31.89
N ASN C 215 3.26 9.60 31.99
CA ASN C 215 4.28 9.16 31.03
C ASN C 215 3.68 8.46 29.80
N ARG C 216 2.37 8.50 29.64
CA ARG C 216 1.73 7.78 28.54
C ARG C 216 2.11 8.36 27.18
N ARG C 217 2.08 9.68 27.06
CA ARG C 217 2.42 10.30 25.78
C ARG C 217 3.87 10.03 25.43
N PHE C 218 4.76 10.08 26.42
CA PHE C 218 6.18 9.83 26.15
C PHE C 218 6.39 8.41 25.65
N LEU C 219 5.77 7.44 26.30
CA LEU C 219 5.95 6.05 25.89
C LEU C 219 5.35 5.79 24.51
N ASN C 220 4.23 6.43 24.19
CA ASN C 220 3.64 6.27 22.87
C ASN C 220 4.53 6.87 21.79
N VAL C 221 5.08 8.07 22.02
CA VAL C 221 5.98 8.66 21.04
C VAL C 221 7.16 7.74 20.79
N VAL C 222 7.73 7.21 21.87
CA VAL C 222 8.90 6.34 21.73
C VAL C 222 8.58 5.11 20.91
N ARG C 223 7.45 4.46 21.15
CA ARG C 223 7.22 3.24 20.39
C ARG C 223 6.78 3.53 18.96
N GLN C 224 6.18 4.69 18.70
CA GLN C 224 5.88 5.01 17.31
C GLN C 224 7.14 5.28 16.51
N PHE C 225 8.15 5.89 17.12
CA PHE C 225 9.39 6.07 16.38
C PHE C 225 10.21 4.79 16.30
N SER C 226 10.11 3.93 17.31
CA SER C 226 10.90 2.71 17.35
C SER C 226 10.37 1.65 16.41
N GLU C 227 9.05 1.58 16.23
CA GLU C 227 8.49 0.57 15.32
C GLU C 227 8.74 0.92 13.86
N ASN C 228 8.82 2.21 13.52
CA ASN C 228 8.85 2.68 12.16
C ASN C 228 10.22 3.16 11.72
N ALA C 229 11.29 2.67 12.35
CA ALA C 229 12.67 2.95 11.96
C ALA C 229 13.05 4.40 12.09
N GLY C 230 12.22 5.22 12.72
CA GLY C 230 12.55 6.62 12.92
C GLY C 230 11.87 7.59 11.99
N ILE C 231 11.00 7.14 11.10
CA ILE C 231 10.28 8.01 10.17
C ILE C 231 8.86 7.48 10.09
N THR C 232 7.95 8.07 10.87
CA THR C 232 6.59 7.56 10.84
C THR C 232 5.88 8.06 9.58
N PRO C 233 4.88 7.31 9.09
CA PRO C 233 4.16 7.74 7.89
C PRO C 233 2.93 8.60 8.12
N ALA C 234 2.51 8.83 9.36
CA ALA C 234 1.38 9.69 9.64
C ALA C 234 1.54 10.29 11.02
N ILE C 235 0.95 11.46 11.21
CA ILE C 235 0.97 12.14 12.50
C ILE C 235 -0.12 11.54 13.37
N SER C 236 0.25 11.05 14.54
CA SER C 236 -0.73 10.53 15.47
C SER C 236 -1.12 11.65 16.42
N LEU C 237 -1.88 11.32 17.45
CA LEU C 237 -2.24 12.30 18.46
C LEU C 237 -1.24 12.33 19.61
N ASP C 238 -0.18 11.56 19.51
CA ASP C 238 0.92 11.60 20.46
C ASP C 238 2.04 12.48 19.98
N LEU C 239 2.38 12.42 18.69
CA LEU C 239 3.32 13.38 18.14
C LEU C 239 2.78 14.79 18.25
N MET C 240 1.70 15.09 17.51
CA MET C 240 1.10 16.42 17.52
C MET C 240 -0.37 16.30 17.86
N THR C 241 -0.76 16.80 19.03
CA THR C 241 -2.13 16.71 19.48
C THR C 241 -2.98 17.71 18.69
N ASP C 242 -4.19 18.01 19.16
CA ASP C 242 -5.09 18.84 18.36
C ASP C 242 -4.83 20.33 18.56
N ALA C 243 -4.64 20.77 19.80
CA ALA C 243 -4.40 22.18 20.04
C ALA C 243 -3.14 22.66 19.35
N GLU C 244 -2.11 21.82 19.32
CA GLU C 244 -0.88 22.20 18.65
C GLU C 244 -1.02 22.16 17.14
N LEU C 245 -1.91 21.32 16.62
CA LEU C 245 -2.20 21.37 15.18
C LEU C 245 -2.87 22.69 14.81
N ALA C 246 -3.83 23.14 15.62
CA ALA C 246 -4.45 24.42 15.34
C ALA C 246 -3.46 25.57 15.47
N ARG C 247 -2.62 25.52 16.50
CA ARG C 247 -1.63 26.58 16.71
C ARG C 247 -0.55 26.59 15.64
N ALA C 248 -0.26 25.47 15.01
CA ALA C 248 0.67 25.48 13.89
C ALA C 248 0.01 25.96 12.62
N ILE C 249 -1.25 25.61 12.39
CA ILE C 249 -1.95 26.08 11.20
C ILE C 249 -2.11 27.59 11.23
N SER C 250 -2.29 28.16 12.41
CA SER C 250 -2.43 29.62 12.49
C SER C 250 -1.17 30.37 12.11
N ASN C 251 -0.04 29.69 11.94
CA ASN C 251 1.25 30.33 11.72
C ASN C 251 1.80 30.13 10.31
N MET C 252 1.07 29.47 9.42
CA MET C 252 1.63 29.12 8.13
C MET C 252 1.78 30.37 7.26
N PRO C 253 2.65 30.34 6.25
CA PRO C 253 2.86 31.51 5.40
C PRO C 253 1.93 31.58 4.19
N THR C 254 0.63 31.78 4.45
CA THR C 254 -0.36 31.93 3.39
C THR C 254 -1.34 33.04 3.79
N SER C 255 -2.17 33.43 2.84
CA SER C 255 -3.13 34.49 3.11
C SER C 255 -4.21 33.97 4.05
N ALA C 256 -5.22 34.80 4.31
CA ALA C 256 -6.19 34.47 5.36
C ALA C 256 -7.20 33.43 4.90
N GLY C 257 -7.54 33.39 3.62
CA GLY C 257 -8.56 32.45 3.16
C GLY C 257 -8.14 31.00 3.31
N GLN C 258 -6.90 30.70 2.89
CA GLN C 258 -6.40 29.34 3.05
C GLN C 258 -6.25 28.97 4.51
N ILE C 259 -5.83 29.93 5.34
CA ILE C 259 -5.71 29.67 6.77
C ILE C 259 -7.06 29.31 7.36
N LYS C 260 -8.12 30.01 6.96
CA LYS C 260 -9.45 29.67 7.44
C LYS C 260 -9.87 28.29 6.98
N LEU C 261 -9.62 27.94 5.73
CA LEU C 261 -9.99 26.61 5.26
C LEU C 261 -9.28 25.51 6.05
N MET C 262 -7.99 25.66 6.28
CA MET C 262 -7.27 24.64 7.04
C MET C 262 -7.69 24.61 8.50
N LEU C 263 -7.89 25.77 9.13
CA LEU C 263 -8.30 25.75 10.52
C LEU C 263 -9.64 25.07 10.69
N GLU C 264 -10.52 25.17 9.71
CA GLU C 264 -11.78 24.48 9.86
C GLU C 264 -11.72 23.02 9.49
N ASN C 265 -10.77 22.60 8.66
CA ASN C 265 -10.70 21.21 8.22
C ASN C 265 -9.36 20.58 8.54
N ARG C 266 -8.84 20.84 9.73
CA ARG C 266 -7.61 20.26 10.26
C ARG C 266 -7.38 18.78 10.05
N ALA C 267 -8.42 17.96 9.95
CA ALA C 267 -8.19 16.52 9.83
C ALA C 267 -7.47 16.20 8.53
N MET C 268 -7.80 16.91 7.46
CA MET C 268 -7.20 16.70 6.16
C MET C 268 -5.85 17.39 6.01
N VAL C 269 -5.44 18.21 6.98
CA VAL C 269 -4.08 18.72 7.04
C VAL C 269 -3.19 17.78 7.84
N ARG C 270 -3.71 17.19 8.91
CA ARG C 270 -2.96 16.17 9.63
C ARG C 270 -2.80 14.90 8.80
N ARG C 271 -3.76 14.60 7.94
CA ARG C 271 -3.73 13.35 7.20
C ARG C 271 -2.55 13.26 6.25
N LYS C 272 -1.98 14.39 5.83
CA LYS C 272 -0.93 14.40 4.82
C LYS C 272 0.40 14.90 5.35
N GLY C 273 0.77 14.52 6.57
CA GLY C 273 2.04 14.88 7.16
C GLY C 273 2.79 13.63 7.59
N PHE C 274 3.93 13.85 8.22
CA PHE C 274 4.70 12.76 8.80
C PHE C 274 5.72 13.34 9.76
N GLY C 275 6.24 12.49 10.64
CA GLY C 275 7.18 12.92 11.66
C GLY C 275 8.51 12.22 11.51
N ILE C 276 9.58 12.93 11.85
CA ILE C 276 10.94 12.42 11.72
C ILE C 276 11.65 12.63 13.05
N LEU C 277 12.38 11.62 13.51
CA LEU C 277 13.10 11.72 14.76
C LEU C 277 14.38 12.49 14.52
N ILE C 278 14.65 13.48 15.36
CA ILE C 278 15.92 14.19 15.30
C ILE C 278 16.92 13.58 16.26
N GLY C 279 16.56 13.36 17.52
CA GLY C 279 17.47 12.61 18.37
C GLY C 279 17.05 12.67 19.83
N VAL C 280 17.95 12.17 20.67
CA VAL C 280 17.81 12.27 22.12
C VAL C 280 18.99 13.08 22.63
N TYR C 281 18.73 14.30 23.08
CA TYR C 281 19.76 15.22 23.54
C TYR C 281 19.59 15.44 25.03
N GLY C 282 20.56 14.97 25.81
CA GLY C 282 20.41 15.04 27.25
C GLY C 282 19.31 14.13 27.75
N SER C 283 18.21 14.71 28.21
CA SER C 283 17.01 13.96 28.51
C SER C 283 15.82 14.42 27.67
N SER C 284 16.06 15.14 26.58
CA SER C 284 15.00 15.66 25.74
C SER C 284 14.93 14.85 24.45
N VAL C 285 13.75 14.37 24.12
CA VAL C 285 13.52 13.74 22.83
C VAL C 285 13.11 14.85 21.88
N ILE C 286 13.90 15.07 20.83
CA ILE C 286 13.63 16.13 19.86
C ILE C 286 13.18 15.49 18.57
N TYR C 287 12.03 15.91 18.05
CA TYR C 287 11.55 15.39 16.77
C TYR C 287 10.90 16.53 16.00
N MET C 288 10.50 16.26 14.75
CA MET C 288 9.91 17.28 13.91
C MET C 288 8.67 16.71 13.23
N VAL C 289 7.79 17.60 12.81
CA VAL C 289 6.55 17.25 12.14
C VAL C 289 6.39 18.13 10.91
N GLN C 290 6.17 17.51 9.76
CA GLN C 290 6.00 18.21 8.49
C GLN C 290 4.52 18.26 8.14
N LEU C 291 3.98 19.45 7.97
CA LEU C 291 2.58 19.65 7.64
C LEU C 291 2.47 20.23 6.24
N PRO C 292 1.40 19.94 5.52
CA PRO C 292 1.23 20.54 4.20
C PRO C 292 0.77 21.97 4.28
N ILE C 293 0.94 22.69 3.19
CA ILE C 293 0.43 24.03 3.05
C ILE C 293 -0.48 24.02 1.83
N PHE C 294 -1.79 24.11 2.05
CA PHE C 294 -2.74 24.13 0.95
C PHE C 294 -2.87 25.58 0.49
N GLY C 295 -1.91 25.98 -0.35
CA GLY C 295 -1.77 27.38 -0.68
C GLY C 295 -2.73 27.89 -1.75
N VAL C 296 -3.19 27.00 -2.62
CA VAL C 296 -4.07 27.38 -3.72
C VAL C 296 -5.41 26.67 -3.54
N ILE C 297 -6.48 27.43 -3.44
CA ILE C 297 -7.81 26.89 -3.18
C ILE C 297 -8.80 27.46 -4.19
N ASP C 298 -9.87 26.70 -4.43
CA ASP C 298 -11.00 27.11 -5.24
C ASP C 298 -10.59 27.49 -6.68
N THR C 299 -10.14 26.47 -7.41
CA THR C 299 -9.69 26.57 -8.80
C THR C 299 -10.25 25.37 -9.56
N PRO C 300 -10.69 25.54 -10.82
CA PRO C 300 -11.46 24.48 -11.48
C PRO C 300 -10.75 23.14 -11.60
N CYS C 301 -11.54 22.07 -11.55
CA CYS C 301 -11.07 20.71 -11.76
C CYS C 301 -12.11 19.94 -12.52
N TRP C 302 -11.73 18.77 -13.03
CA TRP C 302 -12.69 17.85 -13.61
C TRP C 302 -12.11 16.46 -13.66
N ILE C 303 -12.96 15.46 -13.80
CA ILE C 303 -12.52 14.07 -13.83
C ILE C 303 -13.03 13.41 -15.09
N VAL C 304 -12.20 12.55 -15.69
CA VAL C 304 -12.55 11.84 -16.92
C VAL C 304 -12.52 10.35 -16.65
N LYS C 305 -13.61 9.65 -17.02
CA LYS C 305 -13.74 8.20 -16.89
C LYS C 305 -14.09 7.59 -18.23
N ALA C 306 -13.81 6.31 -18.41
CA ALA C 306 -14.02 5.69 -19.70
C ALA C 306 -14.16 4.18 -19.59
N ALA C 307 -14.72 3.58 -20.63
CA ALA C 307 -14.97 2.15 -20.74
C ALA C 307 -14.78 1.74 -22.19
N PRO C 308 -14.54 0.45 -22.46
CA PRO C 308 -14.24 0.03 -23.83
C PRO C 308 -15.37 0.35 -24.80
N SER C 309 -14.99 0.72 -26.02
CA SER C 309 -15.93 1.04 -27.09
C SER C 309 -15.65 0.12 -28.27
N CYS C 310 -16.55 -0.83 -28.51
CA CYS C 310 -16.30 -1.97 -29.39
C CYS C 310 -17.40 -2.05 -30.44
N SER C 311 -17.01 -2.17 -31.70
CA SER C 311 -17.98 -2.30 -32.78
C SER C 311 -17.78 -3.62 -33.51
N GLU C 312 -18.89 -4.26 -33.86
CA GLU C 312 -18.87 -5.62 -34.40
C GLU C 312 -19.35 -5.61 -35.83
N LYS C 313 -18.65 -6.34 -36.70
CA LYS C 313 -19.12 -6.60 -38.04
C LYS C 313 -18.76 -8.03 -38.42
N LYS C 314 -19.75 -8.79 -38.87
CA LYS C 314 -19.56 -10.18 -39.26
C LYS C 314 -18.93 -11.01 -38.14
N GLY C 315 -19.19 -10.63 -36.90
CA GLY C 315 -18.66 -11.34 -35.76
C GLY C 315 -17.26 -10.96 -35.34
N ASN C 316 -16.60 -10.05 -36.05
CA ASN C 316 -15.28 -9.58 -35.68
C ASN C 316 -15.37 -8.19 -35.08
N TYR C 317 -14.63 -7.96 -34.00
CA TYR C 317 -14.77 -6.76 -33.20
C TYR C 317 -13.57 -5.83 -33.40
N ALA C 318 -13.82 -4.54 -33.23
CA ALA C 318 -12.78 -3.53 -33.20
C ALA C 318 -13.01 -2.69 -31.97
N CYS C 319 -12.03 -2.63 -31.07
CA CYS C 319 -12.28 -2.06 -29.75
C CYS C 319 -11.26 -0.98 -29.45
N LEU C 320 -11.71 0.12 -28.85
CA LEU C 320 -10.84 1.18 -28.35
C LEU C 320 -11.13 1.44 -26.89
N LEU C 321 -10.26 2.22 -26.26
CA LEU C 321 -10.45 2.59 -24.86
C LEU C 321 -9.60 3.82 -24.59
N ARG C 322 -10.21 4.90 -24.12
CA ARG C 322 -9.46 6.11 -23.83
C ARG C 322 -8.56 5.89 -22.63
N GLU C 323 -7.33 6.39 -22.73
CA GLU C 323 -6.32 6.13 -21.72
C GLU C 323 -5.91 7.36 -20.93
N ASP C 324 -6.58 8.48 -21.10
CA ASP C 324 -6.26 9.69 -20.36
C ASP C 324 -7.25 9.96 -19.24
N GLN C 325 -7.65 8.94 -18.49
CA GLN C 325 -8.58 9.10 -17.39
C GLN C 325 -7.87 9.68 -16.18
N GLY C 326 -8.66 10.10 -15.19
CA GLY C 326 -8.11 10.67 -13.98
C GLY C 326 -8.49 12.12 -13.81
N TRP C 327 -7.69 12.86 -13.05
CA TRP C 327 -8.08 14.20 -12.63
C TRP C 327 -7.32 15.25 -13.42
N TYR C 328 -7.96 16.40 -13.65
CA TYR C 328 -7.28 17.53 -14.24
C TYR C 328 -7.61 18.77 -13.45
N CYS C 329 -6.62 19.60 -13.17
CA CYS C 329 -6.83 20.83 -12.41
C CYS C 329 -6.25 22.01 -13.16
N GLN C 330 -7.02 23.06 -13.29
CA GLN C 330 -6.53 24.32 -13.80
C GLN C 330 -5.73 25.00 -12.71
N ASN C 331 -4.78 25.84 -13.10
CA ASN C 331 -4.07 26.69 -12.14
C ASN C 331 -3.32 27.76 -12.92
N ALA C 332 -3.69 29.03 -12.72
CA ALA C 332 -2.98 30.16 -13.30
C ALA C 332 -2.82 30.02 -14.81
N GLY C 333 -3.85 29.51 -15.46
CA GLY C 333 -3.82 29.36 -16.89
C GLY C 333 -3.10 28.14 -17.42
N SER C 334 -2.61 27.26 -16.56
CA SER C 334 -1.94 26.03 -16.98
C SER C 334 -2.69 24.84 -16.42
N THR C 335 -2.70 23.75 -17.17
CA THR C 335 -3.47 22.56 -16.82
C THR C 335 -2.53 21.47 -16.32
N VAL C 336 -2.87 20.85 -15.20
CA VAL C 336 -2.05 19.78 -14.63
C VAL C 336 -2.88 18.52 -14.55
N TYR C 337 -2.34 17.41 -15.06
CA TYR C 337 -3.04 16.14 -15.18
C TYR C 337 -2.50 15.18 -14.14
N TYR C 338 -3.37 14.70 -13.25
CA TYR C 338 -2.98 13.76 -12.22
C TYR C 338 -3.48 12.39 -12.63
N PRO C 339 -2.57 11.49 -13.01
CA PRO C 339 -2.97 10.25 -13.68
C PRO C 339 -3.20 9.07 -12.76
N ASN C 340 -2.61 9.09 -11.57
CA ASN C 340 -2.79 8.04 -10.58
C ASN C 340 -3.84 8.52 -9.60
N GLU C 341 -5.03 7.93 -9.66
CA GLU C 341 -6.14 8.44 -8.86
C GLU C 341 -5.98 8.18 -7.37
N LYS C 342 -4.84 7.68 -6.91
CA LYS C 342 -4.65 7.46 -5.49
C LYS C 342 -4.02 8.64 -4.78
N ASP C 343 -3.79 9.76 -5.46
CA ASP C 343 -3.20 10.92 -4.84
C ASP C 343 -4.13 12.13 -4.78
N CYS C 344 -5.37 12.01 -5.24
CA CYS C 344 -6.36 13.07 -5.14
C CYS C 344 -7.58 12.55 -4.38
N GLU C 345 -8.02 13.29 -3.38
CA GLU C 345 -9.10 12.87 -2.49
C GLU C 345 -10.21 13.90 -2.49
N THR C 346 -11.43 13.48 -2.80
CA THR C 346 -12.55 14.41 -2.74
C THR C 346 -13.17 14.40 -1.36
N ARG C 347 -13.63 15.58 -0.92
CA ARG C 347 -14.46 15.72 0.27
C ARG C 347 -15.54 16.73 -0.10
N GLY C 348 -16.66 16.25 -0.58
CA GLY C 348 -17.72 17.12 -1.06
C GLY C 348 -17.57 17.35 -2.54
N ASP C 349 -17.53 18.61 -2.95
CA ASP C 349 -17.13 18.95 -4.29
C ASP C 349 -15.75 19.56 -4.35
N HIS C 350 -15.02 19.55 -3.24
CA HIS C 350 -13.62 19.95 -3.19
C HIS C 350 -12.74 18.73 -3.38
N VAL C 351 -11.60 18.90 -4.03
CA VAL C 351 -10.66 17.81 -4.21
C VAL C 351 -9.28 18.25 -3.74
N PHE C 352 -8.70 17.48 -2.81
CA PHE C 352 -7.39 17.74 -2.25
C PHE C 352 -6.33 17.04 -3.07
N CYS C 353 -5.39 17.81 -3.61
CA CYS C 353 -4.43 17.33 -4.60
C CYS C 353 -3.02 17.67 -4.19
N ASP C 354 -2.08 16.95 -4.78
CA ASP C 354 -0.66 17.06 -4.46
C ASP C 354 0.09 17.48 -5.73
N THR C 355 0.63 18.70 -5.75
CA THR C 355 1.18 19.23 -6.99
C THR C 355 2.43 18.50 -7.45
N ALA C 356 3.06 17.69 -6.61
CA ALA C 356 4.27 17.00 -7.01
C ALA C 356 3.99 15.72 -7.78
N ALA C 357 2.74 15.29 -7.86
CA ALA C 357 2.35 14.05 -8.53
C ALA C 357 1.61 14.29 -9.84
N GLY C 358 1.60 15.51 -10.36
CA GLY C 358 0.92 15.84 -11.58
C GLY C 358 1.89 16.10 -12.71
N ILE C 359 1.35 16.18 -13.92
CA ILE C 359 2.14 16.38 -15.13
C ILE C 359 1.53 17.51 -15.93
N ASN C 360 2.33 18.47 -16.34
CA ASN C 360 1.79 19.61 -17.06
C ASN C 360 1.34 19.19 -18.44
N VAL C 361 0.12 19.56 -18.83
CA VAL C 361 -0.39 19.24 -20.15
C VAL C 361 -0.87 20.51 -20.83
N ALA C 362 -0.85 20.53 -22.15
CA ALA C 362 -1.28 21.70 -22.89
C ALA C 362 -2.79 21.86 -22.76
N GLU C 363 -3.27 23.08 -22.99
CA GLU C 363 -4.70 23.32 -22.82
C GLU C 363 -5.51 22.68 -23.94
N GLN C 364 -4.92 22.52 -25.13
CA GLN C 364 -5.60 21.80 -26.20
C GLN C 364 -5.90 20.37 -25.83
N SER C 365 -5.45 19.89 -24.67
CA SER C 365 -5.82 18.57 -24.20
C SER C 365 -7.27 18.48 -23.78
N LYS C 366 -7.98 19.59 -23.68
CA LYS C 366 -9.41 19.53 -23.41
C LYS C 366 -10.21 19.41 -24.69
N GLU C 367 -9.58 19.20 -25.82
CA GLU C 367 -10.32 18.98 -27.05
C GLU C 367 -10.54 17.51 -27.37
N CYS C 368 -9.98 16.60 -26.59
CA CYS C 368 -10.33 15.20 -26.74
C CYS C 368 -11.73 14.92 -26.24
N ASN C 369 -12.33 15.82 -25.47
CA ASN C 369 -13.70 15.72 -24.99
C ASN C 369 -14.71 16.40 -25.88
N ILE C 370 -14.29 16.95 -27.00
CA ILE C 370 -15.20 17.68 -27.87
C ILE C 370 -15.24 17.00 -29.23
N ASN C 371 -14.08 16.64 -29.76
CA ASN C 371 -14.06 15.90 -31.02
C ASN C 371 -12.79 15.03 -30.99
N ILE C 372 -12.91 13.82 -30.46
CA ILE C 372 -11.72 13.01 -30.28
C ILE C 372 -11.08 12.63 -31.59
N SER C 373 -11.85 12.62 -32.67
CA SER C 373 -11.40 11.99 -33.91
C SER C 373 -10.48 12.90 -34.70
N THR C 374 -10.93 14.13 -34.96
CA THR C 374 -10.23 15.05 -35.85
C THR C 374 -9.59 16.23 -35.12
N THR C 375 -9.01 16.00 -33.96
CA THR C 375 -8.22 17.04 -33.34
C THR C 375 -6.78 17.03 -33.84
N ASN C 376 -6.03 18.00 -33.35
CA ASN C 376 -4.59 18.07 -33.51
C ASN C 376 -3.84 17.45 -32.35
N TYR C 377 -4.40 17.50 -31.15
CA TYR C 377 -3.75 16.94 -29.99
C TYR C 377 -3.62 15.43 -30.12
N PRO C 378 -2.52 14.84 -29.64
CA PRO C 378 -2.41 13.38 -29.64
C PRO C 378 -3.24 12.70 -28.58
N CYS C 379 -4.50 12.39 -28.90
CA CYS C 379 -5.36 11.67 -27.98
C CYS C 379 -4.83 10.26 -27.76
N LYS C 380 -4.77 9.81 -26.52
CA LYS C 380 -4.22 8.49 -26.22
C LYS C 380 -5.32 7.45 -26.16
N VAL C 381 -5.17 6.35 -26.88
CA VAL C 381 -6.12 5.25 -26.86
C VAL C 381 -5.37 3.93 -26.80
N SER C 382 -6.05 2.90 -26.29
CA SER C 382 -5.62 1.51 -26.38
C SER C 382 -6.60 0.78 -27.28
N THR C 383 -6.10 -0.12 -28.10
CA THR C 383 -6.99 -0.84 -28.99
C THR C 383 -6.93 -2.33 -28.70
N GLY C 384 -7.82 -3.05 -29.37
CA GLY C 384 -7.85 -4.50 -29.24
C GLY C 384 -8.87 -5.07 -30.20
N ARG C 385 -8.88 -6.39 -30.28
CA ARG C 385 -9.84 -7.10 -31.12
C ARG C 385 -10.76 -8.01 -30.32
N ASN C 386 -10.67 -7.99 -29.00
CA ASN C 386 -11.49 -8.86 -28.16
C ASN C 386 -12.30 -7.99 -27.21
N PRO C 387 -13.63 -8.13 -27.16
CA PRO C 387 -14.43 -7.27 -26.31
C PRO C 387 -14.18 -7.52 -24.83
N ILE C 388 -14.46 -6.51 -24.02
CA ILE C 388 -14.53 -6.68 -22.57
C ILE C 388 -15.86 -6.12 -22.11
N SER C 389 -16.51 -6.82 -21.19
CA SER C 389 -17.75 -6.36 -20.57
C SER C 389 -17.43 -5.88 -19.16
N MET C 390 -17.87 -4.68 -18.81
CA MET C 390 -17.47 -4.12 -17.52
C MET C 390 -18.37 -2.94 -17.18
N VAL C 391 -18.20 -2.43 -15.96
CA VAL C 391 -18.94 -1.27 -15.48
C VAL C 391 -17.96 -0.29 -14.87
N ALA C 392 -17.94 0.94 -15.41
CA ALA C 392 -17.07 2.00 -14.93
C ALA C 392 -17.92 3.03 -14.22
N LEU C 393 -17.80 3.10 -12.89
CA LEU C 393 -18.64 3.99 -12.10
C LEU C 393 -18.07 5.40 -12.16
N SER C 394 -18.94 6.36 -12.43
CA SER C 394 -18.58 7.76 -12.50
C SER C 394 -19.39 8.53 -11.48
N PRO C 395 -18.98 9.74 -11.09
CA PRO C 395 -19.57 10.39 -9.91
C PRO C 395 -21.08 10.52 -9.93
N LEU C 396 -21.71 10.62 -11.09
CA LEU C 396 -23.17 10.69 -11.15
C LEU C 396 -23.77 9.54 -11.96
N GLY C 397 -23.22 8.34 -11.88
CA GLY C 397 -23.82 7.26 -12.63
C GLY C 397 -22.83 6.16 -12.93
N ALA C 398 -23.10 5.42 -14.00
CA ALA C 398 -22.21 4.36 -14.41
C ALA C 398 -22.22 4.23 -15.92
N LEU C 399 -21.13 3.73 -16.47
CA LEU C 399 -21.05 3.36 -17.88
C LEU C 399 -20.95 1.85 -17.96
N VAL C 400 -21.93 1.22 -18.58
CA VAL C 400 -21.98 -0.24 -18.68
C VAL C 400 -21.63 -0.63 -20.11
N ALA C 401 -20.69 -1.56 -20.26
CA ALA C 401 -20.33 -2.13 -21.54
C ALA C 401 -20.70 -3.60 -21.52
N CYS C 402 -21.68 -3.97 -22.35
CA CYS C 402 -22.24 -5.31 -22.39
C CYS C 402 -22.09 -5.87 -23.79
N TYR C 403 -21.33 -6.94 -23.94
CA TYR C 403 -20.98 -7.45 -25.27
C TYR C 403 -21.34 -8.93 -25.32
N LYS C 404 -20.76 -9.63 -26.29
CA LYS C 404 -21.21 -10.92 -26.80
C LYS C 404 -21.88 -11.88 -25.82
N GLY C 405 -21.30 -12.14 -24.67
CA GLY C 405 -21.86 -13.20 -23.85
C GLY C 405 -22.23 -12.84 -22.42
N VAL C 406 -22.71 -11.64 -22.20
CA VAL C 406 -22.96 -11.14 -20.86
C VAL C 406 -24.36 -10.54 -20.81
N SER C 407 -25.03 -10.72 -19.67
CA SER C 407 -26.36 -10.19 -19.44
C SER C 407 -26.29 -9.08 -18.39
N CYS C 408 -26.89 -7.94 -18.71
CA CYS C 408 -26.87 -6.78 -17.82
C CYS C 408 -28.29 -6.36 -17.48
N SER C 409 -28.43 -5.70 -16.33
CA SER C 409 -29.72 -5.16 -15.94
C SER C 409 -29.52 -4.00 -14.97
N ILE C 410 -30.56 -3.21 -14.79
CA ILE C 410 -30.57 -2.14 -13.82
C ILE C 410 -31.79 -2.30 -12.94
N GLY C 411 -31.61 -2.00 -11.66
CA GLY C 411 -32.69 -2.12 -10.71
C GLY C 411 -32.50 -1.17 -9.55
N SER C 412 -33.41 -1.25 -8.60
CA SER C 412 -33.43 -0.37 -7.45
C SER C 412 -33.54 -1.20 -6.18
N ASN C 413 -33.82 -0.53 -5.06
CA ASN C 413 -33.92 -1.24 -3.79
C ASN C 413 -35.36 -1.70 -3.54
N ARG C 414 -36.32 -0.80 -3.66
CA ARG C 414 -37.70 -1.12 -3.32
C ARG C 414 -38.41 -1.94 -4.40
N VAL C 415 -37.91 -1.93 -5.63
CA VAL C 415 -38.63 -2.48 -6.76
C VAL C 415 -37.98 -3.74 -7.32
N GLY C 416 -36.65 -3.76 -7.39
CA GLY C 416 -35.96 -4.91 -7.93
C GLY C 416 -35.52 -4.67 -9.36
N ILE C 417 -35.41 -5.74 -10.15
CA ILE C 417 -34.97 -5.62 -11.54
C ILE C 417 -35.90 -4.71 -12.31
N ILE C 418 -35.43 -3.51 -12.64
CA ILE C 418 -36.24 -2.57 -13.39
C ILE C 418 -36.25 -2.92 -14.86
N LYS C 419 -35.06 -3.09 -15.47
CA LYS C 419 -35.05 -3.48 -16.87
C LYS C 419 -33.72 -4.10 -17.24
N GLN C 420 -33.68 -4.65 -18.46
CA GLN C 420 -32.47 -5.19 -19.05
C GLN C 420 -31.83 -4.12 -19.93
N LEU C 421 -30.67 -4.42 -20.49
CA LEU C 421 -29.95 -3.45 -21.30
C LEU C 421 -29.57 -4.08 -22.63
N ASN C 422 -29.44 -3.25 -23.64
CA ASN C 422 -29.04 -3.72 -24.95
C ASN C 422 -27.53 -3.85 -25.03
N LYS C 423 -27.06 -4.55 -26.06
CA LYS C 423 -25.63 -4.69 -26.26
C LYS C 423 -25.02 -3.33 -26.59
N GLY C 424 -23.76 -3.16 -26.24
CA GLY C 424 -23.08 -1.90 -26.46
C GLY C 424 -22.77 -1.19 -25.17
N CYS C 425 -22.62 0.13 -25.24
CA CYS C 425 -22.30 0.93 -24.07
C CYS C 425 -23.47 1.85 -23.74
N SER C 426 -23.79 1.94 -22.46
CA SER C 426 -24.91 2.72 -21.98
C SER C 426 -24.48 3.57 -20.80
N TYR C 427 -25.13 4.71 -20.63
CA TYR C 427 -24.88 5.61 -19.51
C TYR C 427 -26.10 5.57 -18.62
N ILE C 428 -25.94 5.06 -17.41
CA ILE C 428 -27.02 4.87 -16.45
C ILE C 428 -26.86 5.93 -15.38
N THR C 429 -27.77 6.90 -15.36
CA THR C 429 -27.69 7.97 -14.37
C THR C 429 -28.07 7.42 -13.02
N ASN C 430 -27.63 8.08 -11.96
CA ASN C 430 -27.97 7.54 -10.65
C ASN C 430 -29.31 8.00 -10.15
N GLN C 431 -30.13 8.60 -11.00
CA GLN C 431 -31.48 8.98 -10.65
C GLN C 431 -32.51 8.01 -11.18
N ASP C 432 -32.13 7.17 -12.14
CA ASP C 432 -33.02 6.16 -12.71
C ASP C 432 -32.75 4.76 -12.22
N ALA C 433 -31.72 4.57 -11.39
CA ALA C 433 -31.35 3.25 -10.95
C ALA C 433 -30.60 3.36 -9.64
N ASP C 434 -30.49 2.24 -8.95
CA ASP C 434 -29.69 2.15 -7.74
C ASP C 434 -28.61 1.11 -7.83
N THR C 435 -28.85 0.01 -8.52
CA THR C 435 -27.83 -1.02 -8.71
C THR C 435 -27.78 -1.42 -10.16
N VAL C 436 -26.56 -1.69 -10.64
CA VAL C 436 -26.30 -2.15 -11.99
C VAL C 436 -25.70 -3.54 -11.90
N THR C 437 -26.23 -4.48 -12.69
CA THR C 437 -25.85 -5.88 -12.59
C THR C 437 -25.24 -6.36 -13.90
N ILE C 438 -24.00 -6.83 -13.82
CA ILE C 438 -23.39 -7.66 -14.85
C ILE C 438 -23.63 -9.10 -14.42
N ASP C 439 -23.29 -10.06 -15.29
CA ASP C 439 -23.87 -11.40 -15.27
C ASP C 439 -24.25 -11.90 -13.87
N ASN C 440 -23.40 -11.69 -12.87
CA ASN C 440 -23.80 -11.99 -11.50
C ASN C 440 -23.30 -10.96 -10.50
N THR C 441 -22.63 -9.91 -10.93
CA THR C 441 -22.06 -8.90 -10.05
C THR C 441 -23.01 -7.72 -9.96
N VAL C 442 -23.18 -7.18 -8.75
CA VAL C 442 -24.05 -6.05 -8.51
C VAL C 442 -23.22 -4.88 -7.99
N TYR C 443 -23.41 -3.71 -8.58
CA TYR C 443 -22.71 -2.50 -8.20
C TYR C 443 -23.73 -1.47 -7.74
N GLN C 444 -23.40 -0.75 -6.67
CA GLN C 444 -24.28 0.25 -6.11
C GLN C 444 -23.80 1.64 -6.52
N LEU C 445 -24.61 2.34 -7.31
CA LEU C 445 -24.25 3.67 -7.76
C LEU C 445 -24.18 4.64 -6.60
N SER C 446 -23.32 5.64 -6.73
CA SER C 446 -23.27 6.74 -5.78
C SER C 446 -24.44 7.69 -6.00
N LYS C 447 -24.93 8.27 -4.92
CA LYS C 447 -26.16 9.06 -4.97
C LYS C 447 -25.91 10.56 -4.92
N VAL C 448 -24.84 11.04 -5.56
CA VAL C 448 -24.58 12.47 -5.61
C VAL C 448 -25.63 13.15 -6.45
N GLU C 449 -25.86 14.44 -6.19
CA GLU C 449 -26.85 15.23 -6.90
C GLU C 449 -26.16 16.16 -7.89
N GLY C 450 -26.64 16.15 -9.13
CA GLY C 450 -26.05 17.01 -10.14
C GLY C 450 -26.93 17.04 -11.38
N GLU C 451 -26.37 17.55 -12.46
CA GLU C 451 -27.08 17.63 -13.71
C GLU C 451 -26.33 16.81 -14.77
N GLN C 452 -27.05 15.92 -15.42
CA GLN C 452 -26.48 15.01 -16.40
C GLN C 452 -26.87 15.46 -17.80
N HIS C 453 -25.93 15.38 -18.74
CA HIS C 453 -26.17 15.69 -20.13
C HIS C 453 -25.59 14.58 -20.99
N VAL C 454 -26.09 14.46 -22.20
CA VAL C 454 -25.58 13.49 -23.16
C VAL C 454 -25.22 14.23 -24.43
N ILE C 455 -24.05 13.94 -24.97
CA ILE C 455 -23.54 14.60 -26.18
C ILE C 455 -23.59 13.58 -27.31
N LYS C 456 -24.33 13.91 -28.36
CA LYS C 456 -24.61 12.92 -29.39
C LYS C 456 -23.42 12.73 -30.32
N GLY C 457 -23.42 11.60 -31.03
CA GLY C 457 -22.37 11.30 -31.96
C GLY C 457 -22.21 9.83 -32.24
N ARG C 458 -21.97 9.47 -33.48
CA ARG C 458 -21.70 8.07 -33.82
C ARG C 458 -20.32 7.68 -33.27
N PRO C 459 -20.21 6.49 -32.69
CA PRO C 459 -18.94 6.11 -32.06
C PRO C 459 -17.79 6.09 -33.05
N VAL C 460 -16.59 6.37 -32.54
CA VAL C 460 -15.41 6.32 -33.40
C VAL C 460 -15.09 4.88 -33.77
N SER C 461 -15.33 3.93 -32.85
CA SER C 461 -15.02 2.53 -33.10
C SER C 461 -15.83 1.95 -34.24
N SER C 462 -16.91 2.60 -34.62
CA SER C 462 -17.75 2.16 -35.73
C SER C 462 -17.24 2.65 -37.07
N SER C 463 -16.14 3.38 -37.10
CA SER C 463 -15.54 3.82 -38.36
C SER C 463 -14.50 2.86 -38.89
N PHE C 464 -14.12 1.84 -38.13
CA PHE C 464 -13.09 0.91 -38.54
C PHE C 464 -13.71 -0.24 -39.32
N ASP C 465 -12.84 -1.02 -39.95
CA ASP C 465 -13.22 -2.30 -40.50
C ASP C 465 -12.63 -3.38 -39.61
N PRO C 466 -13.43 -4.20 -38.95
CA PRO C 466 -12.86 -5.15 -37.97
C PRO C 466 -11.84 -6.09 -38.57
N ILE C 467 -11.91 -6.33 -39.86
CA ILE C 467 -10.81 -6.92 -40.62
C ILE C 467 -9.97 -5.77 -41.13
N LYS C 468 -8.65 -5.91 -41.08
CA LYS C 468 -7.65 -4.87 -41.36
C LYS C 468 -7.45 -3.94 -40.17
N PHE C 469 -7.95 -4.29 -39.01
CA PHE C 469 -7.63 -3.53 -37.81
C PHE C 469 -6.21 -3.87 -37.35
N PRO C 470 -5.44 -2.88 -36.91
CA PRO C 470 -4.08 -3.15 -36.46
C PRO C 470 -4.07 -4.01 -35.21
N PRO C 471 -2.95 -4.63 -34.89
CA PRO C 471 -2.90 -5.48 -33.68
C PRO C 471 -3.11 -4.69 -32.41
N ASP C 472 -2.99 -5.35 -31.26
CA ASP C 472 -3.16 -4.66 -29.99
C ASP C 472 -2.11 -3.58 -29.82
N GLN C 473 -2.53 -2.43 -29.30
CA GLN C 473 -1.65 -1.32 -28.98
C GLN C 473 -1.82 -0.97 -27.51
N PHE C 474 -0.87 -0.22 -26.97
CA PHE C 474 -0.93 0.20 -25.57
C PHE C 474 -0.46 1.64 -25.49
N ASN C 475 -1.38 2.56 -25.21
CA ASN C 475 -1.11 3.97 -25.06
C ASN C 475 -0.38 4.54 -26.29
N VAL C 476 -1.04 4.43 -27.42
CA VAL C 476 -0.62 5.14 -28.62
C VAL C 476 -1.56 6.32 -28.81
N ALA C 477 -1.27 7.14 -29.80
CA ALA C 477 -2.17 8.20 -30.17
C ALA C 477 -3.12 7.68 -31.23
N LEU C 478 -4.33 8.24 -31.28
CA LEU C 478 -5.32 7.74 -32.21
C LEU C 478 -4.89 7.95 -33.66
N ASP C 479 -4.32 9.12 -33.95
CA ASP C 479 -3.90 9.40 -35.31
C ASP C 479 -2.83 8.44 -35.79
N GLN C 480 -2.09 7.79 -34.88
CA GLN C 480 -1.15 6.77 -35.30
C GLN C 480 -1.87 5.49 -35.75
N VAL C 481 -3.01 5.18 -35.13
CA VAL C 481 -3.82 4.06 -35.60
C VAL C 481 -4.30 4.32 -37.01
N PHE C 482 -4.80 5.53 -37.25
CA PHE C 482 -5.23 5.84 -38.61
C PHE C 482 -4.06 5.79 -39.59
N GLU C 483 -2.87 6.20 -39.14
CA GLU C 483 -1.70 6.12 -40.01
C GLU C 483 -1.35 4.69 -40.36
N ASN C 484 -1.43 3.77 -39.40
CA ASN C 484 -1.16 2.36 -39.72
C ASN C 484 -2.09 1.86 -40.81
N ILE C 485 -3.38 2.12 -40.66
CA ILE C 485 -4.34 1.63 -41.65
C ILE C 485 -4.05 2.25 -43.02
N GLU C 486 -3.77 3.56 -43.05
CA GLU C 486 -3.52 4.22 -44.32
C GLU C 486 -2.26 3.70 -45.00
N ASN C 487 -1.21 3.43 -44.23
CA ASN C 487 0.03 2.92 -44.82
C ASN C 487 -0.17 1.54 -45.42
N SER C 488 -0.93 0.67 -44.74
CA SER C 488 -1.20 -0.63 -45.33
C SER C 488 -1.97 -0.50 -46.64
N GLN C 489 -3.00 0.37 -46.66
CA GLN C 489 -3.71 0.61 -47.92
C GLN C 489 -2.76 1.06 -49.01
N ALA C 490 -1.85 1.97 -48.68
CA ALA C 490 -0.97 2.53 -49.69
C ALA C 490 -0.04 1.47 -50.26
N TRP C 491 0.51 0.59 -49.42
CA TRP C 491 1.37 -0.46 -49.96
C TRP C 491 0.61 -1.42 -50.85
N VAL C 492 -0.61 -1.79 -50.45
CA VAL C 492 -1.40 -2.66 -51.32
C VAL C 492 -1.65 -2.00 -52.66
N ARG C 493 -1.98 -0.70 -52.66
CA ARG C 493 -2.19 0.00 -53.91
C ARG C 493 -0.92 0.06 -54.76
N LYS C 494 0.24 0.23 -54.11
CA LYS C 494 1.50 0.24 -54.84
C LYS C 494 1.72 -1.09 -55.53
N PHE C 495 1.43 -2.19 -54.84
CA PHE C 495 1.54 -3.50 -55.47
C PHE C 495 0.56 -3.65 -56.63
N ASP C 496 -0.66 -3.15 -56.47
CA ASP C 496 -1.68 -3.31 -57.50
C ASP C 496 -1.39 -2.48 -58.74
N GLU C 497 -0.84 -1.28 -58.58
CA GLU C 497 -0.53 -0.45 -59.73
C GLU C 497 0.49 -1.12 -60.64
N ILE C 498 1.51 -1.76 -60.05
CA ILE C 498 2.57 -2.41 -60.82
C ILE C 498 1.98 -3.69 -61.41
N LEU C 499 1.60 -3.64 -62.68
CA LEU C 499 1.08 -4.79 -63.40
C LEU C 499 2.10 -5.39 -64.37
N SER C 500 2.69 -4.56 -65.23
CA SER C 500 3.62 -5.00 -66.27
C SER C 500 2.95 -6.02 -67.18
C1 NAG D . -21.94 2.32 39.66
C2 NAG D . -21.16 1.65 40.77
C3 NAG D . -21.76 0.29 41.09
C4 NAG D . -23.26 0.39 41.34
C5 NAG D . -23.96 1.21 40.27
C6 NAG D . -25.39 1.56 40.62
C7 NAG D . -18.75 1.82 41.22
C8 NAG D . -17.37 1.60 40.68
N2 NAG D . -19.75 1.49 40.41
O3 NAG D . -21.13 -0.24 42.26
O4 NAG D . -23.81 -0.92 41.30
O5 NAG D . -23.28 2.46 40.07
O6 NAG D . -25.43 2.45 41.73
O7 NAG D . -18.94 2.28 42.34
C1 NAG D . -24.30 -1.33 42.58
C2 NAG D . -25.77 -1.77 42.43
C3 NAG D . -25.90 -3.29 42.35
C4 NAG D . -25.26 -3.99 43.55
C5 NAG D . -24.18 -3.11 44.16
C6 NAG D . -23.11 -3.89 44.88
C7 NAG D . -27.80 -0.68 43.29
C8 NAG D . -28.27 -0.65 41.86
N2 NAG D . -26.61 -1.23 43.49
O3 NAG D . -25.30 -3.75 41.15
O4 NAG D . -26.23 -4.27 44.55
O5 NAG D . -23.53 -2.40 43.09
O6 NAG D . -23.30 -3.85 46.29
O7 NAG D . -28.48 -0.23 44.20
C1 BMA D . -26.90 -5.55 44.37
C2 BMA D . -26.06 -6.59 43.56
C3 BMA D . -26.90 -7.84 43.42
C4 BMA D . -27.31 -8.37 44.80
C5 BMA D . -28.02 -7.28 45.63
C6 BMA D . -28.16 -7.69 47.06
O2 BMA D . -24.88 -6.98 44.26
O3 BMA D . -26.23 -8.87 42.67
O4 BMA D . -28.19 -9.47 44.66
O5 BMA D . -27.22 -6.09 45.65
O6 BMA D . -26.86 -7.61 47.65
C1 NAG E . -25.71 21.35 31.54
C2 NAG E . -26.43 20.58 30.40
C3 NAG E . -26.92 21.55 29.34
C4 NAG E . -27.84 22.58 29.95
C5 NAG E . -27.03 23.36 30.98
C6 NAG E . -27.82 24.43 31.69
C7 NAG E . -26.03 18.57 29.06
C8 NAG E . -25.02 17.64 28.48
N2 NAG E . -25.56 19.57 29.79
O3 NAG E . -27.59 20.85 28.28
O4 NAG E . -28.33 23.45 28.93
O5 NAG E . -26.54 22.47 31.99
O6 NAG E . -28.79 23.88 32.56
O7 NAG E . -27.23 18.40 28.87
C1 NAG E . -29.80 23.52 28.83
C2 NAG E . -30.49 22.15 28.96
C3 NAG E . -32.01 22.33 28.92
C4 NAG E . -32.45 23.34 29.97
C5 NAG E . -31.71 24.65 29.78
C6 NAG E . -32.03 25.68 30.83
C7 NAG E . -30.25 19.92 27.95
C8 NAG E . -29.76 19.14 26.76
N2 NAG E . -30.06 21.24 27.90
O3 NAG E . -32.66 21.08 29.15
O4 NAG E . -33.85 23.57 29.86
O5 NAG E . -30.30 24.42 29.85
O6 NAG E . -31.59 26.98 30.44
O7 NAG E . -30.79 19.37 28.90
C1 NAG F . 3.49 -10.82 44.60
C2 NAG F . 3.87 -9.51 45.27
C3 NAG F . 5.39 -9.40 45.41
C4 NAG F . 5.95 -10.64 46.11
C5 NAG F . 5.47 -11.89 45.39
C6 NAG F . 5.87 -13.17 46.10
C7 NAG F . 2.28 -7.67 44.88
C8 NAG F . 1.90 -6.53 43.98
N2 NAG F . 3.36 -8.37 44.51
O3 NAG F . 5.71 -8.25 46.17
O4 NAG F . 7.37 -10.58 46.10
O5 NAG F . 4.04 -11.90 45.33
O6 NAG F . 4.84 -13.60 46.97
O7 NAG F . 1.63 -7.94 45.88
C1 NAG F . 7.83 -10.50 47.47
C2 NAG F . 9.01 -11.47 47.65
C3 NAG F . 10.33 -10.71 47.80
C4 NAG F . 10.27 -9.70 48.96
C5 NAG F . 8.88 -9.11 49.08
C6 NAG F . 8.88 -7.66 49.49
C7 NAG F . 8.85 -13.68 48.68
C8 NAG F . 8.59 -14.45 49.94
N2 NAG F . 8.79 -12.35 48.77
O3 NAG F . 10.63 -10.03 46.59
O4 NAG F . 10.66 -10.34 50.17
O5 NAG F . 8.25 -9.17 47.80
O6 NAG F . 8.94 -7.52 50.90
O7 NAG F . 9.10 -14.25 47.62
C1 BMA F . 11.59 -9.49 50.90
C2 BMA F . 12.68 -10.37 51.55
C3 BMA F . 14.05 -9.66 51.51
C4 BMA F . 13.97 -8.12 51.67
C5 BMA F . 12.85 -7.50 50.81
C6 BMA F . 13.36 -6.41 49.86
O2 BMA F . 12.83 -11.59 50.84
O3 BMA F . 14.78 -9.98 50.33
O4 BMA F . 13.75 -7.78 53.03
O5 BMA F . 12.21 -8.53 50.04
O6 BMA F . 12.25 -5.97 49.10
C1 NAG G . -10.13 -25.61 38.01
C2 NAG G . -9.85 -25.84 36.53
C3 NAG G . -9.15 -27.18 36.34
C4 NAG G . -7.97 -27.32 37.29
C5 NAG G . -8.32 -26.90 38.72
C6 NAG G . -7.11 -26.84 39.62
C7 NAG G . -11.10 -25.32 34.49
C8 NAG G . -12.43 -25.33 33.82
N2 NAG G . -11.07 -25.78 35.74
O3 NAG G . -8.71 -27.27 34.98
O4 NAG G . -7.52 -28.68 37.34
O5 NAG G . -8.93 -25.60 38.72
O6 NAG G . -6.85 -28.09 40.22
O7 NAG G . -10.09 -24.91 33.92
C1 NAG G . -8.56 -29.65 37.04
C2 NAG G . -7.92 -31.04 36.90
C3 NAG G . -8.99 -32.08 36.60
C4 NAG G . -10.11 -32.02 37.64
C5 NAG G . -10.65 -30.59 37.77
C6 NAG G . -11.67 -30.44 38.86
C7 NAG G . -5.96 -31.98 35.74
C8 NAG G . -4.99 -31.80 34.62
N2 NAG G . -6.90 -31.03 35.87
O3 NAG G . -8.41 -33.37 36.59
O4 NAG G . -11.17 -32.89 37.27
O5 NAG G . -9.56 -29.70 38.08
O6 NAG G . -12.75 -29.60 38.45
O7 NAG G . -5.90 -32.93 36.52
C1 NAG H . 2.16 17.96 42.15
C2 NAG H . 0.76 17.79 42.72
C3 NAG H . -0.06 19.05 42.48
C4 NAG H . 0.67 20.29 42.98
C5 NAG H . 2.09 20.33 42.41
C6 NAG H . 2.93 21.44 42.99
C7 NAG H . 0.00 15.45 42.76
C8 NAG H . -0.73 14.38 42.00
N2 NAG H . 0.10 16.64 42.14
O3 NAG H . -1.30 18.94 43.16
O4 NAG H . -0.03 21.46 42.56
O5 NAG H . 2.76 19.10 42.71
O6 NAG H . 3.62 21.00 44.15
O7 NAG H . 0.47 15.25 43.87
C1 NAG H . -0.51 22.17 43.73
C2 NAG H . -0.87 23.59 43.33
C3 NAG H . -1.40 24.37 44.53
C4 NAG H . -2.49 23.60 45.25
C5 NAG H . -2.10 22.14 45.48
C6 NAG H . -3.25 21.30 46.00
C7 NAG H . 1.38 24.63 43.36
C8 NAG H . 2.41 25.33 42.54
N2 NAG H . 0.25 24.28 42.71
O3 NAG H . -1.88 25.61 44.06
O4 NAG H . -2.72 24.17 46.54
O5 NAG H . -1.65 21.53 44.27
O6 NAG H . -3.98 21.99 47.01
O7 NAG H . 1.55 24.37 44.55
C1 BMA H . -3.60 25.31 46.48
C2 BMA H . -4.90 25.02 47.26
C3 BMA H . -5.49 26.33 47.82
C4 BMA H . -5.07 27.62 47.02
C5 BMA H . -3.57 27.65 46.64
C6 BMA H . -2.83 28.81 47.28
O2 BMA H . -4.66 24.16 48.38
O3 BMA H . -5.22 26.47 49.21
O4 BMA H . -5.86 27.77 45.86
O5 BMA H . -2.96 26.45 47.03
O6 BMA H . -3.18 28.86 48.67
C1 NAG I . 22.31 12.31 38.60
C2 NAG I . 22.26 13.31 37.42
C3 NAG I . 23.64 13.42 36.76
C4 NAG I . 24.69 13.79 37.77
C5 NAG I . 24.71 12.75 38.89
C6 NAG I . 25.67 13.11 40.01
C7 NAG I . 20.73 13.78 35.56
C8 NAG I . 19.75 13.22 34.59
N2 NAG I . 21.27 12.92 36.43
O3 NAG I . 23.61 14.38 35.71
O4 NAG I . 25.97 13.81 37.15
O5 NAG I . 23.41 12.67 39.48
O6 NAG I . 26.07 11.95 40.75
O7 NAG I . 21.05 14.97 35.56
C1 NAG I . 26.58 15.12 37.14
C2 NAG I . 27.67 15.10 36.06
C3 NAG I . 28.36 16.47 36.00
C4 NAG I . 27.33 17.56 35.77
C5 NAG I . 26.25 17.50 36.85
C6 NAG I . 25.13 18.49 36.59
C7 NAG I . 29.04 13.22 35.32
C8 NAG I . 30.04 12.18 35.72
N2 NAG I . 28.63 14.05 36.28
O3 NAG I . 29.31 16.46 34.93
O4 NAG I . 27.94 18.85 35.80
O5 NAG I . 25.65 16.20 36.88
O6 NAG I . 25.43 19.31 35.48
O7 NAG I . 28.62 13.31 34.17
C1 NAG J . -6.84 -27.32 -29.28
C2 NAG J . -7.78 -27.63 -30.45
C3 NAG J . -9.23 -27.47 -30.01
C4 NAG J . -9.51 -28.33 -28.79
C5 NAG J . -8.51 -27.98 -27.68
C6 NAG J . -8.68 -28.84 -26.46
C7 NAG J . -7.85 -27.13 -32.85
C8 NAG J . -7.51 -26.16 -33.93
N2 NAG J . -7.50 -26.79 -31.61
O3 NAG J . -10.10 -27.87 -31.07
O4 NAG J . -10.83 -28.13 -28.33
O5 NAG J . -7.17 -28.17 -28.16
O6 NAG J . -9.92 -29.55 -26.46
O7 NAG J . -8.42 -28.19 -33.10
C1 NAG K . 30.63 1.10 -26.69
C2 NAG K . 31.39 0.10 -27.58
C3 NAG K . 31.89 -1.08 -26.75
C4 NAG K . 32.69 -0.60 -25.56
C5 NAG K . 31.85 0.37 -24.74
C6 NAG K . 32.58 0.94 -23.55
C7 NAG K . 31.05 -0.51 -29.94
C8 NAG K . 32.49 -0.15 -30.15
N2 NAG K . 30.58 -0.35 -28.69
O3 NAG K . 32.71 -1.92 -27.56
O4 NAG K . 33.10 -1.70 -24.75
O5 NAG K . 31.45 1.47 -25.56
O6 NAG K . 33.76 0.19 -23.27
O7 NAG K . 30.34 -0.91 -30.86
C1 NAG L . -11.65 19.89 -33.55
C2 NAG L . -11.40 21.07 -34.51
C3 NAG L . -11.01 22.31 -33.72
C4 NAG L . -12.04 22.61 -32.65
C5 NAG L . -12.27 21.39 -31.77
C6 NAG L . -13.38 21.59 -30.77
C7 NAG L . -10.62 20.04 -36.60
C8 NAG L . -9.45 19.80 -37.50
N2 NAG L . -10.38 20.74 -35.49
O3 NAG L . -10.89 23.42 -34.61
O4 NAG L . -11.61 23.71 -31.84
O5 NAG L . -12.64 20.27 -32.58
O6 NAG L . -13.74 22.96 -30.65
O7 NAG L . -11.74 19.60 -36.85
#